data_9D0W
#
_entry.id   9D0W
#
loop_
_entity.id
_entity.type
_entity.pdbx_description
1 polymer 'DNA damage-binding protein 1'
2 polymer 'Protein cereblon'
3 polymer 'Cyclin-dependent kinase 2'
4 polymer 'G1/S-specific cyclin-E1'
5 non-polymer 'ZINC ION'
6 non-polymer (3R)-3-(5-{4-[(2-{4-[(8-cyclopentyl-7-oxo-7,8-dihydropyrido[2,3-d]pyrimidin-2-yl)amino]-3-methylbenzene-1-sulfonyl}-7-azaspiro[3.5]nonan-7-yl)methyl]piperidin-1-yl}-4-fluoro-3-methyl-2-oxo-2,3-dihydro-1H-1,3-benzimidazol-1-yl)piperidine-2,6-dione
#
loop_
_entity_poly.entity_id
_entity_poly.type
_entity_poly.pdbx_seq_one_letter_code
_entity_poly.pdbx_strand_id
1 'polypeptide(L)'
;MSYNYVVTAQKPTAVNGCVTGHFTSAEDLNLLIAKNTRLEIYVVTAEGLRPVKEVGMYGKIAVMELFRPKGESKDLLFIL
TAKYNACILEYKQSGESIDIITRAHGNVQDRIGRPSETGIIGIIDPECRMIGLRLYDGLFKVIPLDRDNKELKAFNIRLE
ELHVIDVKFLYGCQAPTICFVYQDPQGRHVKTYEVSLREKEFNKGPWKQENVEAEASMVIAVPEPFGGAIIIGQESITYH
NGDKYLAIAPPIIKQSTIVCHNRVDPNGSRYLLGDMEGRLFMLLLEKEEQMDGTVTLKDLRVELLGETSIAECLTYLDNG
VVFVGSRLGDSQLVKLNVDSNEQGSYVVAMETFTNLGPIVDMCVVDLERQGQGQLVTCSGAFKEGSLRIIRNGIGIHEHA
SIDLPGIKGLWPLRSDPNRETDDTLVLSFVGQTRVLMLNGEEVEETELMGFVDDQQTFFCGNVAHQQLIQITSASVRLVS
QEPKALVSEWKEPQAKNISVASCNSSQVVVAVGRALYYLQIHPQELRQISHTEMEHEVACLDITPLGDSNGLSPLCAIGL
WTDISARILKLPSFELLHKEMLGGEIIPRSILMTTFESSHYLLCALGDGALFYFGLNIETGLLSDRKKVTLGTQPTVLRT
FRSLSTTNVFACSDRPTVIYSSNHKLVFSNVNLKEVNYMCPLNSDGYPDSLALANNSTLTIGTIDEIQKLHIRTVPLYES
PRKICYQEVSQCFGVLSSRIEVQDTSGGTTALRPSASTQALSSSVSSSKLFSSSTAPHETSFGEEVEVHNLLIIDQHTFE
VLHAHQFLQNEYALSLVSCKLGKDPNTYFIVGTAMVYPEEAEPKQGRIVVFQYSDGKLQTVAEKEVKGAVYSMVEFNGKL
LASINSTVRLYEWTTEKELRTECNHYNNIMALYLKTKGDFILVGDLMRSVLLLAYKPMEGNFEEIARDFNPNWMSAVEIL
DDDNFLGAENAFNLFVCQKDSAATTDEERQHLQEVGLFHLGEFVNVFCHGSLVMQNLGETSTPTQGSVLFGTVNGMIGLV
TSLSESWYNLLLDMQNRLNKVIKSVGKIEHSFWRSFHTERKTEPATGFIDGDLIESFLDISRPKMQEVVANLQYDDGSGM
KREATADDLIKVVEELTRIHWSHPQFEK
;
A
2 'polypeptide(L)'
;GSEAKKPNIINFDTSLPTSHTYLGADMEEFHGRTLHDDDSCQVIPVLPQVMMILIPGQTLPLQLFHPQEVSMVRNLIQKD
RTFAVLAYSNVQEREAQFGTTAEIYAYREEQDFGIEIVKVKAIGRQRFKVLELRTQSDGIQQAKVQILPECVLPSTMSAV
QLESLNKCQIFPSKPVSREDQCSYKWWQKYQKRKFHCANLTSWPRWLYSLYDAETLMDRIKKQLREWDENLKDDSLPSNP
IDFSYRVAACLPIDDVLRIQLLKIGSAIQRLRCELDIMNKCTSLCCKQCQETEITTKNEIFSLSLCGPMAAYVNPHGYVH
ETLTVYKACNLNLIGRPSTEHSWFPGYAWTVAQCKICASHIGWKFTATKKDMSPQKFWGLTRSALLPTIPDTEDEISPDK
VILCL
;
B
3 'polypeptide(L)'
;MENFQKVEKIGEGTYGVVYKARNKLTGEVVALKKIRLDTETEGVPSTAIREISLLKELNHPNIVKLLDVIHTENKLYLVF
EFLHQDLKKFMDASALTGIPLPLIKSYLFQLLQGLAFCHSHRVLHRDLKPQNLLINTEGAIKLADFGLARAFGVPVRTY
(TPO)HEVVTLWYRAPEILLGCKYYSTAVDIWSLGCIFAEMVTRRALFPGDSEIDQLFRIFRTLGTPDEVVWPGVTSMPD
YKPSFPKWARQDFSKVVPPLDEDGRSLLSQMLHYDPNKRISAKAALAHPFFQDVTKPVPHLRL
;
C
4 'polypeptide(L)'
;SGSIIAPSRGSPLPVLSWANREEVWKIMLNKEKTYLRDQHFLEQHPLLQPKMRAILLDWLMEVCEVYKLHRETFYLAQDF
FDRYMATQENVVKTLLQLIGISSLFIAAKLEEIYPPKLHQFAYVTDGACSGDEILTMELMIMKALKWRLSPLTIVSWLNV
YMQVAYLNDLHEVLLPQYPQQIFIQIAELLDLCVLDVDCLEFPYGILAASALYHFSSSELMQKVSGYQWCDIENCVKWMV
PFAMVIRETGSSKLKHFRGVADEDAHNIQTHRDSLDLLDKARAKKA
;
D
#
loop_
_chem_comp.id
_chem_comp.type
_chem_comp.name
_chem_comp.formula
A1A1I non-polymer (3R)-3-(5-{4-[(2-{4-[(8-cyclopentyl-7-oxo-7,8-dihydropyrido[2,3-d]pyrimidin-2-yl)amino]-3-methylbenzene-1-sulfonyl}-7-azaspiro[3.5]nonan-7-yl)methyl]piperidin-1-yl}-4-fluoro-3-methyl-2-oxo-2,3-dihydro-1H-1,3-benzimidazol-1-yl)piperidine-2,6-dione 'C46 H54 F N9 O6 S'
ZN non-polymer 'ZINC ION' 'Zn 2'
#
# COMPACT_ATOMS: atom_id res chain seq x y z
N SER A 2 -26.25 21.46 28.79
CA SER A 2 -26.58 20.62 29.94
C SER A 2 -26.40 21.38 31.24
N TYR A 3 -25.85 22.58 31.14
CA TYR A 3 -25.75 23.51 32.27
C TYR A 3 -24.92 22.89 33.41
N ASN A 4 -23.65 22.65 33.11
CA ASN A 4 -22.75 21.99 34.04
C ASN A 4 -21.88 23.00 34.76
N TYR A 5 -21.11 22.51 35.73
CA TYR A 5 -20.25 23.34 36.57
C TYR A 5 -19.04 22.52 36.95
N VAL A 6 -17.87 22.92 36.49
CA VAL A 6 -16.64 22.16 36.67
C VAL A 6 -15.68 22.95 37.56
N VAL A 7 -15.08 22.27 38.53
CA VAL A 7 -14.14 22.88 39.46
C VAL A 7 -13.07 21.84 39.78
N THR A 8 -11.98 22.30 40.37
CA THR A 8 -10.86 21.43 40.73
C THR A 8 -10.81 21.29 42.24
N ALA A 9 -10.92 20.05 42.71
CA ALA A 9 -10.81 19.75 44.13
C ALA A 9 -9.37 19.52 44.56
N GLN A 10 -8.43 19.42 43.62
CA GLN A 10 -7.03 19.22 43.93
C GLN A 10 -6.20 19.71 42.74
N LYS A 11 -5.28 20.63 42.99
CA LYS A 11 -4.45 21.17 41.92
C LYS A 11 -3.52 20.07 41.39
N PRO A 12 -3.05 20.21 40.15
CA PRO A 12 -2.11 19.22 39.61
C PRO A 12 -0.85 19.14 40.46
N THR A 13 -0.36 17.92 40.64
CA THR A 13 0.79 17.68 41.49
C THR A 13 2.01 17.17 40.72
N ALA A 14 1.86 16.81 39.45
CA ALA A 14 2.97 16.31 38.66
C ALA A 14 3.72 17.49 38.05
N VAL A 15 4.99 17.61 38.41
CA VAL A 15 5.80 18.74 37.96
C VAL A 15 6.34 18.45 36.56
N ASN A 16 6.07 19.36 35.62
CA ASN A 16 6.50 19.19 34.25
C ASN A 16 7.68 20.05 33.86
N GLY A 17 8.08 20.99 34.71
CA GLY A 17 9.26 21.80 34.43
C GLY A 17 9.80 22.43 35.68
N CYS A 18 11.11 22.60 35.72
CA CYS A 18 11.77 23.23 36.86
C CYS A 18 12.93 24.06 36.38
N VAL A 19 13.18 25.18 37.05
CA VAL A 19 14.27 26.08 36.69
C VAL A 19 14.72 26.79 37.95
N THR A 20 15.98 27.24 37.96
CA THR A 20 16.53 27.95 39.10
C THR A 20 17.17 29.24 38.63
N GLY A 21 17.09 30.27 39.45
CA GLY A 21 17.63 31.57 39.09
C GLY A 21 17.17 32.64 40.05
N HIS A 22 17.65 33.86 39.79
CA HIS A 22 17.42 35.00 40.67
C HIS A 22 16.16 35.74 40.21
N PHE A 23 15.01 35.21 40.62
CA PHE A 23 13.73 35.77 40.20
C PHE A 23 13.19 36.80 41.20
N THR A 24 13.11 36.43 42.48
CA THR A 24 12.49 37.29 43.47
C THR A 24 13.30 38.58 43.68
N SER A 25 14.61 38.45 43.90
CA SER A 25 15.46 39.60 44.14
C SER A 25 16.77 39.39 43.39
N ALA A 26 17.65 40.39 43.50
CA ALA A 26 18.88 40.38 42.73
C ALA A 26 19.94 39.42 43.26
N GLU A 27 19.79 38.92 44.49
CA GLU A 27 20.82 38.09 45.09
C GLU A 27 20.34 36.75 45.63
N ASP A 28 19.07 36.61 46.01
CA ASP A 28 18.61 35.33 46.53
C ASP A 28 18.38 34.33 45.40
N LEU A 29 18.54 33.06 45.71
CA LEU A 29 18.36 31.99 44.74
C LEU A 29 16.92 31.48 44.81
N ASN A 30 16.32 31.31 43.64
CA ASN A 30 14.91 30.97 43.53
C ASN A 30 14.73 29.70 42.71
N LEU A 31 13.74 28.90 43.09
CA LEU A 31 13.35 27.70 42.36
C LEU A 31 11.93 27.88 41.85
N LEU A 32 11.76 27.80 40.53
CA LEU A 32 10.45 27.94 39.90
C LEU A 32 10.06 26.59 39.32
N ILE A 33 8.91 26.07 39.75
CA ILE A 33 8.41 24.78 39.30
C ILE A 33 7.04 24.99 38.66
N ALA A 34 6.90 24.51 37.43
CA ALA A 34 5.63 24.48 36.73
C ALA A 34 5.15 23.04 36.67
N LYS A 35 3.87 22.83 36.99
CA LYS A 35 3.32 21.47 37.06
C LYS A 35 2.38 21.19 35.90
N ASN A 36 1.24 21.86 35.82
CA ASN A 36 0.48 21.90 34.57
C ASN A 36 0.18 23.34 34.18
N THR A 37 -0.47 24.06 35.09
CA THR A 37 -0.87 25.44 34.88
C THR A 37 -0.47 26.34 36.03
N ARG A 38 0.05 25.79 37.12
CA ARG A 38 0.44 26.57 38.29
C ARG A 38 1.95 26.70 38.33
N LEU A 39 2.42 27.93 38.53
CA LEU A 39 3.84 28.21 38.68
C LEU A 39 4.12 28.52 40.14
N GLU A 40 4.99 27.73 40.77
CA GLU A 40 5.32 27.87 42.18
C GLU A 40 6.74 28.38 42.31
N ILE A 41 6.89 29.48 43.04
CA ILE A 41 8.17 30.14 43.26
C ILE A 41 8.56 29.93 44.71
N TYR A 42 9.74 29.33 44.91
CA TYR A 42 10.33 29.09 46.21
C TYR A 42 11.63 29.89 46.33
N VAL A 43 11.94 30.31 47.54
CA VAL A 43 13.26 30.85 47.86
C VAL A 43 14.03 29.77 48.61
N VAL A 44 15.09 29.26 47.99
CA VAL A 44 15.85 28.16 48.55
C VAL A 44 16.80 28.69 49.62
N THR A 45 16.77 28.07 50.80
CA THR A 45 17.59 28.48 51.92
C THR A 45 18.31 27.26 52.48
N ALA A 46 19.16 27.50 53.48
CA ALA A 46 19.89 26.40 54.10
C ALA A 46 18.93 25.41 54.75
N GLU A 47 17.81 25.89 55.29
CA GLU A 47 16.83 24.98 55.88
C GLU A 47 16.15 24.12 54.82
N GLY A 48 16.00 24.64 53.60
CA GLY A 48 15.28 23.94 52.56
C GLY A 48 14.65 24.87 51.55
N LEU A 49 13.35 24.72 51.34
CA LEU A 49 12.60 25.52 50.38
C LEU A 49 11.52 26.30 51.12
N ARG A 50 11.42 27.60 50.80
CA ARG A 50 10.38 28.45 51.37
C ARG A 50 9.41 28.86 50.28
N PRO A 51 8.14 28.49 50.38
CA PRO A 51 7.20 28.76 49.28
C PRO A 51 6.73 30.21 49.22
N VAL A 52 7.47 31.08 48.55
CA VAL A 52 7.13 32.50 48.58
C VAL A 52 5.86 32.78 47.79
N LYS A 53 5.67 32.14 46.63
CA LYS A 53 4.51 32.52 45.82
C LYS A 53 4.02 31.33 44.99
N GLU A 54 2.75 31.40 44.60
CA GLU A 54 2.18 30.46 43.65
C GLU A 54 1.14 31.19 42.82
N VAL A 55 1.29 31.14 41.49
CA VAL A 55 0.38 31.80 40.58
C VAL A 55 -0.25 30.75 39.67
N GLY A 56 -1.43 31.08 39.15
CA GLY A 56 -2.10 30.21 38.20
C GLY A 56 -2.25 30.88 36.86
N MET A 57 -1.95 30.18 35.79
CA MET A 57 -1.99 30.75 34.45
C MET A 57 -3.09 30.10 33.62
N TYR A 58 -3.62 30.87 32.68
CA TYR A 58 -4.60 30.38 31.71
C TYR A 58 -3.85 29.71 30.57
N GLY A 59 -3.28 28.55 30.84
CA GLY A 59 -2.56 27.79 29.84
C GLY A 59 -1.68 26.73 30.46
N LYS A 60 -1.25 25.79 29.63
CA LYS A 60 -0.34 24.72 30.05
C LYS A 60 1.08 25.15 29.71
N ILE A 61 1.89 25.39 30.75
CA ILE A 61 3.27 25.82 30.53
C ILE A 61 4.03 24.71 29.83
N ALA A 62 4.41 24.95 28.57
CA ALA A 62 5.18 23.98 27.81
C ALA A 62 6.68 24.24 27.87
N VAL A 63 7.08 25.51 27.88
CA VAL A 63 8.47 25.92 27.96
C VAL A 63 8.59 27.10 28.89
N MET A 64 9.61 27.08 29.75
CA MET A 64 9.88 28.19 30.67
C MET A 64 11.39 28.27 30.92
N GLU A 65 11.93 29.49 30.80
CA GLU A 65 13.30 29.76 31.20
C GLU A 65 13.38 31.16 31.77
N LEU A 66 14.44 31.40 32.55
CA LEU A 66 14.77 32.71 33.06
C LEU A 66 15.91 33.30 32.25
N PHE A 67 15.89 34.62 32.10
CA PHE A 67 16.94 35.31 31.36
C PHE A 67 17.05 36.73 31.86
N ARG A 68 18.28 37.22 31.97
CA ARG A 68 18.52 38.60 32.39
C ARG A 68 19.10 39.38 31.21
N PRO A 69 18.32 40.24 30.56
CA PRO A 69 18.88 41.07 29.50
C PRO A 69 19.79 42.13 30.07
N LYS A 70 20.60 42.71 29.19
CA LYS A 70 21.53 43.75 29.61
C LYS A 70 20.78 44.93 30.19
N GLY A 71 21.37 45.53 31.23
CA GLY A 71 20.71 46.62 31.93
C GLY A 71 19.47 46.22 32.69
N GLU A 72 19.49 45.07 33.35
CA GLU A 72 18.38 44.60 34.19
C GLU A 72 18.95 44.11 35.51
N SER A 73 18.19 44.33 36.58
CA SER A 73 18.66 43.97 37.91
C SER A 73 18.24 42.56 38.31
N LYS A 74 17.10 42.09 37.85
CA LYS A 74 16.57 40.79 38.19
C LYS A 74 16.52 39.90 36.96
N ASP A 75 15.94 38.71 37.11
CA ASP A 75 15.78 37.77 36.01
C ASP A 75 14.34 37.83 35.53
N LEU A 76 14.15 37.98 34.22
CA LEU A 76 12.83 37.92 33.62
C LEU A 76 12.50 36.48 33.27
N LEU A 77 11.21 36.16 33.25
CA LEU A 77 10.75 34.80 32.98
C LEU A 77 10.00 34.75 31.67
N PHE A 78 10.31 33.76 30.84
CA PHE A 78 9.61 33.56 29.57
C PHE A 78 8.78 32.29 29.67
N ILE A 79 7.48 32.42 29.41
CA ILE A 79 6.57 31.29 29.46
C ILE A 79 5.81 31.20 28.14
N LEU A 80 5.79 30.00 27.55
CA LEU A 80 5.01 29.76 26.36
C LEU A 80 4.10 28.68 26.75
N THR A 81 2.81 28.87 26.56
CA THR A 81 1.83 27.87 26.85
C THR A 81 1.56 27.06 25.62
N ALA A 82 0.83 25.97 25.74
CA ALA A 82 0.58 25.07 24.63
C ALA A 82 -0.42 25.55 23.60
N LYS A 83 -1.16 26.61 23.88
CA LYS A 83 -2.02 27.16 22.88
C LYS A 83 -1.16 28.13 22.12
N TYR A 84 0.13 28.11 22.36
CA TYR A 84 1.07 28.86 21.52
C TYR A 84 1.00 30.37 21.77
N ASN A 85 0.76 30.75 23.02
CA ASN A 85 0.88 32.15 23.40
C ASN A 85 2.01 32.29 24.43
N ALA A 86 2.79 33.35 24.29
CA ALA A 86 4.00 33.57 25.04
C ALA A 86 3.92 34.87 25.82
N CYS A 87 4.64 34.90 26.95
CA CYS A 87 4.64 36.05 27.84
C CYS A 87 5.97 36.16 28.55
N ILE A 88 6.45 37.40 28.68
CA ILE A 88 7.63 37.73 29.45
C ILE A 88 7.16 38.43 30.71
N LEU A 89 7.48 37.85 31.86
CA LEU A 89 6.98 38.25 33.16
C LEU A 89 8.12 38.72 34.05
N GLU A 90 7.78 39.61 34.98
CA GLU A 90 8.74 40.16 35.94
C GLU A 90 8.13 40.16 37.33
N TYR A 91 8.89 39.67 38.30
CA TYR A 91 8.50 39.73 39.71
C TYR A 91 8.74 41.13 40.25
N LYS A 92 7.75 41.65 40.97
CA LYS A 92 7.97 42.85 41.77
C LYS A 92 7.27 42.69 43.11
N GLN A 93 7.83 43.33 44.13
CA GLN A 93 7.26 43.32 45.47
C GLN A 93 7.17 44.75 45.96
N SER A 94 5.99 45.15 46.44
CA SER A 94 5.74 46.49 46.93
C SER A 94 5.37 46.39 48.41
N GLY A 95 6.38 46.36 49.26
CA GLY A 95 6.17 46.33 50.69
C GLY A 95 5.71 44.98 51.19
N GLU A 96 4.46 44.65 50.90
CA GLU A 96 3.87 43.38 51.34
C GLU A 96 3.01 42.71 50.29
N SER A 97 2.91 43.28 49.09
CA SER A 97 2.11 42.72 48.01
C SER A 97 3.03 42.30 46.87
N ILE A 98 2.83 41.10 46.36
CA ILE A 98 3.66 40.54 45.30
C ILE A 98 2.77 40.19 44.12
N ASP A 99 3.16 40.63 42.93
CA ASP A 99 2.41 40.33 41.72
C ASP A 99 3.39 40.13 40.57
N ILE A 100 2.93 39.43 39.54
CA ILE A 100 3.76 39.08 38.39
C ILE A 100 3.38 40.02 37.26
N ILE A 101 4.22 41.02 37.00
CA ILE A 101 3.98 41.92 35.89
C ILE A 101 4.17 41.16 34.58
N THR A 102 3.31 41.46 33.61
CA THR A 102 3.49 40.96 32.25
C THR A 102 4.26 42.03 31.48
N ARG A 103 5.58 41.83 31.37
CA ARG A 103 6.39 42.77 30.61
C ARG A 103 6.06 42.73 29.13
N ALA A 104 5.77 41.53 28.61
CA ALA A 104 5.40 41.40 27.21
C ALA A 104 4.47 40.21 27.06
N HIS A 105 3.68 40.21 25.99
CA HIS A 105 2.78 39.10 25.72
C HIS A 105 2.41 39.10 24.25
N GLY A 106 2.05 37.93 23.76
CA GLY A 106 1.58 37.81 22.39
C GLY A 106 1.20 36.38 22.08
N ASN A 107 0.63 36.21 20.89
CA ASN A 107 0.33 34.88 20.36
C ASN A 107 1.34 34.56 19.28
N VAL A 108 1.81 33.31 19.27
CA VAL A 108 2.94 32.92 18.46
C VAL A 108 2.58 31.93 17.37
N GLN A 109 1.47 31.19 17.51
CA GLN A 109 1.06 30.17 16.54
C GLN A 109 0.98 30.70 15.12
N ASP A 110 1.10 29.82 14.15
CA ASP A 110 1.00 30.16 12.74
C ASP A 110 -0.36 29.73 12.21
N ARG A 111 -0.87 30.49 11.24
CA ARG A 111 -2.18 30.19 10.67
C ARG A 111 -2.17 28.82 9.99
N ILE A 112 -1.12 28.51 9.25
CA ILE A 112 -0.97 27.23 8.58
C ILE A 112 0.31 26.57 9.07
N GLY A 113 0.21 25.32 9.45
CA GLY A 113 1.34 24.56 9.94
C GLY A 113 0.86 23.46 10.87
N ARG A 114 1.57 22.34 10.83
CA ARG A 114 1.24 21.20 11.67
C ARG A 114 2.26 21.09 12.81
N PRO A 115 1.80 20.86 14.04
CA PRO A 115 2.72 20.81 15.18
C PRO A 115 3.79 19.76 14.97
N SER A 116 5.00 20.07 15.41
CA SER A 116 6.11 19.17 15.21
C SER A 116 5.90 17.90 16.03
N GLU A 117 6.47 16.81 15.52
CA GLU A 117 6.35 15.54 16.23
C GLU A 117 7.21 15.55 17.48
N THR A 118 8.44 16.05 17.37
CA THR A 118 9.33 16.11 18.52
C THR A 118 8.79 17.03 19.61
N GLY A 119 7.96 17.99 19.24
CA GLY A 119 7.28 18.85 20.21
C GLY A 119 7.88 20.25 20.26
N ILE A 120 7.25 21.06 21.11
CA ILE A 120 7.66 22.45 21.25
C ILE A 120 9.04 22.51 21.90
N ILE A 121 9.94 23.25 21.28
CA ILE A 121 11.27 23.49 21.84
C ILE A 121 11.47 24.99 21.97
N GLY A 122 11.82 25.44 23.17
CA GLY A 122 12.09 26.85 23.38
C GLY A 122 13.45 27.08 23.98
N ILE A 123 14.24 27.97 23.38
CA ILE A 123 15.59 28.25 23.86
C ILE A 123 15.79 29.76 23.89
N ILE A 124 16.68 30.22 24.76
CA ILE A 124 16.88 31.66 24.87
C ILE A 124 18.34 32.03 24.73
N ASP A 125 18.64 32.93 23.78
CA ASP A 125 20.00 33.38 23.61
C ASP A 125 20.67 33.56 24.96
N PRO A 126 21.83 32.91 25.16
CA PRO A 126 22.54 33.04 26.42
C PRO A 126 22.59 34.48 26.89
N GLU A 127 23.32 35.33 26.19
CA GLU A 127 23.40 36.74 26.55
C GLU A 127 22.10 37.47 26.27
N CYS A 128 21.05 36.74 25.85
CA CYS A 128 19.72 37.27 25.61
C CYS A 128 19.72 38.34 24.49
N ARG A 129 20.02 37.87 23.27
CA ARG A 129 19.65 38.65 22.09
C ARG A 129 18.36 38.20 21.43
N MET A 130 17.89 36.97 21.65
CA MET A 130 16.62 36.55 21.09
C MET A 130 16.13 35.27 21.77
N ILE A 131 14.92 34.86 21.37
CA ILE A 131 14.32 33.61 21.80
C ILE A 131 14.03 32.78 20.55
N GLY A 132 14.48 31.55 20.54
CA GLY A 132 14.23 30.63 19.43
C GLY A 132 13.15 29.62 19.80
N LEU A 133 12.26 29.37 18.86
CA LEU A 133 11.16 28.43 19.05
C LEU A 133 11.10 27.48 17.87
N ARG A 134 11.10 26.19 18.17
CA ARG A 134 10.86 25.14 17.19
C ARG A 134 9.47 24.59 17.50
N LEU A 135 8.51 24.95 16.66
CA LEU A 135 7.10 24.60 16.86
C LEU A 135 6.58 23.70 15.76
N TYR A 136 6.83 24.06 14.50
CA TYR A 136 6.38 23.29 13.35
C TYR A 136 7.58 22.76 12.58
N ASP A 137 7.36 21.66 11.88
CA ASP A 137 8.42 21.05 11.08
C ASP A 137 8.84 21.99 9.94
N GLY A 138 10.14 22.15 9.77
CA GLY A 138 10.68 22.86 8.64
C GLY A 138 10.92 24.34 8.83
N LEU A 139 10.52 24.91 9.96
CA LEU A 139 10.73 26.34 10.18
C LEU A 139 11.01 26.61 11.65
N PHE A 140 11.93 27.54 11.89
CA PHE A 140 12.41 27.88 13.22
C PHE A 140 12.17 29.37 13.42
N LYS A 141 11.39 29.73 14.44
CA LYS A 141 10.90 31.09 14.55
C LYS A 141 11.61 31.84 15.67
N VAL A 142 12.02 33.07 15.38
CA VAL A 142 12.87 33.87 16.24
C VAL A 142 12.06 35.08 16.71
N ILE A 143 12.07 35.31 18.02
CA ILE A 143 11.51 36.49 18.65
C ILE A 143 12.67 37.35 19.12
N PRO A 144 12.89 38.52 18.52
CA PRO A 144 13.98 39.39 19.00
C PRO A 144 13.62 40.03 20.33
N LEU A 145 14.57 39.97 21.27
CA LEU A 145 14.34 40.46 22.63
C LEU A 145 14.74 41.93 22.74
N ASP A 146 14.18 42.74 21.84
CA ASP A 146 14.37 44.18 21.92
C ASP A 146 13.48 44.77 23.00
N ARG A 147 13.81 45.99 23.40
CA ARG A 147 13.06 46.69 24.43
C ARG A 147 11.72 47.22 23.93
N ASP A 148 11.48 47.18 22.62
CA ASP A 148 10.23 47.65 22.04
C ASP A 148 9.31 46.53 21.59
N ASN A 149 9.78 45.29 21.56
CA ASN A 149 8.96 44.15 21.15
C ASN A 149 8.06 43.71 22.31
N LYS A 150 7.18 44.62 22.72
CA LYS A 150 6.22 44.33 23.77
C LYS A 150 5.06 43.47 23.30
N GLU A 151 4.89 43.30 21.99
CA GLU A 151 3.86 42.43 21.44
C GLU A 151 4.43 41.11 20.97
N LEU A 152 5.73 40.86 21.20
CA LEU A 152 6.40 39.62 20.84
C LEU A 152 6.21 39.29 19.36
N LYS A 153 6.50 40.27 18.52
CA LYS A 153 6.56 40.01 17.08
C LYS A 153 7.72 39.09 16.77
N ALA A 154 7.48 38.13 15.89
CA ALA A 154 8.48 37.11 15.60
C ALA A 154 8.45 36.78 14.11
N PHE A 155 9.59 36.26 13.62
CA PHE A 155 9.70 35.91 12.21
C PHE A 155 10.30 34.52 12.06
N ASN A 156 9.89 33.83 11.01
CA ASN A 156 10.23 32.43 10.82
C ASN A 156 11.32 32.30 9.77
N ILE A 157 12.40 31.59 10.12
CA ILE A 157 13.47 31.25 9.19
C ILE A 157 13.29 29.81 8.75
N ARG A 158 13.39 29.58 7.45
CA ARG A 158 13.20 28.25 6.89
C ARG A 158 14.29 27.31 7.36
N LEU A 159 13.89 26.13 7.83
CA LEU A 159 14.83 25.07 8.20
C LEU A 159 14.81 24.02 7.11
N GLU A 160 15.99 23.77 6.52
CA GLU A 160 16.07 22.78 5.45
C GLU A 160 15.78 21.37 5.99
N GLU A 161 16.24 21.09 7.21
CA GLU A 161 16.05 19.78 7.81
C GLU A 161 14.66 19.70 8.44
N LEU A 162 13.84 18.78 7.95
CA LEU A 162 12.47 18.65 8.40
C LEU A 162 12.32 17.81 9.67
N HIS A 163 13.35 17.06 10.04
CA HIS A 163 13.31 16.21 11.24
C HIS A 163 14.44 16.66 12.16
N VAL A 164 14.17 17.66 12.99
CA VAL A 164 15.14 18.20 13.93
C VAL A 164 14.92 17.53 15.28
N ILE A 165 15.93 16.82 15.78
CA ILE A 165 15.80 16.16 17.07
C ILE A 165 15.88 17.16 18.20
N ASP A 166 16.97 17.92 18.27
CA ASP A 166 17.15 18.84 19.38
C ASP A 166 18.02 20.00 18.93
N VAL A 167 17.88 21.13 19.62
CA VAL A 167 18.57 22.36 19.24
C VAL A 167 18.89 23.16 20.50
N LYS A 168 20.06 23.80 20.50
CA LYS A 168 20.50 24.60 21.64
C LYS A 168 21.25 25.81 21.12
N PHE A 169 21.40 26.82 21.99
CA PHE A 169 22.15 28.02 21.69
C PHE A 169 23.56 27.89 22.27
N LEU A 170 24.56 28.13 21.43
CA LEU A 170 25.95 27.93 21.83
C LEU A 170 26.46 29.13 22.62
N TYR A 171 27.56 28.90 23.33
CA TYR A 171 28.19 29.92 24.16
C TYR A 171 29.41 30.51 23.45
N GLY A 172 29.69 31.78 23.77
CA GLY A 172 30.88 32.44 23.28
C GLY A 172 30.96 32.63 21.79
N CYS A 173 29.87 33.11 21.19
CA CYS A 173 29.82 33.43 19.78
C CYS A 173 29.40 34.87 19.61
N GLN A 174 30.13 35.61 18.77
CA GLN A 174 29.78 37.00 18.50
C GLN A 174 28.41 37.09 17.83
N ALA A 175 28.19 36.28 16.80
CA ALA A 175 26.83 36.19 16.32
C ALA A 175 26.14 34.96 16.90
N PRO A 176 24.87 35.06 17.25
CA PRO A 176 24.21 33.93 17.91
C PRO A 176 24.22 32.70 17.02
N THR A 177 24.46 31.55 17.65
CA THR A 177 24.63 30.28 16.95
C THR A 177 23.71 29.24 17.58
N ILE A 178 23.10 28.42 16.73
CA ILE A 178 22.30 27.29 17.18
C ILE A 178 22.99 26.01 16.71
N CYS A 179 23.22 25.10 17.63
CA CYS A 179 23.71 23.76 17.32
C CYS A 179 22.55 22.78 17.47
N PHE A 180 22.27 22.03 16.42
CA PHE A 180 21.14 21.13 16.48
C PHE A 180 21.48 19.79 15.85
N VAL A 181 20.94 18.74 16.45
CA VAL A 181 21.03 17.38 15.94
C VAL A 181 19.70 17.06 15.28
N TYR A 182 19.78 16.48 14.08
CA TYR A 182 18.65 16.19 13.23
C TYR A 182 18.85 14.84 12.57
N GLN A 183 17.86 14.41 11.81
CA GLN A 183 17.92 13.14 11.09
C GLN A 183 17.57 13.35 9.63
N ASP A 184 18.33 12.70 8.75
CA ASP A 184 18.05 12.63 7.33
C ASP A 184 17.98 11.16 6.95
N PRO A 185 17.39 10.80 5.80
CA PRO A 185 17.04 9.38 5.60
C PRO A 185 18.25 8.47 5.39
N GLN A 186 19.45 9.01 5.61
CA GLN A 186 20.66 8.21 5.59
C GLN A 186 21.50 8.32 6.85
N GLY A 187 21.02 9.02 7.87
CA GLY A 187 21.77 9.07 9.12
C GLY A 187 21.20 10.10 10.08
N ARG A 188 21.95 10.30 11.16
CA ARG A 188 21.64 11.32 12.17
C ARG A 188 22.84 12.23 12.32
N HIS A 189 22.65 13.52 12.05
CA HIS A 189 23.76 14.46 11.97
C HIS A 189 23.61 15.57 13.01
N VAL A 190 24.72 16.28 13.22
CA VAL A 190 24.78 17.44 14.10
C VAL A 190 25.39 18.58 13.29
N LYS A 191 24.76 19.75 13.32
CA LYS A 191 25.33 20.88 12.61
C LYS A 191 24.81 22.19 13.20
N THR A 192 25.48 23.28 12.85
CA THR A 192 25.23 24.57 13.45
C THR A 192 24.82 25.60 12.40
N TYR A 193 24.20 26.67 12.88
CA TYR A 193 23.76 27.79 12.06
C TYR A 193 23.95 29.08 12.84
N GLU A 194 24.05 30.19 12.11
CA GLU A 194 24.04 31.52 12.70
C GLU A 194 22.74 32.22 12.33
N VAL A 195 22.17 32.96 13.27
CA VAL A 195 20.93 33.68 13.05
C VAL A 195 21.27 35.15 12.84
N SER A 196 20.81 35.71 11.71
CA SER A 196 21.01 37.11 11.39
C SER A 196 19.67 37.82 11.51
N LEU A 197 19.60 38.80 12.42
CA LEU A 197 18.35 39.50 12.72
C LEU A 197 18.13 40.69 11.80
N ARG A 198 19.17 41.50 11.58
CA ARG A 198 19.03 42.66 10.72
C ARG A 198 18.71 42.29 9.27
N GLU A 199 18.96 41.04 8.89
CA GLU A 199 18.59 40.54 7.58
C GLU A 199 17.79 39.24 7.65
N LYS A 200 17.63 38.67 8.85
CA LYS A 200 16.59 37.68 9.15
C LYS A 200 16.80 36.36 8.41
N GLU A 201 18.03 35.87 8.38
CA GLU A 201 18.25 34.54 7.79
C GLU A 201 19.30 33.71 8.53
N PHE A 202 19.73 32.63 7.88
CA PHE A 202 20.69 31.68 8.43
C PHE A 202 22.01 31.81 7.69
N ASN A 203 23.10 31.91 8.44
CA ASN A 203 24.44 31.92 7.90
C ASN A 203 25.19 30.67 8.34
N LYS A 204 26.28 30.37 7.63
CA LYS A 204 27.05 29.17 7.91
C LYS A 204 27.65 29.24 9.31
N GLY A 205 27.56 28.13 10.03
CA GLY A 205 28.03 28.06 11.39
C GLY A 205 29.53 27.89 11.46
N PRO A 206 30.04 27.87 12.69
CA PRO A 206 31.49 27.75 12.91
C PRO A 206 32.01 26.31 12.99
N TRP A 207 31.15 25.31 12.82
CA TRP A 207 31.57 23.91 12.78
C TRP A 207 31.23 23.32 11.42
N LYS A 208 31.41 22.02 11.32
CA LYS A 208 31.13 21.25 10.11
C LYS A 208 30.04 20.22 10.42
N GLN A 209 29.25 19.92 9.39
CA GLN A 209 28.22 18.89 9.49
C GLN A 209 28.89 17.57 9.85
N GLU A 210 28.58 17.06 11.04
CA GLU A 210 29.25 15.89 11.58
C GLU A 210 28.26 14.73 11.68
N ASN A 211 28.67 13.56 11.20
CA ASN A 211 27.85 12.37 11.28
C ASN A 211 28.00 11.76 12.68
N VAL A 212 26.88 11.63 13.39
CA VAL A 212 26.87 11.32 14.81
C VAL A 212 26.15 10.00 15.04
N GLU A 213 26.11 9.56 16.30
CA GLU A 213 25.50 8.30 16.68
C GLU A 213 24.04 8.25 16.23
N ALA A 214 23.61 7.04 15.86
CA ALA A 214 22.27 6.83 15.31
C ALA A 214 21.16 7.10 16.33
N GLU A 215 21.46 7.06 17.63
CA GLU A 215 20.45 7.31 18.66
C GLU A 215 20.76 8.57 19.46
N ALA A 216 21.55 9.49 18.91
CA ALA A 216 21.84 10.74 19.61
C ALA A 216 20.58 11.55 19.79
N SER A 217 20.33 12.00 21.01
CA SER A 217 19.07 12.67 21.32
C SER A 217 19.19 13.84 22.28
N MET A 218 20.39 14.24 22.71
CA MET A 218 20.49 15.33 23.66
C MET A 218 21.69 16.19 23.34
N VAL A 219 21.48 17.44 22.97
CA VAL A 219 22.55 18.41 22.79
C VAL A 219 22.54 19.37 23.96
N ILE A 220 23.67 19.51 24.63
CA ILE A 220 23.81 20.47 25.72
C ILE A 220 24.97 21.40 25.39
N ALA A 221 24.81 22.67 25.74
CA ALA A 221 25.77 23.71 25.39
C ALA A 221 26.70 23.94 26.57
N VAL A 222 27.99 23.70 26.36
CA VAL A 222 28.99 23.86 27.42
C VAL A 222 29.46 25.30 27.45
N PRO A 223 29.43 25.97 28.60
CA PRO A 223 29.87 27.37 28.65
C PRO A 223 31.38 27.54 28.58
N GLU A 224 31.83 28.79 28.74
CA GLU A 224 33.24 29.09 28.73
C GLU A 224 33.94 28.52 29.96
N PRO A 225 35.25 28.26 29.86
CA PRO A 225 36.13 28.47 28.70
C PRO A 225 36.12 27.29 27.74
N PHE A 226 35.25 26.31 27.98
CA PHE A 226 35.22 25.13 27.11
C PHE A 226 34.53 25.46 25.78
N GLY A 227 33.29 25.90 25.84
CA GLY A 227 32.54 26.12 24.64
C GLY A 227 32.10 24.79 24.02
N GLY A 228 31.64 24.88 22.78
CA GLY A 228 31.24 23.68 22.08
C GLY A 228 29.93 23.12 22.60
N ALA A 229 29.72 21.85 22.30
CA ALA A 229 28.50 21.15 22.68
C ALA A 229 28.80 19.70 23.01
N ILE A 230 27.91 19.11 23.79
CA ILE A 230 27.98 17.70 24.18
C ILE A 230 26.74 17.00 23.65
N ILE A 231 26.95 15.93 22.91
CA ILE A 231 25.88 15.12 22.34
C ILE A 231 25.79 13.83 23.12
N ILE A 232 24.58 13.51 23.57
CA ILE A 232 24.31 12.34 24.40
C ILE A 232 23.28 11.47 23.67
N GLY A 233 23.61 10.20 23.50
CA GLY A 233 22.72 9.24 22.89
C GLY A 233 22.68 7.93 23.66
N GLN A 234 22.18 6.88 23.01
CA GLN A 234 22.09 5.58 23.68
C GLN A 234 23.46 5.01 24.01
N GLU A 235 24.41 5.13 23.08
CA GLU A 235 25.70 4.47 23.20
C GLU A 235 26.76 5.32 23.89
N SER A 236 27.00 6.54 23.41
CA SER A 236 28.19 7.28 23.81
C SER A 236 27.87 8.75 24.03
N ILE A 237 28.76 9.42 24.75
CA ILE A 237 28.73 10.85 24.97
C ILE A 237 29.90 11.46 24.22
N THR A 238 29.61 12.40 23.33
CA THR A 238 30.62 13.04 22.50
C THR A 238 30.66 14.53 22.78
N TYR A 239 31.82 15.13 22.54
CA TYR A 239 32.04 16.56 22.70
C TYR A 239 32.62 17.10 21.42
N HIS A 240 31.96 18.10 20.83
CA HIS A 240 32.39 18.76 19.61
C HIS A 240 32.62 20.24 19.88
N ASN A 241 33.77 20.75 19.46
CA ASN A 241 34.07 22.18 19.60
C ASN A 241 34.67 22.69 18.29
N GLY A 242 34.05 22.33 17.18
CA GLY A 242 34.59 22.68 15.88
C GLY A 242 35.61 21.66 15.43
N ASP A 243 36.90 21.98 15.60
CA ASP A 243 37.94 21.02 15.26
C ASP A 243 38.04 19.91 16.30
N LYS A 244 37.92 20.25 17.58
CA LYS A 244 38.15 19.29 18.65
C LYS A 244 36.98 18.34 18.79
N TYR A 245 37.28 17.04 18.87
CA TYR A 245 36.30 15.98 19.03
C TYR A 245 36.77 15.04 20.13
N LEU A 246 35.84 14.59 20.97
CA LEU A 246 36.22 13.71 22.07
C LEU A 246 35.01 12.89 22.47
N ALA A 247 35.04 11.59 22.24
CA ALA A 247 33.91 10.71 22.52
C ALA A 247 34.31 9.62 23.51
N ILE A 248 33.38 9.28 24.40
CA ILE A 248 33.55 8.15 25.31
C ILE A 248 32.25 7.35 25.31
N ALA A 249 32.38 6.03 25.42
CA ALA A 249 31.25 5.11 25.38
C ALA A 249 31.28 4.23 26.62
N PRO A 250 30.87 4.76 27.77
CA PRO A 250 30.93 3.98 29.00
C PRO A 250 29.85 2.92 29.01
N PRO A 251 30.09 1.78 29.68
CA PRO A 251 29.06 0.75 29.80
C PRO A 251 28.05 0.99 30.90
N ILE A 252 28.25 2.04 31.71
CA ILE A 252 27.39 2.30 32.86
C ILE A 252 26.05 2.90 32.47
N ILE A 253 25.97 3.61 31.36
CA ILE A 253 24.74 4.27 30.92
C ILE A 253 23.99 3.44 29.88
N LYS A 254 24.41 2.20 29.64
CA LYS A 254 23.81 1.40 28.59
C LYS A 254 22.44 0.88 28.99
N GLN A 255 22.18 0.71 30.29
CA GLN A 255 20.94 0.08 30.74
C GLN A 255 19.72 0.91 30.37
N SER A 256 19.80 2.23 30.52
CA SER A 256 18.66 3.11 30.30
C SER A 256 19.06 4.28 29.42
N THR A 257 18.07 5.05 29.00
CA THR A 257 18.25 6.17 28.08
C THR A 257 18.27 7.47 28.85
N ILE A 258 19.37 8.21 28.73
CA ILE A 258 19.49 9.50 29.41
C ILE A 258 18.50 10.48 28.80
N VAL A 259 17.63 11.04 29.64
CA VAL A 259 16.52 11.86 29.19
C VAL A 259 16.62 13.29 29.69
N CYS A 260 17.05 13.49 30.93
CA CYS A 260 17.14 14.81 31.53
C CYS A 260 18.58 15.12 31.90
N HIS A 261 18.90 16.41 31.94
CA HIS A 261 20.26 16.85 32.24
C HIS A 261 20.20 18.20 32.96
N ASN A 262 21.28 18.52 33.67
CA ASN A 262 21.40 19.80 34.32
C ASN A 262 22.86 20.15 34.48
N ARG A 263 23.14 21.45 34.56
CA ARG A 263 24.48 21.97 34.74
C ARG A 263 24.61 22.46 36.18
N VAL A 264 25.47 21.83 36.97
CA VAL A 264 25.58 22.15 38.38
C VAL A 264 26.72 23.12 38.68
N ASP A 265 27.58 23.41 37.70
CA ASP A 265 28.63 24.39 37.90
C ASP A 265 28.55 25.47 36.83
N PRO A 266 28.64 26.75 37.23
CA PRO A 266 28.61 27.82 36.21
C PRO A 266 29.74 27.71 35.21
N ASN A 267 30.90 27.20 35.64
CA ASN A 267 32.02 26.98 34.73
C ASN A 267 31.75 25.86 33.74
N GLY A 268 30.74 25.03 34.00
CA GLY A 268 30.46 23.90 33.13
C GLY A 268 31.37 22.72 33.33
N SER A 269 32.08 22.65 34.45
CA SER A 269 33.04 21.58 34.68
C SER A 269 32.37 20.24 34.94
N ARG A 270 31.13 20.23 35.42
CA ARG A 270 30.45 18.97 35.66
C ARG A 270 28.94 19.17 35.59
N TYR A 271 28.26 18.15 35.09
CA TYR A 271 26.82 18.17 34.85
C TYR A 271 26.14 17.03 35.59
N LEU A 272 24.82 17.14 35.67
CA LEU A 272 23.97 16.14 36.31
C LEU A 272 22.99 15.62 35.28
N LEU A 273 22.76 14.30 35.25
CA LEU A 273 21.82 13.76 34.28
C LEU A 273 21.13 12.53 34.83
N GLY A 274 20.00 12.20 34.24
CA GLY A 274 19.20 11.07 34.70
C GLY A 274 18.55 10.37 33.54
N ASP A 275 18.01 9.20 33.79
CA ASP A 275 17.46 8.35 32.75
C ASP A 275 16.04 7.89 33.11
N MET A 276 15.49 7.02 32.27
CA MET A 276 14.12 6.55 32.44
C MET A 276 13.97 5.69 33.68
N GLU A 277 14.96 4.87 33.99
CA GLU A 277 14.86 3.96 35.12
C GLU A 277 14.97 4.66 36.47
N GLY A 278 15.35 5.93 36.50
CA GLY A 278 15.39 6.67 37.74
C GLY A 278 16.70 6.65 38.49
N ARG A 279 17.82 6.49 37.79
CA ARG A 279 19.13 6.57 38.42
C ARG A 279 19.86 7.80 37.92
N LEU A 280 20.77 8.31 38.75
CA LEU A 280 21.37 9.63 38.56
C LEU A 280 22.85 9.49 38.30
N PHE A 281 23.35 10.15 37.25
CA PHE A 281 24.77 10.17 36.94
C PHE A 281 25.30 11.60 36.99
N MET A 282 26.60 11.70 37.22
CA MET A 282 27.33 12.96 37.13
C MET A 282 28.35 12.85 36.00
N LEU A 283 28.30 13.80 35.09
CA LEU A 283 29.19 13.84 33.94
C LEU A 283 30.31 14.84 34.23
N LEU A 284 31.53 14.34 34.38
CA LEU A 284 32.67 15.17 34.75
C LEU A 284 33.46 15.60 33.53
N LEU A 285 33.77 16.88 33.46
CA LEU A 285 34.63 17.46 32.43
C LEU A 285 35.83 18.08 33.12
N GLU A 286 37.01 17.50 32.91
CA GLU A 286 38.22 17.97 33.56
C GLU A 286 39.03 18.78 32.55
N LYS A 287 39.37 20.01 32.93
CA LYS A 287 40.10 20.90 32.06
C LYS A 287 41.48 20.33 31.76
N GLU A 288 42.33 20.30 32.80
CA GLU A 288 43.65 19.67 32.79
C GLU A 288 44.43 19.91 31.50
N GLU A 289 44.26 21.08 30.90
CA GLU A 289 45.08 21.35 29.73
C GLU A 289 45.96 22.59 29.92
N GLN A 290 45.36 23.74 30.22
CA GLN A 290 46.08 24.95 30.63
C GLN A 290 47.24 25.26 29.67
N MET A 291 46.87 25.58 28.43
CA MET A 291 47.86 25.92 27.41
C MET A 291 48.39 27.33 27.64
N ASP A 292 49.09 27.86 26.65
CA ASP A 292 49.72 29.18 26.78
C ASP A 292 48.69 30.24 27.17
N GLY A 293 47.52 30.21 26.56
CA GLY A 293 46.48 31.16 26.93
C GLY A 293 45.06 30.63 26.86
N THR A 294 44.89 29.33 26.64
CA THR A 294 43.57 28.74 26.44
C THR A 294 43.40 27.48 27.28
N VAL A 295 42.14 27.12 27.53
CA VAL A 295 41.77 25.95 28.30
C VAL A 295 40.84 25.09 27.46
N THR A 296 41.14 23.79 27.35
CA THR A 296 40.36 22.87 26.55
C THR A 296 40.07 21.61 27.34
N LEU A 297 39.12 20.82 26.83
CA LEU A 297 38.75 19.56 27.45
C LEU A 297 39.87 18.53 27.30
N LYS A 298 39.88 17.54 28.18
CA LYS A 298 40.83 16.45 28.09
C LYS A 298 40.18 15.08 28.11
N ASP A 299 39.13 14.89 28.93
CA ASP A 299 38.36 13.66 28.91
C ASP A 299 36.97 13.94 29.46
N LEU A 300 36.08 12.97 29.31
CA LEU A 300 34.65 13.17 29.49
C LEU A 300 34.05 12.05 30.35
N ARG A 301 34.68 11.74 31.47
CA ARG A 301 34.24 10.59 32.25
C ARG A 301 32.90 10.85 32.93
N VAL A 302 32.15 9.76 33.14
CA VAL A 302 30.84 9.80 33.80
C VAL A 302 30.82 8.77 34.91
N GLU A 303 30.04 9.04 35.95
CA GLU A 303 30.02 8.19 37.14
C GLU A 303 28.60 8.07 37.69
N LEU A 304 28.34 6.95 38.36
CA LEU A 304 27.05 6.73 39.00
C LEU A 304 26.97 7.47 40.32
N LEU A 305 25.79 8.03 40.60
CA LEU A 305 25.59 8.79 41.83
C LEU A 305 24.59 8.14 42.78
N GLY A 306 23.57 7.49 42.27
CA GLY A 306 22.60 6.81 43.09
C GLY A 306 21.29 6.61 42.40
N GLU A 307 20.20 6.50 43.13
CA GLU A 307 18.86 6.36 42.55
C GLU A 307 17.94 7.38 43.11
N THR A 308 17.02 7.85 42.29
CA THR A 308 16.10 8.88 42.70
C THR A 308 14.77 8.48 42.13
N SER A 309 13.78 9.34 42.16
CA SER A 309 12.50 9.06 41.53
C SER A 309 12.66 9.21 40.05
N ILE A 310 11.87 8.51 39.28
CA ILE A 310 11.99 8.59 37.85
C ILE A 310 11.92 10.04 37.61
N ALA A 311 12.94 10.60 37.01
CA ALA A 311 13.01 12.04 36.88
C ALA A 311 12.66 12.62 35.61
N GLU A 312 11.79 13.57 35.64
CA GLU A 312 11.42 14.35 34.48
C GLU A 312 12.27 15.60 34.30
N CYS A 313 12.64 16.23 35.42
CA CYS A 313 13.54 17.38 35.38
C CYS A 313 14.49 17.31 36.56
N LEU A 314 15.67 17.89 36.39
CA LEU A 314 16.66 17.99 37.46
C LEU A 314 17.10 19.43 37.60
N THR A 315 17.37 19.85 38.83
CA THR A 315 17.99 21.15 39.03
C THR A 315 18.89 21.11 40.25
N TYR A 316 19.97 21.88 40.20
CA TYR A 316 20.91 21.98 41.30
C TYR A 316 20.65 23.29 42.05
N LEU A 317 20.37 23.18 43.35
CA LEU A 317 19.96 24.32 44.17
C LEU A 317 21.08 24.81 45.07
N ASP A 318 22.34 24.56 44.71
CA ASP A 318 23.52 25.03 45.42
C ASP A 318 23.69 24.31 46.76
N ASN A 319 24.94 24.06 47.15
CA ASN A 319 25.33 23.39 48.38
C ASN A 319 24.70 22.00 48.32
N GLY A 320 25.16 21.18 47.38
CA GLY A 320 24.91 19.75 47.38
C GLY A 320 23.48 19.33 47.13
N VAL A 321 22.51 20.23 47.18
CA VAL A 321 21.11 19.87 47.12
C VAL A 321 20.63 19.87 45.68
N VAL A 322 19.87 18.83 45.32
CA VAL A 322 19.33 18.65 43.99
C VAL A 322 17.83 18.43 44.10
N PHE A 323 17.05 19.14 43.29
CA PHE A 323 15.62 18.94 43.19
C PHE A 323 15.33 18.09 41.97
N VAL A 324 14.64 16.96 42.20
CA VAL A 324 14.30 15.99 41.17
C VAL A 324 12.80 16.06 40.98
N GLY A 325 12.35 16.59 39.85
CA GLY A 325 10.95 16.68 39.54
C GLY A 325 10.48 15.50 38.70
N SER A 326 9.45 14.81 39.20
CA SER A 326 8.96 13.59 38.60
C SER A 326 7.50 13.76 38.20
N ARG A 327 7.13 13.14 37.08
CA ARG A 327 5.74 13.05 36.67
C ARG A 327 5.12 11.70 36.97
N LEU A 328 5.93 10.68 37.26
CA LEU A 328 5.44 9.35 37.58
C LEU A 328 5.40 9.07 39.07
N GLY A 329 6.08 9.87 39.88
CA GLY A 329 6.10 9.64 41.31
C GLY A 329 6.30 10.89 42.13
N ASP A 330 6.48 10.74 43.43
CA ASP A 330 6.68 11.89 44.30
C ASP A 330 7.95 12.63 43.91
N SER A 331 7.87 13.96 43.89
CA SER A 331 9.06 14.75 43.62
C SER A 331 10.00 14.67 44.81
N GLN A 332 11.29 14.83 44.56
CA GLN A 332 12.29 14.66 45.61
C GLN A 332 13.19 15.88 45.71
N LEU A 333 13.76 16.04 46.90
CA LEU A 333 14.74 17.08 47.17
C LEU A 333 15.83 16.38 47.98
N VAL A 334 16.94 16.06 47.31
CA VAL A 334 17.95 15.14 47.82
C VAL A 334 19.26 15.90 47.95
N LYS A 335 20.26 15.21 48.53
CA LYS A 335 21.57 15.79 48.79
C LYS A 335 22.66 14.85 48.30
N LEU A 336 23.62 15.38 47.56
CA LEU A 336 24.74 14.61 47.03
C LEU A 336 25.93 14.79 47.95
N ASN A 337 26.27 13.75 48.70
CA ASN A 337 27.45 13.79 49.54
C ASN A 337 28.70 13.55 48.71
N VAL A 338 29.83 14.01 49.23
CA VAL A 338 31.10 13.91 48.52
C VAL A 338 31.68 12.51 48.60
N ASP A 339 31.74 11.94 49.80
CA ASP A 339 32.34 10.63 50.01
C ASP A 339 31.46 9.73 50.86
N SER A 340 30.14 9.78 50.67
CA SER A 340 29.24 8.99 51.50
C SER A 340 29.49 7.51 51.31
N ASN A 341 29.21 6.99 50.12
CA ASN A 341 29.37 5.57 49.79
C ASN A 341 28.76 4.69 50.87
N GLU A 342 27.54 5.04 51.27
CA GLU A 342 26.85 4.28 52.32
C GLU A 342 26.68 2.83 51.92
N GLN A 343 26.33 2.58 50.65
CA GLN A 343 26.41 1.25 50.06
C GLN A 343 26.87 1.30 48.61
N GLY A 344 27.20 2.48 48.10
CA GLY A 344 27.52 2.66 46.70
C GLY A 344 26.78 3.85 46.12
N SER A 345 25.82 4.37 46.88
CA SER A 345 25.00 5.49 46.46
C SER A 345 25.43 6.77 47.18
N TYR A 346 25.61 7.84 46.40
CA TYR A 346 26.03 9.13 46.92
C TYR A 346 24.86 10.05 47.24
N VAL A 347 23.63 9.67 46.89
CA VAL A 347 22.47 10.51 47.10
C VAL A 347 21.71 10.01 48.32
N VAL A 348 21.19 10.94 49.12
CA VAL A 348 20.27 10.63 50.20
C VAL A 348 19.07 11.57 50.06
N ALA A 349 17.88 11.02 50.18
CA ALA A 349 16.67 11.82 50.10
C ALA A 349 16.41 12.50 51.43
N MET A 350 16.11 13.80 51.39
CA MET A 350 15.82 14.53 52.61
C MET A 350 14.51 15.29 52.54
N GLU A 351 13.84 15.33 51.39
CA GLU A 351 12.46 15.82 51.38
C GLU A 351 11.71 15.20 50.21
N THR A 352 10.45 14.89 50.43
CA THR A 352 9.57 14.33 49.41
C THR A 352 8.33 15.20 49.28
N PHE A 353 7.99 15.56 48.05
CA PHE A 353 6.78 16.32 47.75
C PHE A 353 5.76 15.39 47.11
N THR A 354 4.55 15.39 47.65
CA THR A 354 3.50 14.48 47.20
C THR A 354 3.13 14.76 45.75
N ASN A 355 2.74 13.71 45.04
CA ASN A 355 2.48 13.80 43.61
C ASN A 355 1.44 12.72 43.29
N LEU A 356 0.19 13.13 43.09
CA LEU A 356 -0.86 12.18 42.81
C LEU A 356 -0.67 11.51 41.45
N GLY A 357 0.12 12.12 40.56
CA GLY A 357 0.61 11.47 39.38
C GLY A 357 -0.45 11.02 38.41
N PRO A 358 -0.14 9.99 37.62
CA PRO A 358 -1.11 9.49 36.65
C PRO A 358 -2.20 8.68 37.30
N ILE A 359 -3.24 9.36 37.78
CA ILE A 359 -4.39 8.68 38.36
C ILE A 359 -5.05 7.87 37.26
N VAL A 360 -4.89 6.55 37.32
CA VAL A 360 -5.44 5.69 36.28
C VAL A 360 -6.82 5.16 36.65
N ASP A 361 -7.13 5.07 37.94
CA ASP A 361 -8.43 4.61 38.39
C ASP A 361 -8.56 4.92 39.88
N MET A 362 -9.69 5.51 40.27
CA MET A 362 -9.92 5.75 41.68
C MET A 362 -11.30 5.22 42.04
N CYS A 363 -11.50 5.04 43.35
CA CYS A 363 -12.77 4.64 43.91
C CYS A 363 -13.08 5.54 45.11
N VAL A 364 -14.37 5.74 45.35
CA VAL A 364 -14.86 6.52 46.48
C VAL A 364 -15.43 5.55 47.51
N VAL A 365 -14.89 5.59 48.72
CA VAL A 365 -15.27 4.66 49.79
C VAL A 365 -15.81 5.47 50.94
N ASP A 366 -17.03 5.14 51.38
CA ASP A 366 -17.61 5.77 52.56
C ASP A 366 -18.77 4.93 53.07
N LEU A 367 -18.79 4.73 54.39
CA LEU A 367 -19.91 4.07 55.07
C LEU A 367 -20.55 4.99 56.10
N GLU A 368 -19.76 5.62 56.95
CA GLU A 368 -20.23 6.66 57.85
C GLU A 368 -19.89 8.02 57.23
N ARG A 369 -20.70 9.02 57.56
CA ARG A 369 -20.67 10.31 56.88
C ARG A 369 -19.98 11.41 57.70
N GLN A 370 -18.87 11.11 58.36
CA GLN A 370 -18.12 12.18 59.03
C GLN A 370 -17.72 13.24 58.02
N GLY A 371 -16.91 12.86 57.04
CA GLY A 371 -16.64 13.68 55.88
C GLY A 371 -17.25 13.06 54.65
N GLN A 372 -17.92 11.92 54.85
CA GLN A 372 -18.54 11.10 53.81
C GLN A 372 -17.71 11.08 52.53
N GLY A 373 -16.46 10.64 52.68
CA GLY A 373 -15.60 10.54 51.52
C GLY A 373 -14.20 10.03 51.78
N GLN A 374 -13.75 9.13 50.92
CA GLN A 374 -12.36 8.68 50.86
C GLN A 374 -12.04 8.41 49.41
N LEU A 375 -10.97 9.01 48.90
CA LEU A 375 -10.61 8.86 47.50
C LEU A 375 -9.38 7.97 47.41
N VAL A 376 -9.57 6.72 46.98
CA VAL A 376 -8.46 5.78 46.85
C VAL A 376 -8.11 5.70 45.37
N THR A 377 -6.92 6.18 45.01
CA THR A 377 -6.51 6.33 43.62
C THR A 377 -5.26 5.50 43.36
N CYS A 378 -5.22 4.84 42.21
CA CYS A 378 -4.02 4.14 41.75
C CYS A 378 -3.13 5.13 41.04
N SER A 379 -1.97 5.44 41.64
CA SER A 379 -1.09 6.46 41.14
C SER A 379 0.26 5.85 40.75
N GLY A 380 0.98 6.58 39.90
CA GLY A 380 2.34 6.22 39.59
C GLY A 380 2.46 5.09 38.59
N ALA A 381 3.71 4.76 38.28
CA ALA A 381 4.03 3.67 37.38
C ALA A 381 5.42 3.14 37.70
N PHE A 382 5.65 1.88 37.35
CA PHE A 382 6.95 1.22 37.46
C PHE A 382 7.36 1.18 38.93
N LYS A 383 8.57 1.63 39.29
CA LYS A 383 9.08 1.43 40.64
C LYS A 383 8.28 2.20 41.68
N GLU A 384 7.64 3.30 41.28
CA GLU A 384 6.96 4.17 42.23
C GLU A 384 5.44 4.14 42.09
N GLY A 385 4.91 3.07 41.51
CA GLY A 385 3.46 2.86 41.54
C GLY A 385 2.99 2.65 42.96
N SER A 386 1.90 3.31 43.33
CA SER A 386 1.38 3.25 44.69
C SER A 386 -0.12 3.48 44.63
N LEU A 387 -0.75 3.48 45.81
CA LEU A 387 -2.14 3.90 45.91
C LEU A 387 -2.25 4.98 46.98
N ARG A 388 -2.95 6.06 46.65
CA ARG A 388 -3.08 7.22 47.51
C ARG A 388 -4.50 7.30 48.05
N ILE A 389 -4.60 7.50 49.36
CA ILE A 389 -5.88 7.63 50.05
C ILE A 389 -6.01 9.09 50.47
N ILE A 390 -7.01 9.78 49.92
CA ILE A 390 -7.25 11.19 50.17
C ILE A 390 -8.44 11.29 51.12
N ARG A 391 -8.25 11.99 52.23
CA ARG A 391 -9.27 12.23 53.24
C ARG A 391 -9.31 13.72 53.55
N ASN A 392 -10.46 14.17 54.02
CA ASN A 392 -10.65 15.56 54.46
C ASN A 392 -10.81 15.56 55.97
N GLY A 393 -9.77 15.98 56.67
CA GLY A 393 -9.80 16.01 58.12
C GLY A 393 -8.90 17.07 58.72
N LEU A 710 -6.28 18.43 54.24
CA LEU A 710 -6.31 17.23 53.41
C LEU A 710 -5.20 16.26 53.79
N HIS A 711 -5.58 15.05 54.13
CA HIS A 711 -4.63 14.00 54.48
C HIS A 711 -4.48 13.05 53.29
N ILE A 712 -3.26 12.95 52.77
CA ILE A 712 -2.94 12.04 51.68
C ILE A 712 -2.01 10.97 52.25
N ARG A 713 -2.47 9.73 52.23
CA ARG A 713 -1.70 8.60 52.74
C ARG A 713 -1.26 7.73 51.57
N THR A 714 0.03 7.43 51.50
CA THR A 714 0.59 6.67 50.39
C THR A 714 0.89 5.24 50.81
N VAL A 715 0.45 4.30 49.98
CA VAL A 715 0.79 2.89 50.13
C VAL A 715 1.57 2.46 48.90
N PRO A 716 2.88 2.32 49.02
CA PRO A 716 3.70 1.97 47.84
C PRO A 716 3.58 0.50 47.49
N LEU A 717 3.49 0.22 46.19
CA LEU A 717 3.40 -1.14 45.69
C LEU A 717 4.64 -1.58 44.92
N TYR A 718 5.45 -0.64 44.43
CA TYR A 718 6.64 -0.94 43.62
C TYR A 718 6.27 -1.70 42.35
N GLU A 719 5.05 -1.46 41.86
CA GLU A 719 4.56 -2.10 40.66
C GLU A 719 3.47 -1.19 40.23
N SER A 720 3.09 -1.24 38.99
CA SER A 720 2.10 -0.33 38.50
C SER A 720 0.72 -0.77 38.80
N PRO A 721 -0.08 0.10 39.39
CA PRO A 721 -1.47 -0.21 39.65
C PRO A 721 -2.40 0.21 38.49
N ARG A 722 -3.37 -0.58 37.99
CA ARG A 722 -4.21 -0.23 36.86
C ARG A 722 -5.66 -0.01 37.26
N LYS A 723 -6.27 -0.92 37.99
CA LYS A 723 -7.67 -0.81 38.38
C LYS A 723 -7.83 -1.08 39.86
N ILE A 724 -8.83 -0.44 40.46
CA ILE A 724 -9.13 -0.60 41.88
C ILE A 724 -10.63 -0.69 42.06
N CYS A 725 -11.07 -1.57 42.96
CA CYS A 725 -12.47 -1.70 43.31
C CYS A 725 -12.56 -2.14 44.76
N TYR A 726 -13.67 -1.77 45.40
CA TYR A 726 -13.83 -1.90 46.84
C TYR A 726 -14.94 -2.88 47.18
N GLN A 727 -14.66 -3.77 48.13
CA GLN A 727 -15.64 -4.71 48.65
C GLN A 727 -15.91 -4.37 50.12
N GLU A 728 -17.16 -4.02 50.42
CA GLU A 728 -17.54 -3.61 51.77
C GLU A 728 -17.56 -4.79 52.72
N VAL A 729 -18.15 -5.91 52.30
CA VAL A 729 -18.31 -7.06 53.19
C VAL A 729 -16.96 -7.61 53.62
N SER A 730 -16.02 -7.75 52.71
CA SER A 730 -14.70 -8.30 53.01
C SER A 730 -13.74 -7.24 53.53
N GLN A 731 -14.14 -5.97 53.53
CA GLN A 731 -13.31 -4.87 54.02
C GLN A 731 -11.97 -4.84 53.29
N CYS A 732 -12.00 -5.08 51.99
CA CYS A 732 -10.78 -5.20 51.20
C CYS A 732 -10.92 -4.43 49.90
N PHE A 733 -9.77 -4.18 49.27
CA PHE A 733 -9.67 -3.54 47.97
C PHE A 733 -9.10 -4.55 46.99
N GLY A 734 -9.74 -4.69 45.84
CA GLY A 734 -9.18 -5.49 44.77
C GLY A 734 -8.43 -4.58 43.80
N VAL A 735 -7.13 -4.80 43.65
CA VAL A 735 -6.28 -3.94 42.83
C VAL A 735 -5.62 -4.78 41.76
N LEU A 736 -5.82 -4.40 40.50
CA LEU A 736 -5.07 -5.01 39.41
C LEU A 736 -3.69 -4.35 39.32
N SER A 737 -2.64 -5.16 39.25
CA SER A 737 -1.29 -4.64 39.22
C SER A 737 -0.50 -5.34 38.13
N SER A 738 0.47 -4.62 37.57
CA SER A 738 1.36 -5.16 36.55
C SER A 738 2.80 -4.98 37.00
N ARG A 739 3.60 -6.01 36.76
CA ARG A 739 4.99 -6.08 37.16
C ARG A 739 5.85 -6.40 35.94
N ILE A 740 7.00 -5.74 35.84
CA ILE A 740 7.92 -5.91 34.72
C ILE A 740 9.01 -6.88 35.14
N GLU A 741 9.23 -7.91 34.32
CA GLU A 741 10.24 -8.93 34.60
C GLU A 741 11.13 -9.09 33.38
N VAL A 742 12.33 -9.62 33.61
CA VAL A 742 13.27 -9.86 32.52
C VAL A 742 13.42 -11.36 32.30
N GLN A 743 13.78 -11.72 31.07
CA GLN A 743 13.93 -13.10 30.65
C GLN A 743 15.34 -13.56 30.97
N ASP A 744 15.44 -14.66 31.71
CA ASP A 744 16.74 -15.17 32.14
C ASP A 744 17.32 -16.10 31.09
N THR A 745 18.65 -16.26 31.14
CA THR A 745 19.33 -17.19 30.24
C THR A 745 18.89 -18.62 30.49
N SER A 746 18.74 -19.01 31.76
CA SER A 746 18.32 -20.37 32.08
C SER A 746 16.86 -20.64 31.74
N GLY A 747 16.08 -19.62 31.39
CA GLY A 747 14.69 -19.80 31.06
C GLY A 747 13.78 -19.50 32.22
N GLY A 748 12.99 -18.44 32.10
CA GLY A 748 12.07 -18.01 33.13
C GLY A 748 12.15 -16.52 33.36
N THR A 749 11.25 -16.04 34.21
CA THR A 749 11.13 -14.62 34.49
C THR A 749 11.78 -14.31 35.83
N THR A 750 12.63 -13.29 35.84
CA THR A 750 13.24 -12.81 37.07
C THR A 750 12.89 -11.35 37.29
N ALA A 751 12.65 -10.99 38.55
CA ALA A 751 12.12 -9.69 38.91
C ALA A 751 13.22 -8.66 39.13
N LEU A 752 12.89 -7.40 38.89
CA LEU A 752 13.83 -6.31 39.12
C LEU A 752 13.95 -6.01 40.61
N ARG A 753 12.85 -5.68 41.27
CA ARG A 753 12.81 -5.34 42.67
C ARG A 753 11.64 -6.05 43.35
N PRO A 754 11.71 -6.26 44.66
CA PRO A 754 10.56 -6.84 45.37
C PRO A 754 9.39 -5.88 45.41
N SER A 755 8.29 -6.28 44.78
CA SER A 755 7.08 -5.48 44.71
C SER A 755 6.02 -6.07 45.64
N ALA A 756 4.86 -5.41 45.68
CA ALA A 756 3.77 -5.87 46.54
C ALA A 756 3.25 -7.24 46.09
N SER A 757 3.35 -7.54 44.80
CA SER A 757 2.92 -8.85 44.32
C SER A 757 3.80 -9.96 44.85
N THR A 758 5.10 -9.71 45.00
CA THR A 758 6.03 -10.72 45.47
C THR A 758 6.15 -10.78 46.99
N GLN A 759 5.55 -9.83 47.71
CA GLN A 759 5.64 -9.76 49.16
C GLN A 759 4.25 -9.74 49.78
N ALA A 760 3.39 -10.63 49.33
CA ALA A 760 2.05 -10.75 49.87
C ALA A 760 2.02 -11.82 50.97
N LEU A 761 1.05 -11.68 51.87
CA LEU A 761 0.90 -12.66 52.94
C LEU A 761 0.62 -14.05 52.40
N SER A 762 -0.25 -14.13 51.39
CA SER A 762 -0.55 -15.38 50.71
C SER A 762 -0.43 -15.15 49.20
N SER A 763 -0.10 -16.22 48.48
CA SER A 763 0.11 -16.13 47.04
C SER A 763 -0.56 -17.30 46.34
N SER A 764 -0.98 -17.05 45.10
CA SER A 764 -1.57 -18.10 44.28
C SER A 764 -1.25 -17.82 42.82
N VAL A 765 -1.20 -18.88 42.03
CA VAL A 765 -0.97 -18.79 40.60
C VAL A 765 -2.10 -19.49 39.88
N SER A 766 -2.63 -18.86 38.84
CA SER A 766 -3.74 -19.44 38.09
C SER A 766 -3.30 -20.76 37.45
N SER A 767 -4.09 -21.80 37.69
CA SER A 767 -3.81 -23.13 37.16
C SER A 767 -4.77 -23.52 36.04
N SER A 768 -5.31 -22.53 35.33
CA SER A 768 -6.27 -22.82 34.27
C SER A 768 -5.61 -23.63 33.16
N LYS A 769 -6.28 -24.70 32.74
CA LYS A 769 -5.79 -25.55 31.67
C LYS A 769 -6.59 -25.43 30.38
N LEU A 770 -7.72 -24.72 30.40
CA LEU A 770 -8.51 -24.54 29.19
C LEU A 770 -7.74 -23.76 28.13
N PHE A 771 -6.71 -23.02 28.52
CA PHE A 771 -5.86 -22.31 27.57
C PHE A 771 -4.63 -23.14 27.23
N SER A 772 -4.88 -24.27 26.56
CA SER A 772 -3.79 -25.10 26.09
C SER A 772 -2.94 -24.35 25.06
N SER A 773 -3.59 -23.60 24.17
CA SER A 773 -2.92 -22.84 23.12
C SER A 773 -2.03 -23.74 22.27
N SER A 774 -0.79 -23.93 22.70
CA SER A 774 0.19 -24.77 22.00
C SER A 774 0.28 -24.39 20.53
N THR A 775 0.33 -23.09 20.26
CA THR A 775 0.42 -22.55 18.90
C THR A 775 1.51 -21.49 18.89
N ALA A 776 2.72 -21.88 18.46
CA ALA A 776 3.88 -21.00 18.39
C ALA A 776 4.12 -20.30 19.72
N PRO A 777 4.60 -21.01 20.74
CA PRO A 777 4.88 -20.35 22.03
C PRO A 777 5.87 -19.21 21.93
N HIS A 778 6.83 -19.31 21.01
CA HIS A 778 7.79 -18.24 20.73
C HIS A 778 8.59 -17.88 21.99
N GLU A 779 9.41 -18.83 22.42
CA GLU A 779 10.36 -18.58 23.48
C GLU A 779 11.19 -17.35 23.16
N THR A 780 11.07 -16.31 23.98
CA THR A 780 11.66 -15.02 23.70
C THR A 780 13.17 -15.07 23.91
N SER A 781 13.82 -13.92 23.76
CA SER A 781 15.27 -13.82 23.86
C SER A 781 15.67 -13.34 25.26
N PHE A 782 16.88 -13.73 25.67
CA PHE A 782 17.43 -13.24 26.93
C PHE A 782 17.52 -11.73 26.90
N GLY A 783 16.93 -11.09 27.90
CA GLY A 783 16.86 -9.65 27.99
C GLY A 783 15.50 -9.08 27.63
N GLU A 784 14.59 -9.89 27.09
CA GLU A 784 13.27 -9.40 26.76
C GLU A 784 12.50 -9.02 28.01
N GLU A 785 11.60 -8.06 27.86
CA GLU A 785 10.79 -7.55 28.96
C GLU A 785 9.40 -8.18 28.87
N VAL A 786 8.98 -8.83 29.96
CA VAL A 786 7.66 -9.42 30.04
C VAL A 786 6.87 -8.71 31.14
N GLU A 787 5.54 -8.79 31.03
CA GLU A 787 4.64 -8.06 31.93
C GLU A 787 3.70 -9.08 32.56
N VAL A 788 3.89 -9.34 33.85
CA VAL A 788 3.01 -10.24 34.58
C VAL A 788 1.94 -9.44 35.29
N HIS A 789 0.74 -9.99 35.38
CA HIS A 789 -0.41 -9.29 35.93
C HIS A 789 -0.96 -10.04 37.13
N ASN A 790 -1.21 -9.31 38.21
CA ASN A 790 -1.70 -9.89 39.45
C ASN A 790 -2.95 -9.15 39.92
N LEU A 791 -3.72 -9.84 40.74
CA LEU A 791 -4.82 -9.26 41.49
C LEU A 791 -4.46 -9.29 42.97
N LEU A 792 -4.54 -8.13 43.62
CA LEU A 792 -4.11 -7.98 45.01
C LEU A 792 -5.32 -7.66 45.88
N ILE A 793 -5.42 -8.36 47.00
CA ILE A 793 -6.46 -8.13 48.00
C ILE A 793 -5.79 -7.35 49.14
N ILE A 794 -6.06 -6.06 49.20
CA ILE A 794 -5.41 -5.18 50.16
C ILE A 794 -6.39 -4.83 51.28
N ASP A 795 -5.94 -4.94 52.51
CA ASP A 795 -6.78 -4.56 53.63
C ASP A 795 -7.08 -3.07 53.58
N GLN A 796 -8.22 -2.68 54.16
CA GLN A 796 -8.65 -1.29 54.13
C GLN A 796 -8.35 -0.54 55.42
N HIS A 797 -7.85 -1.22 56.44
CA HIS A 797 -7.45 -0.59 57.69
C HIS A 797 -5.96 -0.52 57.88
N THR A 798 -5.25 -1.62 57.65
CA THR A 798 -3.79 -1.66 57.71
C THR A 798 -3.14 -1.47 56.35
N PHE A 799 -3.91 -1.56 55.26
CA PHE A 799 -3.39 -1.41 53.90
C PHE A 799 -2.24 -2.36 53.65
N GLU A 800 -2.41 -3.59 54.10
CA GLU A 800 -1.43 -4.65 53.92
C GLU A 800 -1.95 -5.64 52.88
N VAL A 801 -1.09 -6.00 51.94
CA VAL A 801 -1.47 -6.91 50.87
C VAL A 801 -1.71 -8.30 51.46
N LEU A 802 -2.97 -8.72 51.50
CA LEU A 802 -3.33 -9.99 52.13
C LEU A 802 -3.31 -11.16 51.17
N HIS A 803 -3.28 -10.93 49.86
CA HIS A 803 -3.28 -12.02 48.90
C HIS A 803 -2.92 -11.48 47.52
N ALA A 804 -2.10 -12.24 46.79
CA ALA A 804 -1.73 -11.91 45.43
C ALA A 804 -1.98 -13.11 44.54
N HIS A 805 -2.77 -12.93 43.49
CA HIS A 805 -3.10 -13.98 42.55
C HIS A 805 -2.53 -13.61 41.19
N GLN A 806 -1.58 -14.40 40.71
CA GLN A 806 -0.94 -14.15 39.43
C GLN A 806 -1.70 -14.83 38.30
N PHE A 807 -1.92 -14.09 37.22
CA PHE A 807 -2.63 -14.61 36.07
C PHE A 807 -1.67 -15.37 35.15
N LEU A 808 -2.22 -16.03 34.15
CA LEU A 808 -1.42 -16.87 33.27
C LEU A 808 -0.44 -16.03 32.47
N GLN A 809 0.47 -16.72 31.78
CA GLN A 809 1.44 -16.05 30.94
C GLN A 809 0.75 -15.36 29.77
N ASN A 810 1.26 -14.19 29.40
CA ASN A 810 0.74 -13.40 28.29
C ASN A 810 -0.72 -13.02 28.50
N GLU A 811 -1.14 -12.93 29.75
CA GLU A 811 -2.52 -12.56 30.10
C GLU A 811 -2.54 -11.13 30.63
N TYR A 812 -3.15 -10.23 29.87
CA TYR A 812 -3.33 -8.85 30.27
C TYR A 812 -4.69 -8.72 30.94
N ALA A 813 -4.69 -8.41 32.23
CA ALA A 813 -5.93 -8.13 32.94
C ALA A 813 -6.40 -6.73 32.60
N LEU A 814 -7.66 -6.59 32.21
CA LEU A 814 -8.17 -5.32 31.71
C LEU A 814 -9.28 -4.71 32.54
N SER A 815 -10.19 -5.52 33.08
CA SER A 815 -11.34 -4.99 33.80
C SER A 815 -11.45 -5.69 35.15
N LEU A 816 -12.12 -5.03 36.08
CA LEU A 816 -12.30 -5.55 37.43
C LEU A 816 -13.55 -4.92 38.04
N VAL A 817 -14.49 -5.78 38.45
CA VAL A 817 -15.69 -5.34 39.15
C VAL A 817 -15.86 -6.19 40.39
N SER A 818 -16.47 -5.62 41.42
CA SER A 818 -16.82 -6.31 42.65
C SER A 818 -18.30 -6.10 42.90
N CYS A 819 -19.10 -7.15 42.70
CA CYS A 819 -20.54 -6.99 42.68
C CYS A 819 -21.18 -8.35 42.96
N LYS A 820 -22.45 -8.31 43.34
CA LYS A 820 -23.26 -9.49 43.54
C LYS A 820 -23.94 -9.86 42.23
N LEU A 821 -24.17 -11.17 42.04
CA LEU A 821 -24.66 -11.70 40.78
C LEU A 821 -25.83 -12.63 41.03
N GLY A 822 -27.02 -12.24 40.59
CA GLY A 822 -28.16 -13.12 40.63
C GLY A 822 -28.76 -13.32 42.00
N LYS A 823 -29.08 -14.58 42.34
CA LYS A 823 -29.81 -14.91 43.55
C LYS A 823 -28.94 -15.53 44.64
N ASP A 824 -27.62 -15.32 44.59
CA ASP A 824 -26.82 -15.81 45.70
C ASP A 824 -26.30 -14.63 46.52
N PRO A 825 -26.06 -14.83 47.82
CA PRO A 825 -25.67 -13.71 48.69
C PRO A 825 -24.18 -13.38 48.72
N ASN A 826 -23.35 -14.11 47.99
CA ASN A 826 -21.92 -13.89 48.01
C ASN A 826 -21.53 -12.80 47.03
N THR A 827 -20.56 -11.98 47.44
CA THR A 827 -19.99 -10.95 46.57
C THR A 827 -18.67 -11.45 45.99
N TYR A 828 -18.42 -11.10 44.74
CA TYR A 828 -17.34 -11.69 43.97
C TYR A 828 -16.43 -10.61 43.39
N PHE A 829 -15.22 -11.03 43.03
CA PHE A 829 -14.28 -10.22 42.26
C PHE A 829 -14.27 -10.80 40.85
N ILE A 830 -14.87 -10.10 39.90
CA ILE A 830 -14.92 -10.56 38.52
C ILE A 830 -13.90 -9.77 37.72
N VAL A 831 -12.97 -10.48 37.08
CA VAL A 831 -11.93 -9.85 36.29
C VAL A 831 -12.02 -10.38 34.86
N GLY A 832 -11.67 -9.50 33.91
CA GLY A 832 -11.64 -9.85 32.50
C GLY A 832 -10.20 -9.77 32.00
N THR A 833 -9.84 -10.70 31.14
CA THR A 833 -8.47 -10.83 30.68
C THR A 833 -8.42 -10.97 29.18
N ALA A 834 -7.22 -10.78 28.64
CA ALA A 834 -6.98 -10.95 27.21
C ALA A 834 -5.62 -11.60 27.02
N MET A 835 -5.57 -12.71 26.28
CA MET A 835 -4.30 -13.36 25.99
C MET A 835 -3.65 -12.62 24.83
N VAL A 836 -2.55 -11.92 25.12
CA VAL A 836 -1.88 -11.06 24.15
C VAL A 836 -0.60 -11.74 23.70
N TYR A 837 -0.41 -11.82 22.39
CA TYR A 837 0.79 -12.39 21.80
C TYR A 837 1.41 -11.39 20.83
N PRO A 838 2.74 -11.30 20.77
CA PRO A 838 3.38 -10.24 19.99
C PRO A 838 3.10 -10.28 18.50
N GLU A 839 2.68 -11.42 17.95
CA GLU A 839 2.34 -11.49 16.53
C GLU A 839 0.89 -11.15 16.26
N GLU A 840 -0.02 -11.55 17.14
CA GLU A 840 -1.44 -11.30 16.96
C GLU A 840 -1.75 -9.87 17.40
N ALA A 841 -2.08 -9.01 16.43
CA ALA A 841 -2.39 -7.62 16.77
C ALA A 841 -3.65 -7.52 17.62
N GLU A 842 -4.67 -8.28 17.28
CA GLU A 842 -5.93 -8.27 18.02
C GLU A 842 -6.09 -9.57 18.78
N PRO A 843 -6.29 -9.53 20.10
CA PRO A 843 -6.50 -10.77 20.85
C PRO A 843 -7.73 -11.51 20.34
N LYS A 844 -7.62 -12.84 20.30
CA LYS A 844 -8.74 -13.69 19.90
C LYS A 844 -9.13 -14.68 20.99
N GLN A 845 -8.75 -14.41 22.23
CA GLN A 845 -9.13 -15.29 23.33
C GLN A 845 -8.86 -14.59 24.66
N GLY A 846 -9.73 -14.84 25.63
CA GLY A 846 -9.62 -14.26 26.95
C GLY A 846 -10.49 -15.01 27.93
N ARG A 847 -10.42 -14.59 29.19
CA ARG A 847 -11.21 -15.22 30.25
C ARG A 847 -12.01 -14.18 31.02
N ILE A 848 -13.09 -14.65 31.62
CA ILE A 848 -13.81 -13.94 32.67
C ILE A 848 -13.76 -14.82 33.90
N VAL A 849 -13.10 -14.34 34.96
CA VAL A 849 -12.81 -15.14 36.14
C VAL A 849 -13.53 -14.54 37.33
N VAL A 850 -14.15 -15.39 38.13
CA VAL A 850 -14.91 -15.00 39.31
C VAL A 850 -14.18 -15.54 40.53
N PHE A 851 -13.71 -14.65 41.40
CA PHE A 851 -13.00 -15.00 42.61
C PHE A 851 -13.85 -14.67 43.83
N GLN A 852 -13.62 -15.41 44.91
CA GLN A 852 -14.24 -15.13 46.20
C GLN A 852 -13.16 -14.99 47.25
N TYR A 853 -13.20 -13.91 48.02
CA TYR A 853 -12.27 -13.70 49.13
C TYR A 853 -13.02 -14.01 50.42
N SER A 854 -12.94 -15.28 50.84
CA SER A 854 -13.65 -15.75 52.02
C SER A 854 -12.63 -16.19 53.07
N ASP A 855 -12.71 -15.59 54.26
CA ASP A 855 -11.89 -15.92 55.42
C ASP A 855 -10.44 -16.22 55.05
N GLY A 856 -9.82 -15.26 54.36
CA GLY A 856 -8.38 -15.30 54.15
C GLY A 856 -7.91 -15.65 52.76
N LYS A 857 -8.57 -16.62 52.11
CA LYS A 857 -8.12 -17.12 50.83
C LYS A 857 -8.86 -16.43 49.69
N LEU A 858 -8.47 -16.76 48.46
CA LEU A 858 -9.08 -16.23 47.25
C LEU A 858 -9.32 -17.40 46.30
N GLN A 859 -10.52 -17.95 46.33
CA GLN A 859 -10.86 -19.12 45.54
C GLN A 859 -11.52 -18.72 44.22
N THR A 860 -11.10 -19.37 43.15
CA THR A 860 -11.74 -19.19 41.84
C THR A 860 -13.04 -19.99 41.80
N VAL A 861 -14.15 -19.29 41.63
CA VAL A 861 -15.45 -19.95 41.64
C VAL A 861 -15.87 -20.37 40.24
N ALA A 862 -15.66 -19.52 39.24
CA ALA A 862 -16.06 -19.83 37.88
C ALA A 862 -15.09 -19.19 36.91
N GLU A 863 -14.84 -19.88 35.80
CA GLU A 863 -14.01 -19.37 34.73
C GLU A 863 -14.76 -19.53 33.42
N LYS A 864 -14.69 -18.51 32.57
CA LYS A 864 -15.42 -18.54 31.31
C LYS A 864 -14.53 -18.13 30.16
N GLU A 865 -14.46 -19.00 29.16
CA GLU A 865 -13.78 -18.69 27.90
C GLU A 865 -14.56 -17.62 27.13
N VAL A 866 -13.83 -16.70 26.50
CA VAL A 866 -14.41 -15.77 25.54
C VAL A 866 -13.44 -15.64 24.38
N LYS A 867 -13.97 -15.32 23.20
CA LYS A 867 -13.16 -15.20 22.00
C LYS A 867 -12.76 -13.75 21.73
N GLY A 868 -12.08 -13.16 22.71
CA GLY A 868 -11.58 -11.81 22.54
C GLY A 868 -11.27 -11.16 23.87
N ALA A 869 -10.87 -9.90 23.77
CA ALA A 869 -10.49 -9.13 24.96
C ALA A 869 -11.72 -8.61 25.67
N VAL A 870 -11.78 -8.85 26.99
CA VAL A 870 -12.84 -8.29 27.83
C VAL A 870 -12.32 -6.93 28.28
N TYR A 871 -12.51 -5.91 27.43
CA TYR A 871 -11.98 -4.59 27.74
C TYR A 871 -12.62 -4.01 28.99
N SER A 872 -13.94 -3.99 29.05
CA SER A 872 -14.64 -3.47 30.21
C SER A 872 -15.92 -4.27 30.41
N MET A 873 -16.37 -4.33 31.66
CA MET A 873 -17.61 -5.01 32.00
C MET A 873 -18.16 -4.36 33.26
N VAL A 874 -19.46 -4.59 33.48
CA VAL A 874 -20.14 -3.92 34.59
C VAL A 874 -21.34 -4.76 35.01
N GLU A 875 -21.64 -4.72 36.31
CA GLU A 875 -22.85 -5.31 36.83
C GLU A 875 -24.07 -4.56 36.31
N PHE A 876 -25.12 -5.30 35.98
CA PHE A 876 -26.27 -4.74 35.29
C PHE A 876 -27.51 -5.49 35.78
N ASN A 877 -28.20 -4.93 36.76
CA ASN A 877 -29.48 -5.45 37.23
C ASN A 877 -29.39 -6.91 37.64
N GLY A 878 -28.32 -7.25 38.37
CA GLY A 878 -28.12 -8.61 38.82
C GLY A 878 -27.43 -9.52 37.84
N LYS A 879 -27.01 -9.02 36.69
CA LYS A 879 -26.27 -9.79 35.70
C LYS A 879 -24.92 -9.12 35.47
N LEU A 880 -24.13 -9.70 34.57
CA LEU A 880 -22.94 -9.03 34.07
C LEU A 880 -23.15 -8.63 32.63
N LEU A 881 -22.51 -7.55 32.21
CA LEU A 881 -22.43 -7.33 30.78
C LEU A 881 -21.01 -6.87 30.45
N ALA A 882 -20.43 -7.52 29.45
CA ALA A 882 -19.02 -7.41 29.13
C ALA A 882 -18.84 -7.06 27.66
N SER A 883 -17.67 -6.52 27.35
CA SER A 883 -17.30 -6.11 25.99
C SER A 883 -16.20 -7.05 25.49
N ILE A 884 -16.56 -7.93 24.56
CA ILE A 884 -15.62 -8.86 23.94
C ILE A 884 -15.33 -8.34 22.54
N ASN A 885 -14.13 -7.78 22.35
CA ASN A 885 -13.80 -7.07 21.12
C ASN A 885 -14.88 -6.04 20.79
N SER A 886 -15.78 -6.39 19.87
CA SER A 886 -16.80 -5.47 19.40
C SER A 886 -18.22 -5.92 19.73
N THR A 887 -18.39 -6.98 20.51
CA THR A 887 -19.71 -7.43 20.90
C THR A 887 -19.93 -7.15 22.38
N VAL A 888 -21.18 -6.82 22.71
CA VAL A 888 -21.60 -6.58 24.08
C VAL A 888 -22.47 -7.75 24.50
N ARG A 889 -22.01 -8.50 25.50
CA ARG A 889 -22.65 -9.75 25.90
C ARG A 889 -23.15 -9.65 27.33
N LEU A 890 -24.40 -10.03 27.54
CA LEU A 890 -25.02 -10.01 28.86
C LEU A 890 -25.09 -11.44 29.37
N TYR A 891 -24.37 -11.70 30.46
CA TYR A 891 -24.29 -12.98 31.12
C TYR A 891 -25.18 -13.00 32.35
N GLU A 892 -25.83 -14.13 32.59
CA GLU A 892 -26.66 -14.33 33.76
C GLU A 892 -26.04 -15.40 34.64
N TRP A 893 -25.83 -15.08 35.92
CA TRP A 893 -25.14 -15.97 36.84
C TRP A 893 -26.13 -17.02 37.33
N THR A 894 -25.99 -18.24 36.82
CA THR A 894 -26.98 -19.28 37.06
C THR A 894 -26.92 -19.76 38.51
N THR A 895 -27.79 -20.72 38.84
CA THR A 895 -27.88 -21.23 40.20
C THR A 895 -26.70 -22.11 40.59
N GLU A 896 -26.14 -22.86 39.64
CA GLU A 896 -25.03 -23.76 39.95
C GLU A 896 -23.68 -23.10 39.72
N LYS A 897 -23.52 -21.90 40.29
CA LYS A 897 -22.24 -21.19 40.33
C LYS A 897 -21.56 -21.15 38.96
N GLU A 898 -22.33 -20.82 37.93
CA GLU A 898 -21.82 -20.76 36.57
C GLU A 898 -22.32 -19.50 35.88
N LEU A 899 -21.59 -19.09 34.86
CA LEU A 899 -21.88 -17.89 34.08
C LEU A 899 -22.35 -18.33 32.70
N ARG A 900 -23.61 -18.08 32.38
CA ARG A 900 -24.19 -18.48 31.11
C ARG A 900 -24.65 -17.25 30.34
N THR A 901 -24.43 -17.26 29.03
CA THR A 901 -24.76 -16.11 28.19
C THR A 901 -26.26 -15.99 28.01
N GLU A 902 -26.74 -14.76 27.99
CA GLU A 902 -28.17 -14.50 27.82
C GLU A 902 -28.46 -13.57 26.65
N CYS A 903 -27.65 -12.53 26.46
CA CYS A 903 -27.92 -11.56 25.40
C CYS A 903 -26.64 -11.24 24.64
N ASN A 904 -26.79 -10.94 23.36
CA ASN A 904 -25.67 -10.53 22.52
C ASN A 904 -26.06 -9.33 21.67
N HIS A 905 -25.13 -8.38 21.53
CA HIS A 905 -25.26 -7.32 20.55
C HIS A 905 -23.92 -7.17 19.84
N TYR A 906 -23.99 -6.80 18.56
CA TYR A 906 -22.80 -6.67 17.72
C TYR A 906 -22.73 -5.25 17.19
N ASN A 907 -21.59 -4.59 17.42
CA ASN A 907 -21.40 -3.21 17.03
C ASN A 907 -20.33 -3.11 15.96
N ASN A 908 -20.37 -2.02 15.20
CA ASN A 908 -19.32 -1.73 14.23
C ASN A 908 -18.09 -1.10 14.86
N ILE A 909 -18.14 -0.79 16.16
CA ILE A 909 -17.02 -0.18 16.87
C ILE A 909 -16.62 -1.09 18.01
N MET A 910 -15.37 -0.94 18.45
CA MET A 910 -14.83 -1.74 19.53
C MET A 910 -15.26 -1.14 20.86
N ALA A 911 -15.99 -1.92 21.65
CA ALA A 911 -16.57 -1.43 22.90
C ALA A 911 -15.48 -1.33 23.96
N LEU A 912 -14.82 -0.17 24.02
CA LEU A 912 -13.77 0.08 25.01
C LEU A 912 -14.37 0.60 26.33
N TYR A 913 -15.04 1.74 26.27
CA TYR A 913 -15.72 2.32 27.43
C TYR A 913 -17.17 1.85 27.41
N LEU A 914 -17.69 1.52 28.58
CA LEU A 914 -19.02 0.93 28.67
C LEU A 914 -19.58 1.15 30.07
N LYS A 915 -20.57 2.03 30.18
CA LYS A 915 -21.17 2.40 31.45
C LYS A 915 -22.68 2.28 31.36
N THR A 916 -23.31 1.74 32.39
CA THR A 916 -24.75 1.56 32.39
C THR A 916 -25.40 2.32 33.54
N LYS A 917 -26.65 2.74 33.30
CA LYS A 917 -27.49 3.32 34.34
C LYS A 917 -28.92 2.91 34.06
N GLY A 918 -29.59 2.37 35.08
CA GLY A 918 -30.93 1.86 34.92
C GLY A 918 -31.00 0.74 33.89
N ASP A 919 -31.60 1.03 32.74
CA ASP A 919 -31.67 0.07 31.64
C ASP A 919 -30.96 0.58 30.39
N PHE A 920 -30.10 1.58 30.54
CA PHE A 920 -29.39 2.18 29.41
C PHE A 920 -27.91 1.88 29.50
N ILE A 921 -27.31 1.57 28.36
CA ILE A 921 -25.90 1.25 28.26
C ILE A 921 -25.26 2.22 27.27
N LEU A 922 -24.09 2.75 27.64
CA LEU A 922 -23.36 3.71 26.83
C LEU A 922 -22.00 3.11 26.53
N VAL A 923 -21.73 2.86 25.24
CA VAL A 923 -20.48 2.25 24.82
C VAL A 923 -19.73 3.25 23.93
N GLY A 924 -18.43 3.03 23.83
CA GLY A 924 -17.59 3.92 23.04
C GLY A 924 -16.22 3.33 22.84
N ASP A 925 -15.50 3.89 21.88
CA ASP A 925 -14.14 3.49 21.56
C ASP A 925 -13.21 4.69 21.69
N LEU A 926 -11.95 4.49 21.30
CA LEU A 926 -10.99 5.59 21.32
C LEU A 926 -11.36 6.68 20.34
N MET A 927 -12.10 6.34 19.28
CA MET A 927 -12.40 7.29 18.21
C MET A 927 -13.63 8.13 18.50
N ARG A 928 -14.06 8.20 19.77
CA ARG A 928 -15.08 9.14 20.24
C ARG A 928 -16.48 8.76 19.75
N SER A 929 -16.57 7.80 18.84
CA SER A 929 -17.86 7.32 18.37
C SER A 929 -18.59 6.65 19.52
N VAL A 930 -19.63 7.30 20.02
CA VAL A 930 -20.34 6.85 21.22
C VAL A 930 -21.72 6.34 20.82
N LEU A 931 -22.06 5.16 21.30
CA LEU A 931 -23.29 4.45 21.02
C LEU A 931 -24.09 4.32 22.31
N LEU A 932 -25.42 4.32 22.18
CA LEU A 932 -26.29 4.26 23.34
C LEU A 932 -27.40 3.27 23.07
N LEU A 933 -27.41 2.18 23.83
CA LEU A 933 -28.35 1.07 23.72
C LEU A 933 -29.24 0.99 24.94
N ALA A 934 -30.32 0.23 24.82
CA ALA A 934 -31.22 -0.04 25.92
C ALA A 934 -31.52 -1.52 25.99
N TYR A 935 -31.79 -2.00 27.20
CA TYR A 935 -32.15 -3.39 27.44
C TYR A 935 -33.67 -3.50 27.52
N LYS A 936 -34.26 -4.28 26.62
CA LYS A 936 -35.69 -4.50 26.64
C LYS A 936 -35.99 -5.74 27.47
N PRO A 937 -36.64 -5.61 28.63
CA PRO A 937 -36.81 -6.76 29.51
C PRO A 937 -37.57 -7.91 28.87
N MET A 938 -38.79 -7.67 28.43
CA MET A 938 -39.59 -8.74 27.81
C MET A 938 -39.42 -8.80 26.29
N GLU A 939 -38.18 -8.75 25.80
CA GLU A 939 -37.92 -9.25 24.46
C GLU A 939 -36.60 -10.01 24.44
N GLY A 940 -35.66 -9.66 25.32
CA GLY A 940 -34.42 -10.40 25.50
C GLY A 940 -33.25 -10.01 24.62
N ASN A 941 -33.04 -8.72 24.34
CA ASN A 941 -31.85 -8.28 23.63
C ASN A 941 -31.66 -6.78 23.86
N PHE A 942 -30.68 -6.22 23.16
CA PHE A 942 -30.31 -4.82 23.27
C PHE A 942 -30.78 -4.07 22.02
N GLU A 943 -31.46 -2.95 22.23
CA GLU A 943 -31.97 -2.12 21.14
C GLU A 943 -31.17 -0.84 21.07
N GLU A 944 -30.71 -0.49 19.87
CA GLU A 944 -29.93 0.72 19.67
C GLU A 944 -30.84 1.93 19.72
N ILE A 945 -30.62 2.80 20.69
CA ILE A 945 -31.40 4.03 20.81
C ILE A 945 -30.77 5.16 20.03
N ALA A 946 -29.47 5.40 20.22
CA ALA A 946 -28.87 6.58 19.62
C ALA A 946 -27.39 6.34 19.38
N ARG A 947 -26.74 7.25 18.66
CA ARG A 947 -25.28 7.16 18.46
C ARG A 947 -24.74 8.32 17.62
N ASP A 948 -23.75 9.05 18.15
CA ASP A 948 -23.13 10.13 17.37
C ASP A 948 -21.66 9.79 17.11
N PHE A 949 -21.24 9.83 15.85
CA PHE A 949 -19.88 9.39 15.51
C PHE A 949 -18.99 10.39 14.77
N ASN A 950 -18.10 11.09 15.46
CA ASN A 950 -17.15 11.98 14.82
C ASN A 950 -15.75 11.61 15.26
N PRO A 951 -14.80 11.60 14.34
CA PRO A 951 -13.45 11.15 14.68
C PRO A 951 -12.71 12.10 15.59
N ASN A 952 -12.33 11.61 16.76
CA ASN A 952 -11.48 12.31 17.71
C ASN A 952 -11.05 11.32 18.78
N TRP A 953 -9.91 11.57 19.40
CA TRP A 953 -9.41 10.67 20.43
C TRP A 953 -10.19 10.87 21.72
N MET A 954 -10.69 9.78 22.28
CA MET A 954 -11.49 9.81 23.51
C MET A 954 -10.74 9.10 24.62
N SER A 955 -10.66 9.73 25.78
CA SER A 955 -9.91 9.20 26.92
C SER A 955 -10.80 8.53 27.96
N ALA A 956 -11.99 9.08 28.21
CA ALA A 956 -12.92 8.49 29.16
C ALA A 956 -14.31 8.99 28.84
N VAL A 957 -15.30 8.19 29.24
CA VAL A 957 -16.71 8.56 29.07
C VAL A 957 -17.43 8.30 30.39
N GLU A 958 -18.57 8.96 30.55
CA GLU A 958 -19.36 8.84 31.77
C GLU A 958 -20.77 9.32 31.51
N ILE A 959 -21.75 8.65 32.09
CA ILE A 959 -23.15 8.98 31.90
C ILE A 959 -23.61 9.81 33.10
N LEU A 960 -23.96 11.07 32.86
CA LEU A 960 -24.37 11.96 33.92
C LEU A 960 -25.78 11.63 34.41
N ASP A 961 -26.76 11.69 33.51
CA ASP A 961 -28.12 11.31 33.81
C ASP A 961 -28.68 10.54 32.62
N ASP A 962 -29.99 10.32 32.62
CA ASP A 962 -30.60 9.48 31.58
C ASP A 962 -30.48 10.10 30.20
N ASP A 963 -30.31 11.42 30.12
CA ASP A 963 -30.25 12.11 28.84
C ASP A 963 -28.86 12.62 28.48
N ASN A 964 -28.11 13.13 29.45
CA ASN A 964 -26.82 13.75 29.19
C ASN A 964 -25.69 12.75 29.44
N PHE A 965 -24.75 12.69 28.49
CA PHE A 965 -23.58 11.83 28.61
C PHE A 965 -22.32 12.66 28.44
N LEU A 966 -21.39 12.51 29.36
CA LEU A 966 -20.20 13.34 29.46
C LEU A 966 -18.95 12.52 29.18
N GLY A 967 -18.05 13.07 28.35
CA GLY A 967 -16.82 12.39 28.01
C GLY A 967 -15.66 13.35 27.91
N ALA A 968 -14.47 12.77 27.75
CA ALA A 968 -13.22 13.53 27.64
C ALA A 968 -12.55 13.18 26.32
N GLU A 969 -12.11 14.21 25.60
CA GLU A 969 -11.59 14.03 24.24
C GLU A 969 -10.32 14.84 24.05
N ASN A 970 -9.75 14.70 22.85
CA ASN A 970 -8.40 15.13 22.54
C ASN A 970 -8.22 16.63 22.75
N ALA A 971 -6.95 17.04 22.86
CA ALA A 971 -6.56 18.40 23.20
C ALA A 971 -7.09 18.81 24.57
N PHE A 972 -7.24 17.82 25.46
CA PHE A 972 -7.58 18.05 26.86
C PHE A 972 -8.94 18.74 27.00
N ASN A 973 -9.94 18.23 26.28
CA ASN A 973 -11.27 18.81 26.29
C ASN A 973 -12.25 17.87 26.96
N LEU A 974 -13.39 18.42 27.39
CA LEU A 974 -14.49 17.61 27.88
C LEU A 974 -15.77 18.09 27.20
N PHE A 975 -16.66 17.13 26.94
CA PHE A 975 -17.88 17.41 26.19
C PHE A 975 -19.06 16.71 26.86
N VAL A 976 -20.24 17.25 26.63
CA VAL A 976 -21.50 16.60 27.00
C VAL A 976 -22.40 16.57 25.78
N CYS A 977 -22.95 15.39 25.50
CA CYS A 977 -23.91 15.15 24.43
C CYS A 977 -25.27 14.81 25.02
N GLN A 978 -26.32 15.32 24.39
CA GLN A 978 -27.68 15.11 24.86
C GLN A 978 -28.38 14.06 24.01
N LYS A 979 -29.55 13.63 24.50
CA LYS A 979 -30.34 12.62 23.83
C LYS A 979 -31.77 13.13 23.66
N ASP A 980 -32.41 12.67 22.59
CA ASP A 980 -33.82 12.96 22.31
C ASP A 980 -34.03 14.44 22.02
N SER A 981 -35.11 15.02 22.58
CA SER A 981 -35.56 16.37 22.30
C SER A 981 -36.04 16.50 20.86
N ALA A 982 -36.99 17.40 20.62
CA ALA A 982 -37.60 17.61 19.31
C ALA A 982 -38.30 16.33 18.84
N ALA A 983 -37.52 15.29 18.53
CA ALA A 983 -38.04 13.98 18.15
C ALA A 983 -39.01 14.10 16.96
N THR A 984 -38.46 14.56 15.83
CA THR A 984 -39.30 14.93 14.69
C THR A 984 -39.72 13.71 13.86
N THR A 985 -38.76 13.01 13.28
CA THR A 985 -39.05 12.01 12.25
C THR A 985 -38.20 10.76 12.45
N ASP A 986 -38.16 10.24 13.68
CA ASP A 986 -37.48 9.00 14.03
C ASP A 986 -35.98 9.03 13.73
N GLU A 987 -35.45 10.17 13.31
CA GLU A 987 -34.02 10.34 13.11
C GLU A 987 -33.41 11.38 14.04
N GLU A 988 -34.19 12.36 14.48
CA GLU A 988 -33.69 13.30 15.49
C GLU A 988 -33.42 12.61 16.81
N ARG A 989 -34.32 11.72 17.24
CA ARG A 989 -34.10 11.00 18.48
C ARG A 989 -32.96 10.00 18.36
N GLN A 990 -32.69 9.52 17.15
CA GLN A 990 -31.56 8.62 16.93
C GLN A 990 -30.23 9.34 16.85
N HIS A 991 -30.24 10.67 16.88
CA HIS A 991 -29.02 11.46 16.78
C HIS A 991 -28.66 12.01 18.15
N LEU A 992 -27.44 11.73 18.60
CA LEU A 992 -26.95 12.20 19.89
C LEU A 992 -26.28 13.54 19.66
N GLN A 993 -27.05 14.61 19.80
CA GLN A 993 -26.57 15.95 19.46
C GLN A 993 -25.75 16.51 20.62
N GLU A 994 -24.56 17.00 20.31
CA GLU A 994 -23.65 17.55 21.31
C GLU A 994 -24.20 18.88 21.81
N VAL A 995 -24.07 19.11 23.12
CA VAL A 995 -24.60 20.31 23.75
C VAL A 995 -23.51 21.17 24.39
N GLY A 996 -22.52 20.57 25.03
CA GLY A 996 -21.54 21.33 25.78
C GLY A 996 -20.10 20.96 25.51
N LEU A 997 -19.24 21.99 25.47
CA LEU A 997 -17.80 21.84 25.25
C LEU A 997 -17.04 22.65 26.27
N PHE A 998 -15.84 22.20 26.63
CA PHE A 998 -15.02 22.92 27.57
C PHE A 998 -13.57 22.45 27.42
N HIS A 999 -12.64 23.35 27.69
CA HIS A 999 -11.21 23.03 27.62
C HIS A 999 -10.69 22.90 29.05
N LEU A 1000 -10.56 21.66 29.51
CA LEU A 1000 -10.06 21.42 30.86
C LEU A 1000 -8.60 21.78 30.99
N GLY A 1001 -7.79 21.42 30.00
CA GLY A 1001 -6.36 21.53 30.12
C GLY A 1001 -5.69 20.33 30.76
N GLU A 1002 -6.42 19.26 31.01
CA GLU A 1002 -5.85 18.06 31.60
C GLU A 1002 -6.40 16.83 30.90
N PHE A 1003 -5.56 15.80 30.82
CA PHE A 1003 -5.92 14.52 30.19
C PHE A 1003 -6.61 13.66 31.24
N VAL A 1004 -7.93 13.80 31.34
CA VAL A 1004 -8.69 13.06 32.33
C VAL A 1004 -8.69 11.59 31.97
N ASN A 1005 -8.45 10.73 32.96
CA ASN A 1005 -8.19 9.32 32.76
C ASN A 1005 -9.28 8.41 33.30
N VAL A 1006 -9.77 8.69 34.50
CA VAL A 1006 -10.83 7.89 35.11
C VAL A 1006 -11.92 8.84 35.59
N PHE A 1007 -13.18 8.40 35.49
CA PHE A 1007 -14.29 9.33 35.68
C PHE A 1007 -15.39 8.59 36.42
N CYS A 1008 -15.58 8.88 37.71
CA CYS A 1008 -16.50 8.10 38.53
C CYS A 1008 -17.46 9.03 39.26
N HIS A 1009 -18.36 8.42 40.03
CA HIS A 1009 -19.38 9.11 40.80
C HIS A 1009 -18.93 9.30 42.24
N GLY A 1010 -19.84 9.74 43.09
CA GLY A 1010 -19.60 9.84 44.51
C GLY A 1010 -19.33 11.27 44.95
N SER A 1011 -19.72 11.57 46.18
CA SER A 1011 -19.46 12.86 46.80
C SER A 1011 -18.39 12.73 47.87
N LEU A 1012 -17.46 13.68 47.88
CA LEU A 1012 -16.35 13.65 48.82
C LEU A 1012 -16.49 14.64 49.97
N VAL A 1013 -17.55 15.44 50.01
CA VAL A 1013 -17.79 16.36 51.12
C VAL A 1013 -19.27 16.72 51.13
N MET A 1014 -19.82 16.81 52.34
CA MET A 1014 -21.20 17.27 52.51
C MET A 1014 -21.30 17.86 53.90
N PRO A 1023 -27.48 24.35 45.28
CA PRO A 1023 -28.12 24.54 43.98
C PRO A 1023 -27.54 23.63 42.90
N THR A 1024 -26.67 22.71 43.31
CA THR A 1024 -26.03 21.77 42.40
C THR A 1024 -26.55 20.37 42.69
N GLN A 1025 -27.07 19.71 41.66
CA GLN A 1025 -27.61 18.36 41.79
C GLN A 1025 -26.69 17.40 41.04
N GLY A 1026 -26.14 16.43 41.76
CA GLY A 1026 -25.20 15.49 41.17
C GLY A 1026 -23.76 15.89 41.46
N SER A 1027 -22.86 14.90 41.47
CA SER A 1027 -21.44 15.18 41.71
C SER A 1027 -20.64 14.05 41.07
N VAL A 1028 -19.98 14.35 39.96
CA VAL A 1028 -19.20 13.36 39.22
C VAL A 1028 -17.76 13.85 39.19
N LEU A 1029 -16.85 13.03 39.71
CA LEU A 1029 -15.47 13.47 39.85
C LEU A 1029 -14.53 12.64 38.99
N PHE A 1030 -13.50 13.31 38.47
CA PHE A 1030 -12.59 12.72 37.51
C PHE A 1030 -11.15 12.89 37.97
N GLY A 1031 -10.31 11.94 37.56
CA GLY A 1031 -8.89 11.97 37.84
C GLY A 1031 -8.10 11.92 36.55
N THR A 1032 -7.06 12.74 36.48
CA THR A 1032 -6.33 13.04 35.27
C THR A 1032 -4.89 12.53 35.36
N VAL A 1033 -4.16 12.69 34.26
CA VAL A 1033 -2.77 12.24 34.19
C VAL A 1033 -1.87 13.11 35.04
N ASN A 1034 -2.08 14.43 35.01
CA ASN A 1034 -1.21 15.37 35.70
C ASN A 1034 -1.48 15.45 37.20
N GLY A 1035 -2.26 14.52 37.75
CA GLY A 1035 -2.51 14.50 39.18
C GLY A 1035 -3.71 15.32 39.63
N MET A 1036 -4.37 16.03 38.72
CA MET A 1036 -5.53 16.82 39.12
C MET A 1036 -6.71 15.91 39.45
N ILE A 1037 -7.52 16.36 40.39
CA ILE A 1037 -8.81 15.76 40.70
C ILE A 1037 -9.87 16.85 40.54
N GLY A 1038 -10.88 16.57 39.72
CA GLY A 1038 -11.89 17.56 39.41
C GLY A 1038 -13.28 17.05 39.70
N LEU A 1039 -14.20 18.00 39.85
CA LEU A 1039 -15.60 17.70 40.14
C LEU A 1039 -16.48 18.49 39.18
N VAL A 1040 -17.39 17.79 38.52
CA VAL A 1040 -18.39 18.41 37.65
C VAL A 1040 -19.77 18.06 38.19
N THR A 1041 -20.58 19.09 38.38
CA THR A 1041 -21.97 18.99 38.81
C THR A 1041 -22.85 19.64 37.74
N SER A 1042 -24.15 19.69 38.00
CA SER A 1042 -25.11 20.28 37.08
C SER A 1042 -25.90 21.38 37.77
N LEU A 1043 -26.12 22.48 37.06
CA LEU A 1043 -26.89 23.61 37.53
C LEU A 1043 -28.22 23.68 36.79
N SER A 1044 -28.97 24.74 37.06
CA SER A 1044 -30.25 25.00 36.41
C SER A 1044 -30.10 26.16 35.43
N GLU A 1045 -31.20 26.48 34.75
CA GLU A 1045 -31.21 27.60 33.80
C GLU A 1045 -30.83 28.91 34.48
N SER A 1046 -31.52 29.24 35.58
CA SER A 1046 -31.32 30.53 36.21
C SER A 1046 -29.90 30.68 36.73
N TRP A 1047 -29.38 29.65 37.40
CA TRP A 1047 -28.04 29.76 37.97
C TRP A 1047 -26.95 29.70 36.90
N TYR A 1048 -27.16 28.90 35.85
CA TYR A 1048 -26.22 28.92 34.74
C TYR A 1048 -26.15 30.30 34.10
N ASN A 1049 -27.31 30.92 33.86
CA ASN A 1049 -27.32 32.26 33.29
C ASN A 1049 -26.65 33.26 34.23
N LEU A 1050 -26.95 33.17 35.53
CA LEU A 1050 -26.38 34.11 36.49
C LEU A 1050 -24.87 34.00 36.54
N LEU A 1051 -24.34 32.78 36.67
CA LEU A 1051 -22.90 32.61 36.75
C LEU A 1051 -22.20 32.84 35.42
N LEU A 1052 -22.86 32.59 34.29
CA LEU A 1052 -22.28 32.95 33.01
C LEU A 1052 -22.18 34.45 32.83
N ASP A 1053 -23.19 35.20 33.28
CA ASP A 1053 -23.08 36.65 33.30
C ASP A 1053 -22.00 37.14 34.25
N MET A 1054 -21.89 36.53 35.42
CA MET A 1054 -20.81 36.85 36.35
C MET A 1054 -19.44 36.54 35.79
N GLN A 1055 -19.33 35.49 34.96
CA GLN A 1055 -18.05 35.08 34.41
C GLN A 1055 -17.48 36.16 33.48
N ASN A 1056 -18.33 36.75 32.64
CA ASN A 1056 -17.87 37.81 31.76
C ASN A 1056 -17.53 39.07 32.55
N ARG A 1057 -18.29 39.34 33.61
CA ARG A 1057 -18.03 40.54 34.41
C ARG A 1057 -16.75 40.40 35.23
N LEU A 1058 -16.38 39.17 35.59
CA LEU A 1058 -15.11 38.93 36.27
C LEU A 1058 -13.92 39.04 35.32
N ASN A 1059 -14.12 38.70 34.04
CA ASN A 1059 -13.04 38.76 33.07
C ASN A 1059 -12.60 40.17 32.76
N LYS A 1060 -13.40 41.18 33.09
CA LYS A 1060 -13.04 42.57 32.87
C LYS A 1060 -12.48 43.24 34.12
N VAL A 1061 -12.32 42.49 35.21
CA VAL A 1061 -11.86 43.06 36.47
C VAL A 1061 -10.61 42.29 36.92
N ILE A 1062 -10.52 41.03 36.51
CA ILE A 1062 -9.39 40.17 36.86
C ILE A 1062 -8.42 40.17 35.70
N LYS A 1063 -7.14 40.39 36.00
CA LYS A 1063 -6.08 40.39 35.01
C LYS A 1063 -5.17 39.19 35.23
N SER A 1064 -4.99 38.39 34.19
CA SER A 1064 -4.22 37.15 34.29
C SER A 1064 -2.73 37.42 34.13
N VAL A 1065 -1.94 36.36 34.30
CA VAL A 1065 -0.50 36.42 34.16
C VAL A 1065 -0.17 36.10 32.70
N GLY A 1066 0.07 37.14 31.91
CA GLY A 1066 0.37 36.97 30.51
C GLY A 1066 -0.69 37.55 29.60
N LYS A 1067 -1.70 38.18 30.21
CA LYS A 1067 -2.81 38.80 29.48
C LYS A 1067 -3.47 37.80 28.54
N ILE A 1068 -3.72 36.60 29.05
CA ILE A 1068 -4.40 35.56 28.29
C ILE A 1068 -5.89 35.67 28.55
N GLU A 1069 -6.69 35.79 27.49
CA GLU A 1069 -8.13 35.84 27.65
C GLU A 1069 -8.66 34.51 28.16
N HIS A 1070 -9.59 34.59 29.12
CA HIS A 1070 -10.19 33.37 29.65
C HIS A 1070 -10.99 32.64 28.58
N SER A 1071 -11.69 33.39 27.73
CA SER A 1071 -12.47 32.77 26.67
C SER A 1071 -11.59 32.00 25.70
N PHE A 1072 -10.43 32.56 25.35
CA PHE A 1072 -9.51 31.85 24.48
C PHE A 1072 -8.92 30.62 25.16
N TRP A 1073 -8.66 30.72 26.46
CA TRP A 1073 -8.03 29.61 27.17
C TRP A 1073 -9.00 28.45 27.37
N ARG A 1074 -10.27 28.74 27.60
CA ARG A 1074 -11.27 27.71 27.80
C ARG A 1074 -12.00 27.33 26.52
N SER A 1075 -11.64 27.91 25.39
CA SER A 1075 -12.26 27.55 24.12
C SER A 1075 -11.93 26.11 23.78
N PHE A 1076 -12.94 25.35 23.36
CA PHE A 1076 -12.71 24.01 22.86
C PHE A 1076 -11.74 24.08 21.69
N HIS A 1077 -10.68 23.27 21.79
CA HIS A 1077 -9.54 23.33 20.89
C HIS A 1077 -9.27 21.94 20.30
N THR A 1078 -8.87 21.94 19.03
CA THR A 1078 -8.37 20.76 18.36
C THR A 1078 -7.66 21.25 17.10
N GLU A 1079 -6.63 20.55 16.67
CA GLU A 1079 -5.91 21.05 15.50
C GLU A 1079 -6.69 20.70 14.24
N ARG A 1080 -8.00 20.92 14.27
CA ARG A 1080 -8.80 21.11 13.08
C ARG A 1080 -9.89 22.15 13.28
N LYS A 1081 -10.08 22.66 14.49
CA LYS A 1081 -11.22 23.52 14.81
C LYS A 1081 -11.15 24.06 16.23
N THR A 1082 -11.84 25.17 16.49
CA THR A 1082 -11.76 25.84 17.78
C THR A 1082 -13.03 26.67 17.95
N GLU A 1083 -13.79 26.38 19.00
CA GLU A 1083 -15.02 27.13 19.23
C GLU A 1083 -15.14 27.51 20.70
N PRO A 1084 -15.87 28.57 21.01
CA PRO A 1084 -16.01 28.98 22.41
C PRO A 1084 -16.71 27.92 23.25
N ALA A 1085 -16.34 27.86 24.52
CA ALA A 1085 -16.92 26.89 25.43
C ALA A 1085 -18.37 27.24 25.73
N THR A 1086 -19.25 26.25 25.63
CA THR A 1086 -20.66 26.43 25.90
C THR A 1086 -21.15 25.34 26.86
N GLY A 1087 -22.11 25.70 27.70
CA GLY A 1087 -22.70 24.75 28.62
C GLY A 1087 -21.84 24.38 29.81
N PHE A 1088 -20.72 25.07 30.01
CA PHE A 1088 -19.82 24.78 31.12
C PHE A 1088 -19.48 26.08 31.83
N ILE A 1089 -19.41 26.03 33.15
CA ILE A 1089 -19.07 27.19 33.97
C ILE A 1089 -17.81 26.87 34.74
N ASP A 1090 -16.81 27.75 34.62
CA ASP A 1090 -15.52 27.54 35.26
C ASP A 1090 -15.64 27.84 36.75
N GLY A 1091 -15.44 26.80 37.57
CA GLY A 1091 -15.55 27.00 39.01
C GLY A 1091 -14.41 27.79 39.60
N ASP A 1092 -13.21 27.67 39.03
CA ASP A 1092 -12.05 28.39 39.56
C ASP A 1092 -12.23 29.90 39.39
N LEU A 1093 -12.68 30.35 38.22
CA LEU A 1093 -12.87 31.78 38.01
C LEU A 1093 -13.98 32.33 38.91
N ILE A 1094 -15.06 31.57 39.10
CA ILE A 1094 -16.14 32.02 39.96
C ILE A 1094 -15.68 32.06 41.41
N GLU A 1095 -14.87 31.09 41.83
CA GLU A 1095 -14.37 31.07 43.20
C GLU A 1095 -13.28 32.10 43.45
N SER A 1096 -12.64 32.60 42.39
CA SER A 1096 -11.70 33.71 42.52
C SER A 1096 -12.40 35.03 42.77
N PHE A 1097 -13.72 35.02 42.98
CA PHE A 1097 -14.47 36.22 43.32
C PHE A 1097 -14.19 36.68 44.74
N LEU A 1098 -13.87 35.75 45.65
CA LEU A 1098 -13.58 36.09 47.04
C LEU A 1098 -12.15 36.57 47.24
N ASP A 1099 -11.28 36.42 46.25
CA ASP A 1099 -9.92 36.91 46.33
C ASP A 1099 -9.77 38.32 45.77
N ILE A 1100 -10.84 38.94 45.32
CA ILE A 1100 -10.81 40.28 44.77
C ILE A 1100 -11.17 41.27 45.87
N SER A 1101 -10.77 42.53 45.68
CA SER A 1101 -10.98 43.55 46.69
C SER A 1101 -12.41 44.10 46.60
N ARG A 1102 -12.84 44.71 47.71
CA ARG A 1102 -14.19 45.28 47.76
C ARG A 1102 -14.45 46.33 46.70
N PRO A 1103 -13.59 47.34 46.47
CA PRO A 1103 -13.89 48.29 45.40
C PRO A 1103 -13.85 47.65 44.02
N LYS A 1104 -13.04 46.62 43.82
CA LYS A 1104 -13.10 45.87 42.57
C LYS A 1104 -14.29 44.93 42.54
N MET A 1105 -14.69 44.40 43.69
CA MET A 1105 -15.91 43.60 43.78
C MET A 1105 -17.15 44.40 43.46
N GLN A 1106 -17.13 45.71 43.68
CA GLN A 1106 -18.28 46.57 43.43
C GLN A 1106 -18.51 46.85 41.96
N GLU A 1107 -17.53 46.59 41.09
CA GLU A 1107 -17.74 46.78 39.66
C GLU A 1107 -18.33 45.56 38.98
N VAL A 1108 -18.07 44.37 39.52
CA VAL A 1108 -18.63 43.16 38.95
C VAL A 1108 -20.15 43.14 39.09
N VAL A 1109 -20.65 43.54 40.25
CA VAL A 1109 -22.05 43.36 40.59
C VAL A 1109 -22.88 44.61 40.35
N ALA A 1110 -22.35 45.59 39.61
CA ALA A 1110 -23.00 46.89 39.53
C ALA A 1110 -24.39 46.83 38.92
N ASN A 1111 -24.48 46.55 37.62
CA ASN A 1111 -25.77 46.45 36.94
C ASN A 1111 -26.17 44.99 36.76
N LEU A 1112 -26.43 44.33 37.89
CA LEU A 1112 -26.83 42.93 37.89
C LEU A 1112 -28.30 42.82 38.31
N GLN A 1113 -28.80 41.61 38.31
CA GLN A 1113 -30.15 41.40 38.72
C GLN A 1113 -30.10 40.09 39.45
N TYR A 1114 -29.71 40.10 40.71
CA TYR A 1114 -29.53 38.83 41.41
C TYR A 1114 -30.77 38.00 41.32
N ASP A 1115 -31.83 38.45 41.96
CA ASP A 1115 -33.12 37.73 41.95
C ASP A 1115 -33.09 36.48 42.79
N ASP A 1116 -34.08 36.34 43.65
CA ASP A 1116 -34.11 35.20 44.55
C ASP A 1116 -35.55 35.03 44.98
N GLY A 1117 -36.00 35.85 45.92
CA GLY A 1117 -37.38 35.80 46.35
C GLY A 1117 -38.32 36.02 45.18
N SER A 1118 -38.12 37.10 44.45
CA SER A 1118 -38.95 37.40 43.29
C SER A 1118 -38.39 38.57 42.51
N GLY A 1119 -38.03 39.64 43.21
CA GLY A 1119 -37.47 40.79 42.56
C GLY A 1119 -35.99 40.68 42.33
N MET A 1120 -35.50 41.32 41.28
CA MET A 1120 -34.09 41.28 40.98
C MET A 1120 -33.25 42.06 41.98
N LYS A 1121 -33.86 42.92 42.76
CA LYS A 1121 -33.14 43.68 43.78
C LYS A 1121 -31.88 44.25 43.13
N ARG A 1122 -31.86 44.34 41.81
CA ARG A 1122 -30.74 44.93 41.07
C ARG A 1122 -29.36 44.83 41.71
N GLU A 1123 -29.11 45.67 42.71
CA GLU A 1123 -27.74 45.95 43.16
C GLU A 1123 -26.92 44.71 43.50
N ALA A 1124 -27.50 43.79 44.28
CA ALA A 1124 -26.86 42.57 44.75
C ALA A 1124 -25.81 42.87 45.80
N THR A 1125 -25.52 44.15 46.02
CA THR A 1125 -24.78 44.68 47.16
C THR A 1125 -23.37 44.09 47.32
N ALA A 1126 -22.90 43.30 46.36
CA ALA A 1126 -21.56 42.69 46.41
C ALA A 1126 -21.31 41.92 47.71
N ASP A 1127 -22.37 41.58 48.43
CA ASP A 1127 -22.25 40.76 49.63
C ASP A 1127 -23.14 39.55 49.45
N ASP A 1128 -24.17 39.69 48.62
CA ASP A 1128 -25.06 38.58 48.32
C ASP A 1128 -24.38 37.58 47.39
N LEU A 1129 -23.72 38.07 46.34
CA LEU A 1129 -22.93 37.19 45.49
C LEU A 1129 -21.78 36.56 46.26
N ILE A 1130 -21.30 37.23 47.31
CA ILE A 1130 -20.32 36.60 48.19
C ILE A 1130 -20.92 35.36 48.83
N LYS A 1131 -22.16 35.46 49.30
CA LYS A 1131 -22.83 34.29 49.87
C LYS A 1131 -23.01 33.20 48.82
N VAL A 1132 -23.40 33.57 47.60
CA VAL A 1132 -23.59 32.59 46.54
C VAL A 1132 -22.29 31.85 46.25
N VAL A 1133 -21.20 32.59 46.07
CA VAL A 1133 -19.93 31.97 45.70
C VAL A 1133 -19.39 31.16 46.86
N GLU A 1134 -19.56 31.63 48.10
CA GLU A 1134 -19.10 30.88 49.25
C GLU A 1134 -19.88 29.59 49.44
N GLU A 1135 -21.17 29.60 49.09
CA GLU A 1135 -21.95 28.36 49.14
C GLU A 1135 -21.50 27.41 48.05
N LEU A 1136 -21.17 27.94 46.86
CA LEU A 1136 -20.60 27.10 45.81
C LEU A 1136 -19.24 26.54 46.19
N THR A 1137 -18.49 27.24 47.03
CA THR A 1137 -17.14 26.82 47.37
C THR A 1137 -17.13 25.51 48.17
N ARG A 1138 -18.10 25.32 49.06
CA ARG A 1138 -18.08 24.20 49.99
C ARG A 1138 -18.68 22.92 49.42
N ILE A 1139 -18.69 22.78 48.09
CA ILE A 1139 -19.05 21.51 47.47
C ILE A 1139 -17.86 20.64 47.16
N HIS A 1140 -16.65 21.13 47.45
CA HIS A 1140 -15.42 20.37 47.26
C HIS A 1140 -14.48 20.66 48.41
N TRP A 1141 -13.27 20.13 48.33
CA TRP A 1141 -12.29 20.34 49.37
C TRP A 1141 -11.71 21.75 49.28
N SER A 1142 -11.04 22.17 50.36
CA SER A 1142 -10.43 23.48 50.44
C SER A 1142 -8.96 23.40 50.08
N HIS A 1143 -8.53 24.24 49.17
CA HIS A 1143 -7.14 24.23 48.73
C HIS A 1143 -6.24 24.82 49.81
N PRO A 1144 -5.20 24.10 50.24
CA PRO A 1144 -4.28 24.68 51.21
C PRO A 1144 -3.52 25.86 50.63
N GLN A 1145 -3.27 26.85 51.48
CA GLN A 1145 -2.52 28.03 51.06
C GLN A 1145 -1.05 27.69 50.87
N PHE A 1146 -0.47 28.20 49.78
CA PHE A 1146 0.95 28.00 49.55
C PHE A 1146 1.77 28.65 50.65
N GLU A 1147 1.73 29.98 50.71
CA GLU A 1147 2.25 30.79 51.82
C GLU A 1147 2.12 32.27 51.46
N ASN B 8 1.93 -17.92 -9.87
CA ASN B 8 3.33 -18.14 -10.25
C ASN B 8 3.97 -16.83 -10.70
N ILE B 9 5.03 -16.94 -11.50
CA ILE B 9 5.66 -15.75 -12.06
C ILE B 9 4.70 -15.08 -13.03
N ILE B 10 4.83 -13.76 -13.17
CA ILE B 10 3.97 -12.97 -14.03
C ILE B 10 4.87 -12.01 -14.82
N ASN B 11 5.23 -12.40 -16.05
CA ASN B 11 5.91 -11.48 -16.97
C ASN B 11 4.89 -10.88 -17.94
N PHE B 12 3.97 -10.10 -17.39
CA PHE B 12 2.92 -9.48 -18.17
C PHE B 12 3.11 -7.98 -18.33
N ASP B 13 4.00 -7.38 -17.54
CA ASP B 13 4.23 -5.93 -17.54
C ASP B 13 2.90 -5.23 -17.20
N THR B 14 2.55 -5.33 -15.91
CA THR B 14 1.21 -5.03 -15.43
C THR B 14 0.77 -3.58 -15.68
N SER B 15 1.58 -2.76 -16.36
CA SER B 15 1.19 -1.38 -16.63
C SER B 15 0.09 -1.27 -17.69
N LEU B 16 0.00 -2.20 -18.63
CA LEU B 16 -1.03 -2.10 -19.68
C LEU B 16 -2.44 -2.01 -19.13
N PRO B 17 -2.88 -2.81 -18.15
CA PRO B 17 -4.26 -2.64 -17.66
C PRO B 17 -4.55 -1.25 -17.15
N THR B 18 -3.58 -0.59 -16.52
CA THR B 18 -3.77 0.79 -16.10
C THR B 18 -3.68 1.75 -17.27
N SER B 19 -2.97 1.38 -18.34
CA SER B 19 -2.85 2.26 -19.49
C SER B 19 -4.15 2.37 -20.29
N HIS B 20 -5.03 1.36 -20.20
CA HIS B 20 -6.29 1.33 -20.94
C HIS B 20 -6.05 1.50 -22.44
N THR B 21 -5.10 0.71 -22.96
CA THR B 21 -4.73 0.83 -24.38
C THR B 21 -5.87 0.41 -25.29
N TYR B 22 -6.82 -0.39 -24.80
CA TYR B 22 -7.94 -0.81 -25.63
C TYR B 22 -8.82 0.36 -26.01
N LEU B 23 -8.74 1.48 -25.28
CA LEU B 23 -9.56 2.65 -25.58
C LEU B 23 -9.10 3.40 -26.82
N GLY B 24 -7.85 3.21 -27.25
CA GLY B 24 -7.39 3.80 -28.49
C GLY B 24 -5.98 4.34 -28.38
N ALA B 25 -5.58 5.07 -29.42
CA ALA B 25 -4.21 5.52 -29.59
C ALA B 25 -4.04 7.02 -29.34
N ASP B 26 -4.76 7.86 -30.08
CA ASP B 26 -4.47 9.30 -30.11
C ASP B 26 -5.30 9.99 -29.04
N MET B 27 -4.92 9.78 -27.78
CA MET B 27 -5.66 10.29 -26.64
C MET B 27 -4.92 11.47 -26.02
N GLU B 28 -5.62 12.60 -25.87
CA GLU B 28 -5.07 13.79 -25.24
C GLU B 28 -4.88 13.52 -23.75
N GLU B 29 -3.90 14.21 -23.15
CA GLU B 29 -3.35 13.82 -21.86
C GLU B 29 -3.23 15.03 -20.92
N PHE B 30 -4.33 15.77 -20.72
CA PHE B 30 -4.35 16.92 -19.81
C PHE B 30 -3.54 16.67 -18.55
N HIS B 31 -2.59 17.57 -18.27
CA HIS B 31 -1.76 17.50 -17.07
C HIS B 31 -2.32 18.34 -15.93
N GLY B 32 -3.50 18.95 -16.14
CA GLY B 32 -4.05 19.89 -15.19
C GLY B 32 -4.56 19.21 -13.91
N ARG B 33 -4.70 20.04 -12.88
CA ARG B 33 -5.24 19.61 -11.60
C ARG B 33 -6.12 20.71 -11.05
N THR B 34 -7.03 20.32 -10.13
CA THR B 34 -7.90 21.27 -9.48
C THR B 34 -8.38 20.69 -8.17
N LEU B 35 -8.71 21.59 -7.23
CA LEU B 35 -9.20 21.19 -5.91
C LEU B 35 -10.43 22.01 -5.55
N HIS B 36 -10.89 21.89 -4.31
CA HIS B 36 -12.02 22.68 -3.83
C HIS B 36 -11.87 22.90 -2.34
N ASP B 37 -12.38 24.04 -1.87
CA ASP B 37 -12.35 24.34 -0.44
C ASP B 37 -13.26 23.39 0.32
N ASP B 38 -12.87 23.08 1.56
CA ASP B 38 -13.63 22.14 2.37
C ASP B 38 -14.95 22.77 2.81
N ASP B 39 -16.03 21.98 2.78
CA ASP B 39 -17.38 22.45 3.10
C ASP B 39 -17.77 23.65 2.25
N SER B 40 -17.45 23.58 0.96
CA SER B 40 -17.83 24.61 0.00
C SER B 40 -18.96 24.07 -0.87
N CYS B 41 -20.01 24.86 -1.03
CA CYS B 41 -21.16 24.46 -1.84
C CYS B 41 -20.85 24.68 -3.31
N GLN B 42 -20.74 23.60 -4.07
CA GLN B 42 -20.41 23.64 -5.48
C GLN B 42 -21.54 23.06 -6.31
N VAL B 43 -21.68 23.55 -7.53
CA VAL B 43 -22.65 23.03 -8.49
C VAL B 43 -21.86 22.28 -9.57
N ILE B 44 -22.14 20.99 -9.73
CA ILE B 44 -21.31 20.12 -10.56
C ILE B 44 -22.18 19.28 -11.48
N PRO B 45 -21.80 19.11 -12.74
CA PRO B 45 -22.56 18.25 -13.65
C PRO B 45 -22.49 16.78 -13.28
N VAL B 46 -23.49 16.02 -13.74
CA VAL B 46 -23.61 14.60 -13.44
C VAL B 46 -23.79 13.81 -14.72
N LEU B 47 -23.05 12.68 -14.83
CA LEU B 47 -23.27 11.65 -15.83
C LEU B 47 -24.42 10.75 -15.39
N PRO B 48 -25.45 10.57 -16.23
CA PRO B 48 -26.66 9.88 -15.76
C PRO B 48 -26.59 8.37 -15.90
N GLN B 49 -25.76 7.86 -16.79
CA GLN B 49 -25.77 6.42 -17.06
C GLN B 49 -24.76 5.64 -16.23
N VAL B 50 -23.72 6.29 -15.70
CA VAL B 50 -22.74 5.56 -14.90
C VAL B 50 -23.33 5.24 -13.54
N MET B 51 -23.35 3.96 -13.20
CA MET B 51 -23.81 3.50 -11.89
C MET B 51 -22.66 3.20 -10.94
N MET B 52 -21.43 3.48 -11.36
CA MET B 52 -20.27 3.16 -10.55
C MET B 52 -20.25 3.99 -9.26
N ILE B 53 -19.78 3.36 -8.19
CA ILE B 53 -19.50 4.07 -6.93
C ILE B 53 -18.00 4.35 -6.95
N LEU B 54 -17.63 5.56 -7.39
CA LEU B 54 -16.23 5.90 -7.58
C LEU B 54 -15.58 6.24 -6.24
N ILE B 55 -14.39 5.68 -6.02
CA ILE B 55 -13.60 5.97 -4.83
C ILE B 55 -12.48 6.90 -5.24
N PRO B 56 -12.11 7.89 -4.42
CA PRO B 56 -11.02 8.79 -4.80
C PRO B 56 -9.74 8.03 -5.13
N GLY B 57 -9.04 8.48 -6.16
CA GLY B 57 -7.85 7.81 -6.64
C GLY B 57 -8.09 6.72 -7.66
N GLN B 58 -9.34 6.43 -8.00
CA GLN B 58 -9.67 5.38 -8.94
C GLN B 58 -9.73 5.93 -10.37
N THR B 59 -9.27 5.10 -11.31
CA THR B 59 -9.35 5.44 -12.73
C THR B 59 -10.66 4.92 -13.29
N LEU B 60 -11.43 5.82 -13.90
CA LEU B 60 -12.74 5.50 -14.48
C LEU B 60 -12.68 5.78 -15.97
N PRO B 61 -12.69 4.75 -16.81
CA PRO B 61 -12.83 4.96 -18.25
C PRO B 61 -14.29 4.98 -18.66
N LEU B 62 -14.61 5.85 -19.61
CA LEU B 62 -15.98 5.99 -20.07
C LEU B 62 -15.99 6.18 -21.58
N GLN B 63 -17.06 5.68 -22.21
CA GLN B 63 -17.30 5.83 -23.64
C GLN B 63 -18.70 6.41 -23.76
N LEU B 64 -18.81 7.63 -24.28
CA LEU B 64 -20.07 8.36 -24.29
C LEU B 64 -20.61 8.45 -25.71
N PHE B 65 -21.86 8.03 -25.88
CA PHE B 65 -22.54 8.04 -27.17
C PHE B 65 -23.62 9.10 -27.29
N HIS B 66 -24.34 9.38 -26.19
CA HIS B 66 -25.56 10.18 -26.26
C HIS B 66 -25.21 11.64 -26.54
N PRO B 67 -25.94 12.30 -27.46
CA PRO B 67 -25.56 13.66 -27.89
C PRO B 67 -25.36 14.67 -26.78
N GLN B 68 -26.28 14.77 -25.81
CA GLN B 68 -26.06 15.77 -24.77
C GLN B 68 -24.83 15.42 -23.95
N GLU B 69 -24.47 14.14 -23.89
CA GLU B 69 -23.31 13.75 -23.09
C GLU B 69 -22.03 14.17 -23.79
N VAL B 70 -21.98 13.96 -25.10
CA VAL B 70 -20.89 14.49 -25.91
C VAL B 70 -20.78 15.99 -25.69
N SER B 71 -21.91 16.70 -25.78
CA SER B 71 -21.90 18.15 -25.63
C SER B 71 -21.38 18.56 -24.26
N MET B 72 -21.85 17.88 -23.20
CA MET B 72 -21.49 18.31 -21.85
C MET B 72 -20.02 18.05 -21.56
N VAL B 73 -19.50 16.91 -22.02
CA VAL B 73 -18.07 16.67 -21.85
C VAL B 73 -17.27 17.68 -22.66
N ARG B 74 -17.74 17.98 -23.88
CA ARG B 74 -17.03 18.92 -24.75
C ARG B 74 -16.97 20.31 -24.14
N ASN B 75 -18.05 20.75 -23.48
CA ASN B 75 -18.04 22.10 -22.92
C ASN B 75 -17.49 22.13 -21.49
N LEU B 76 -17.41 20.97 -20.84
CA LEU B 76 -16.81 20.88 -19.51
C LEU B 76 -15.31 20.62 -19.58
N ILE B 77 -14.77 20.33 -20.77
CA ILE B 77 -13.33 20.17 -20.89
C ILE B 77 -12.60 21.46 -20.56
N GLN B 78 -13.10 22.60 -21.05
CA GLN B 78 -12.39 23.86 -20.87
C GLN B 78 -12.60 24.43 -19.47
N LYS B 79 -13.85 24.73 -19.10
CA LYS B 79 -14.13 25.28 -17.78
C LYS B 79 -14.10 24.12 -16.80
N ASP B 80 -13.05 24.08 -15.98
CA ASP B 80 -12.76 22.98 -15.06
C ASP B 80 -12.71 21.65 -15.81
N ARG B 81 -12.60 20.54 -15.09
CA ARG B 81 -12.74 19.22 -15.71
C ARG B 81 -13.43 18.22 -14.78
N THR B 82 -14.34 18.66 -13.92
CA THR B 82 -14.92 17.81 -12.88
C THR B 82 -16.40 17.54 -13.14
N PHE B 83 -16.81 16.30 -12.90
CA PHE B 83 -18.21 15.91 -12.90
C PHE B 83 -18.50 15.05 -11.69
N ALA B 84 -19.77 14.98 -11.30
CA ALA B 84 -20.18 14.30 -10.07
C ALA B 84 -20.64 12.90 -10.39
N VAL B 85 -19.87 11.90 -9.98
CA VAL B 85 -20.31 10.51 -10.01
C VAL B 85 -21.02 10.25 -8.69
N LEU B 86 -22.35 10.22 -8.73
CA LEU B 86 -23.12 9.97 -7.52
C LEU B 86 -23.10 8.49 -7.17
N ALA B 87 -22.95 8.21 -5.88
CA ALA B 87 -22.93 6.85 -5.38
C ALA B 87 -24.37 6.47 -5.03
N TYR B 88 -25.11 6.03 -6.05
CA TYR B 88 -26.50 5.66 -5.86
C TYR B 88 -26.62 4.54 -4.84
N SER B 89 -27.61 4.66 -3.96
CA SER B 89 -27.86 3.65 -2.94
C SER B 89 -28.55 2.44 -3.55
N ASN B 90 -29.03 1.55 -2.69
CA ASN B 90 -29.73 0.36 -3.15
C ASN B 90 -30.93 0.73 -4.01
N VAL B 91 -31.57 1.87 -3.73
CA VAL B 91 -32.61 2.41 -4.60
C VAL B 91 -31.90 3.10 -5.76
N GLN B 92 -31.87 2.43 -6.92
CA GLN B 92 -30.96 2.85 -7.99
C GLN B 92 -31.42 4.14 -8.67
N GLU B 93 -32.73 4.34 -8.80
CA GLU B 93 -33.21 5.52 -9.50
C GLU B 93 -33.20 6.71 -8.55
N ARG B 94 -32.54 7.80 -8.98
CA ARG B 94 -32.28 8.96 -8.14
C ARG B 94 -31.82 8.53 -6.75
N GLU B 95 -32.34 9.18 -5.71
CA GLU B 95 -32.10 8.81 -4.32
C GLU B 95 -30.62 8.63 -4.04
N ALA B 96 -29.82 9.56 -4.58
CA ALA B 96 -28.40 9.61 -4.32
C ALA B 96 -28.14 10.62 -3.22
N GLN B 97 -27.52 10.18 -2.14
CA GLN B 97 -27.23 11.05 -1.01
C GLN B 97 -25.79 11.50 -0.93
N PHE B 98 -24.85 10.73 -1.47
CA PHE B 98 -23.43 11.05 -1.43
C PHE B 98 -22.79 10.60 -2.73
N GLY B 99 -21.56 11.06 -2.97
CA GLY B 99 -20.90 10.75 -4.22
C GLY B 99 -19.46 11.22 -4.21
N THR B 100 -18.87 11.22 -5.41
CA THR B 100 -17.47 11.55 -5.60
C THR B 100 -17.34 12.48 -6.80
N THR B 101 -16.34 13.35 -6.76
CA THR B 101 -16.00 14.19 -7.90
C THR B 101 -14.91 13.53 -8.72
N ALA B 102 -15.08 13.51 -10.03
CA ALA B 102 -14.12 12.93 -10.95
C ALA B 102 -13.63 13.98 -11.93
N GLU B 103 -12.32 14.05 -12.09
CA GLU B 103 -11.70 15.02 -12.99
C GLU B 103 -11.11 14.28 -14.18
N ILE B 104 -11.37 14.79 -15.38
CA ILE B 104 -10.88 14.17 -16.60
C ILE B 104 -9.38 14.38 -16.71
N TYR B 105 -8.64 13.30 -16.94
CA TYR B 105 -7.22 13.39 -17.23
C TYR B 105 -6.87 12.88 -18.62
N ALA B 106 -7.85 12.35 -19.37
CA ALA B 106 -7.62 11.99 -20.77
C ALA B 106 -8.94 12.14 -21.49
N TYR B 107 -8.93 12.78 -22.67
CA TYR B 107 -10.13 13.01 -23.44
C TYR B 107 -9.82 12.82 -24.92
N ARG B 108 -10.78 12.27 -25.66
CA ARG B 108 -10.57 12.04 -27.09
C ARG B 108 -11.90 12.02 -27.81
N GLU B 109 -11.92 12.66 -28.99
CA GLU B 109 -13.09 12.78 -29.86
C GLU B 109 -12.78 12.30 -31.27
N GLU B 110 -13.60 11.37 -31.76
CA GLU B 110 -13.49 10.82 -33.12
C GLU B 110 -14.86 10.87 -33.80
N GLN B 111 -15.00 11.82 -34.73
CA GLN B 111 -16.15 11.83 -35.64
C GLN B 111 -16.13 10.67 -36.62
N ASP B 112 -15.03 9.92 -36.68
CA ASP B 112 -14.88 8.84 -37.65
C ASP B 112 -15.97 7.80 -37.46
N PHE B 113 -16.37 7.16 -38.56
CA PHE B 113 -17.50 6.24 -38.69
C PHE B 113 -18.84 6.96 -38.64
N GLY B 114 -18.85 8.29 -38.57
CA GLY B 114 -20.09 9.03 -38.57
C GLY B 114 -20.84 9.02 -37.25
N ILE B 115 -20.15 8.74 -36.15
CA ILE B 115 -20.75 8.79 -34.82
C ILE B 115 -19.79 9.55 -33.91
N GLU B 116 -20.37 10.34 -33.00
CA GLU B 116 -19.58 11.23 -32.16
C GLU B 116 -18.57 10.45 -31.32
N ILE B 117 -19.05 9.61 -30.41
CA ILE B 117 -18.33 8.86 -29.38
C ILE B 117 -17.18 9.64 -28.73
N VAL B 118 -17.28 9.87 -27.43
CA VAL B 118 -16.24 10.54 -26.66
C VAL B 118 -15.61 9.52 -25.73
N LYS B 119 -14.30 9.34 -25.85
CA LYS B 119 -13.58 8.38 -25.03
C LYS B 119 -12.79 9.15 -23.98
N VAL B 120 -13.08 8.88 -22.70
CA VAL B 120 -12.53 9.69 -21.63
C VAL B 120 -12.01 8.79 -20.52
N LYS B 121 -10.94 9.24 -19.87
CA LYS B 121 -10.44 8.60 -18.66
C LYS B 121 -10.34 9.67 -17.58
N ALA B 122 -11.03 9.44 -16.46
CA ALA B 122 -11.06 10.37 -15.35
C ALA B 122 -10.54 9.69 -14.10
N ILE B 123 -10.32 10.47 -13.05
CA ILE B 123 -9.88 9.97 -11.76
C ILE B 123 -10.59 10.76 -10.66
N GLY B 124 -10.96 10.08 -9.59
CA GLY B 124 -11.69 10.75 -8.52
C GLY B 124 -10.77 11.54 -7.61
N ARG B 125 -11.26 12.69 -7.14
CA ARG B 125 -10.49 13.56 -6.28
C ARG B 125 -11.12 13.75 -4.90
N GLN B 126 -12.38 14.15 -4.82
CA GLN B 126 -13.00 14.49 -3.55
C GLN B 126 -14.23 13.64 -3.31
N ARG B 127 -14.79 13.78 -2.12
CA ARG B 127 -16.08 13.21 -1.77
C ARG B 127 -16.99 14.34 -1.32
N PHE B 128 -18.29 14.18 -1.58
CA PHE B 128 -19.24 15.24 -1.25
C PHE B 128 -20.52 14.63 -0.70
N LYS B 129 -21.33 15.48 -0.06
CA LYS B 129 -22.73 15.20 0.19
C LYS B 129 -23.55 16.07 -0.74
N VAL B 130 -24.63 15.51 -1.28
CA VAL B 130 -25.46 16.25 -2.23
C VAL B 130 -26.64 16.82 -1.45
N LEU B 131 -26.74 18.15 -1.42
CA LEU B 131 -27.86 18.77 -0.72
C LEU B 131 -29.02 19.06 -1.67
N GLU B 132 -28.74 19.27 -2.95
CA GLU B 132 -29.84 19.44 -3.90
C GLU B 132 -29.44 18.86 -5.25
N LEU B 133 -30.46 18.53 -6.05
CA LEU B 133 -30.23 17.93 -7.36
C LEU B 133 -31.21 18.57 -8.34
N ARG B 134 -30.72 19.55 -9.10
CA ARG B 134 -31.51 20.23 -10.11
C ARG B 134 -31.30 19.56 -11.47
N THR B 135 -32.15 19.91 -12.42
CA THR B 135 -32.08 19.36 -13.77
C THR B 135 -31.83 20.48 -14.77
N GLN B 136 -30.84 20.28 -15.64
CA GLN B 136 -30.53 21.26 -16.68
C GLN B 136 -31.59 21.22 -17.77
N SER B 137 -31.42 22.08 -18.78
CA SER B 137 -32.39 22.23 -19.85
C SER B 137 -32.46 21.01 -20.77
N ASP B 138 -31.39 20.23 -20.90
CA ASP B 138 -31.34 19.10 -21.82
C ASP B 138 -30.88 17.85 -21.07
N GLY B 139 -31.81 17.23 -20.34
CA GLY B 139 -31.60 15.98 -19.63
C GLY B 139 -30.26 15.83 -18.92
N ILE B 140 -29.82 16.88 -18.24
CA ILE B 140 -28.54 16.89 -17.54
C ILE B 140 -28.80 17.21 -16.07
N GLN B 141 -28.24 16.40 -15.18
CA GLN B 141 -28.44 16.56 -13.75
C GLN B 141 -27.31 17.40 -13.17
N GLN B 142 -27.65 18.49 -12.50
CA GLN B 142 -26.68 19.34 -11.81
C GLN B 142 -26.85 19.12 -10.31
N ALA B 143 -25.80 18.62 -9.66
CA ALA B 143 -25.82 18.38 -8.23
C ALA B 143 -25.21 19.57 -7.51
N LYS B 144 -25.97 20.16 -6.60
CA LYS B 144 -25.46 21.18 -5.69
C LYS B 144 -25.06 20.47 -4.41
N VAL B 145 -23.76 20.47 -4.12
CA VAL B 145 -23.14 19.52 -3.23
C VAL B 145 -22.26 20.27 -2.24
N GLN B 146 -21.95 19.64 -1.11
CA GLN B 146 -21.00 20.17 -0.15
C GLN B 146 -19.86 19.18 0.02
N ILE B 147 -18.62 19.68 -0.06
CA ILE B 147 -17.46 18.80 -0.02
C ILE B 147 -17.26 18.30 1.41
N LEU B 148 -17.18 16.98 1.56
CA LEU B 148 -16.90 16.37 2.84
C LEU B 148 -15.44 16.60 3.22
N PRO B 149 -15.12 16.60 4.51
CA PRO B 149 -13.75 16.90 4.93
C PRO B 149 -12.88 15.65 5.12
N GLU B 150 -11.61 15.80 4.79
CA GLU B 150 -10.60 14.77 5.05
C GLU B 150 -10.00 15.07 6.42
N CYS B 151 -10.54 14.42 7.45
CA CYS B 151 -10.17 14.71 8.84
C CYS B 151 -8.93 13.89 9.23
N VAL B 152 -7.78 14.54 9.17
CA VAL B 152 -6.54 13.90 9.59
C VAL B 152 -6.45 13.95 11.11
N LEU B 153 -6.18 12.81 11.71
CA LEU B 153 -6.17 12.67 13.17
C LEU B 153 -4.75 12.59 13.68
N PRO B 154 -4.44 13.32 14.74
CA PRO B 154 -3.09 13.29 15.31
C PRO B 154 -2.80 11.96 16.00
N SER B 155 -1.53 11.76 16.33
CA SER B 155 -1.11 10.53 16.98
C SER B 155 -1.76 10.41 18.36
N THR B 156 -2.01 9.16 18.77
CA THR B 156 -2.74 8.90 20.00
C THR B 156 -1.94 9.21 21.26
N MET B 157 -0.64 9.50 21.14
CA MET B 157 0.19 9.94 22.26
C MET B 157 0.55 11.40 22.18
N SER B 158 -0.07 12.16 21.27
CA SER B 158 0.24 13.58 21.16
C SER B 158 -0.31 14.38 22.32
N ALA B 159 -1.32 13.88 23.02
CA ALA B 159 -1.87 14.56 24.19
C ALA B 159 -1.17 14.12 25.48
N VAL B 160 -1.20 12.83 25.78
CA VAL B 160 -0.48 12.29 26.92
C VAL B 160 0.93 11.93 26.44
N GLN B 161 1.90 12.73 26.86
CA GLN B 161 3.28 12.52 26.43
C GLN B 161 4.21 13.24 27.38
N LEU B 162 5.21 12.53 27.89
CA LEU B 162 6.26 13.15 28.68
C LEU B 162 7.20 13.90 27.77
N GLU B 163 7.29 15.22 27.94
CA GLU B 163 8.13 16.03 27.07
C GLU B 163 9.62 15.68 27.20
N SER B 164 10.02 15.02 28.28
CA SER B 164 11.38 14.50 28.38
C SER B 164 11.58 13.24 27.56
N LEU B 165 10.51 12.52 27.25
CA LEU B 165 10.58 11.34 26.39
C LEU B 165 10.14 11.65 24.96
N ASN B 166 9.64 12.85 24.71
CA ASN B 166 9.22 13.28 23.38
C ASN B 166 10.40 13.57 22.46
N LYS B 167 11.62 13.36 22.94
CA LYS B 167 12.82 13.55 22.15
C LYS B 167 13.32 12.26 21.52
N CYS B 168 12.92 11.11 22.04
CA CYS B 168 13.28 9.81 21.50
C CYS B 168 12.11 9.19 20.75
N GLN B 169 11.38 10.00 20.01
CA GLN B 169 10.11 9.60 19.40
C GLN B 169 10.14 9.69 17.87
N ILE B 170 11.31 9.52 17.27
CA ILE B 170 11.47 9.64 15.83
C ILE B 170 11.79 8.30 15.18
N PHE B 171 12.57 7.45 15.87
CA PHE B 171 12.97 6.11 15.45
C PHE B 171 14.01 6.20 14.33
N PRO B 172 15.02 5.31 14.32
CA PRO B 172 16.11 5.45 13.35
C PRO B 172 15.69 5.39 11.90
N SER B 173 15.12 4.27 11.46
CA SER B 173 14.77 4.07 10.06
C SER B 173 14.06 2.75 9.83
N LYS B 174 13.65 2.51 8.58
CA LYS B 174 13.10 1.22 8.20
C LYS B 174 14.21 0.18 8.12
N PRO B 175 13.99 -1.03 8.65
CA PRO B 175 15.04 -2.07 8.61
C PRO B 175 15.06 -2.84 7.29
N VAL B 176 15.72 -2.23 6.30
CA VAL B 176 15.81 -2.75 4.93
C VAL B 176 14.43 -3.16 4.44
N SER B 177 14.25 -4.44 4.09
CA SER B 177 12.96 -4.89 3.56
C SER B 177 12.83 -6.39 3.80
N ARG B 178 12.05 -6.76 4.82
CA ARG B 178 11.59 -8.13 5.03
C ARG B 178 12.76 -9.11 5.20
N GLU B 179 13.52 -8.91 6.28
CA GLU B 179 14.62 -9.79 6.64
C GLU B 179 14.36 -10.44 8.00
N ASP B 180 15.22 -11.38 8.35
CA ASP B 180 15.14 -12.00 9.67
C ASP B 180 15.49 -10.97 10.74
N GLN B 181 14.73 -11.02 11.85
CA GLN B 181 14.85 -10.03 12.93
C GLN B 181 14.73 -8.62 12.40
N CYS B 182 13.86 -8.44 11.40
CA CYS B 182 13.64 -7.12 10.80
C CYS B 182 12.16 -6.77 10.66
N SER B 183 11.25 -7.71 10.88
CA SER B 183 9.82 -7.43 10.88
C SER B 183 9.18 -7.70 12.23
N TYR B 184 9.47 -8.85 12.83
CA TYR B 184 8.97 -9.21 14.15
C TYR B 184 9.74 -8.55 15.27
N LYS B 185 10.92 -8.00 15.00
CA LYS B 185 11.74 -7.36 16.01
C LYS B 185 11.67 -5.83 15.95
N TRP B 186 11.75 -5.25 14.76
CA TRP B 186 11.72 -3.80 14.65
C TRP B 186 10.37 -3.24 15.09
N TRP B 187 9.29 -3.92 14.72
CA TRP B 187 7.97 -3.44 15.12
C TRP B 187 7.73 -3.65 16.61
N GLN B 188 8.33 -4.69 17.20
CA GLN B 188 8.21 -4.89 18.64
C GLN B 188 8.93 -3.79 19.42
N LYS B 189 10.02 -3.24 18.90
CA LYS B 189 10.68 -2.11 19.53
C LYS B 189 10.06 -0.78 19.15
N TYR B 190 9.37 -0.72 18.01
CA TYR B 190 8.64 0.47 17.61
C TYR B 190 7.40 0.66 18.48
N GLN B 191 6.70 -0.43 18.78
CA GLN B 191 5.54 -0.38 19.66
C GLN B 191 5.94 -0.07 21.10
N LYS B 192 7.14 -0.42 21.52
CA LYS B 192 7.55 -0.20 22.91
C LYS B 192 8.17 1.13 23.15
N ARG B 193 8.29 1.92 22.13
CA ARG B 193 8.92 3.19 22.31
C ARG B 193 8.01 4.29 21.90
N LYS B 194 7.02 3.99 21.09
CA LYS B 194 6.08 4.99 20.65
C LYS B 194 4.94 5.06 21.59
N PHE B 195 4.69 4.00 22.30
CA PHE B 195 3.57 3.97 23.23
C PHE B 195 4.06 3.77 24.65
N HIS B 196 5.18 4.39 25.00
CA HIS B 196 5.66 4.31 26.38
C HIS B 196 4.78 5.11 27.33
N CYS B 197 4.12 6.15 26.86
CA CYS B 197 3.22 6.93 27.68
C CYS B 197 1.86 6.27 27.84
N ALA B 198 1.63 5.13 27.18
CA ALA B 198 0.42 4.37 27.40
C ALA B 198 0.31 3.86 28.84
N ASN B 199 1.42 3.80 29.57
CA ASN B 199 1.38 3.46 30.99
C ASN B 199 0.77 4.57 31.83
N LEU B 200 0.70 5.79 31.31
CA LEU B 200 0.01 6.88 31.98
C LEU B 200 -1.50 6.78 31.83
N THR B 201 -1.98 6.19 30.74
CA THR B 201 -3.41 6.08 30.49
C THR B 201 -3.94 4.78 31.10
N SER B 202 -5.18 4.43 30.75
CA SER B 202 -5.85 3.25 31.29
C SER B 202 -5.86 2.10 30.29
N TRP B 203 -5.08 2.19 29.23
CA TRP B 203 -5.09 1.16 28.19
C TRP B 203 -3.67 0.72 27.88
N PRO B 204 -3.49 -0.53 27.46
CA PRO B 204 -2.15 -1.03 27.16
C PRO B 204 -1.65 -0.56 25.80
N ARG B 205 -0.39 -0.90 25.52
CA ARG B 205 0.24 -0.50 24.25
C ARG B 205 -0.43 -1.18 23.07
N TRP B 206 -0.78 -2.46 23.20
CA TRP B 206 -1.35 -3.19 22.07
C TRP B 206 -2.73 -2.69 21.70
N LEU B 207 -3.42 -1.99 22.61
CA LEU B 207 -4.67 -1.34 22.23
C LEU B 207 -4.40 -0.13 21.35
N TYR B 208 -3.42 0.69 21.72
CA TYR B 208 -3.09 1.86 20.92
C TYR B 208 -2.46 1.47 19.59
N SER B 209 -1.85 0.28 19.49
CA SER B 209 -1.36 -0.17 18.20
C SER B 209 -2.49 -0.42 17.23
N LEU B 210 -3.67 -0.82 17.73
CA LEU B 210 -4.82 -1.06 16.86
C LEU B 210 -5.32 0.21 16.20
N TYR B 211 -4.98 1.38 16.74
CA TYR B 211 -5.38 2.66 16.18
C TYR B 211 -4.20 3.45 15.63
N ASP B 212 -3.10 2.77 15.32
CA ASP B 212 -1.91 3.43 14.81
C ASP B 212 -1.87 3.31 13.29
N ALA B 213 -1.75 4.46 12.62
CA ALA B 213 -1.80 4.49 11.16
C ALA B 213 -0.67 3.66 10.55
N GLU B 214 0.54 3.81 11.07
CA GLU B 214 1.67 3.07 10.53
C GLU B 214 1.48 1.57 10.71
N THR B 215 1.04 1.15 11.90
CA THR B 215 0.86 -0.26 12.17
C THR B 215 -0.24 -0.87 11.30
N LEU B 216 -1.37 -0.15 11.15
CA LEU B 216 -2.44 -0.67 10.31
C LEU B 216 -2.03 -0.71 8.84
N MET B 217 -1.28 0.29 8.38
CA MET B 217 -0.82 0.26 7.00
C MET B 217 0.13 -0.92 6.77
N ASP B 218 1.02 -1.19 7.71
CA ASP B 218 1.91 -2.34 7.58
C ASP B 218 1.12 -3.65 7.59
N ARG B 219 0.12 -3.74 8.47
CA ARG B 219 -0.67 -4.95 8.57
C ARG B 219 -1.48 -5.18 7.30
N ILE B 220 -1.94 -4.10 6.67
CA ILE B 220 -2.65 -4.22 5.39
C ILE B 220 -1.67 -4.63 4.30
N LYS B 221 -0.48 -4.03 4.28
CA LYS B 221 0.52 -4.38 3.28
C LYS B 221 0.94 -5.84 3.39
N LYS B 222 0.86 -6.42 4.60
CA LYS B 222 1.20 -7.82 4.77
C LYS B 222 0.28 -8.70 3.92
N GLN B 223 -1.00 -8.38 3.87
CA GLN B 223 -1.93 -9.09 2.98
C GLN B 223 -1.86 -8.62 1.54
N LEU B 224 -1.61 -7.34 1.29
CA LEU B 224 -1.48 -6.84 -0.07
C LEU B 224 -0.32 -7.49 -0.81
N ARG B 225 0.66 -8.03 -0.07
CA ARG B 225 1.77 -8.73 -0.68
C ARG B 225 1.37 -10.12 -1.18
N GLU B 226 0.42 -10.77 -0.50
CA GLU B 226 -0.03 -12.09 -0.93
C GLU B 226 -0.67 -12.01 -2.31
N TRP B 227 -1.47 -10.98 -2.56
CA TRP B 227 -1.98 -10.73 -3.90
C TRP B 227 -0.90 -10.03 -4.72
N ASP B 228 -0.26 -10.77 -5.62
CA ASP B 228 0.66 -10.18 -6.60
C ASP B 228 1.78 -9.40 -5.91
N GLU B 229 2.69 -10.18 -5.32
CA GLU B 229 3.82 -9.68 -4.54
C GLU B 229 4.35 -8.36 -5.09
N ASN B 230 4.55 -7.41 -4.18
CA ASN B 230 4.80 -6.02 -4.57
C ASN B 230 6.29 -5.78 -4.77
N LEU B 231 6.62 -4.95 -5.75
CA LEU B 231 8.02 -4.63 -6.02
C LEU B 231 8.65 -3.88 -4.85
N LYS B 232 8.02 -2.80 -4.42
CA LYS B 232 8.50 -1.94 -3.33
C LYS B 232 7.39 -0.94 -3.03
N ASP B 233 7.63 -0.05 -2.07
CA ASP B 233 6.63 0.91 -1.63
C ASP B 233 6.41 2.04 -2.64
N ASP B 234 6.84 1.90 -3.90
CA ASP B 234 6.53 2.90 -4.92
C ASP B 234 5.03 3.12 -5.02
N SER B 235 4.25 2.04 -5.07
CA SER B 235 2.81 2.13 -4.95
C SER B 235 2.43 2.25 -3.47
N LEU B 236 1.13 2.33 -3.20
CA LEU B 236 0.63 2.42 -1.83
C LEU B 236 1.25 3.63 -1.14
N PRO B 237 0.82 4.84 -1.47
CA PRO B 237 1.50 6.04 -0.95
C PRO B 237 1.54 6.07 0.57
N SER B 238 2.59 6.71 1.10
CA SER B 238 2.81 6.74 2.54
C SER B 238 1.68 7.47 3.26
N ASN B 239 1.06 8.44 2.60
CA ASN B 239 -0.01 9.19 3.23
C ASN B 239 -1.16 8.23 3.53
N PRO B 240 -1.58 8.10 4.79
CA PRO B 240 -2.64 7.13 5.11
C PRO B 240 -3.93 7.36 4.36
N ILE B 241 -4.25 8.60 4.01
CA ILE B 241 -5.47 8.88 3.27
C ILE B 241 -5.41 8.24 1.89
N ASP B 242 -4.31 8.47 1.16
CA ASP B 242 -4.15 7.90 -0.16
C ASP B 242 -4.06 6.39 -0.10
N PHE B 243 -3.35 5.86 0.90
CA PHE B 243 -3.23 4.42 1.05
C PHE B 243 -4.60 3.77 1.30
N SER B 244 -5.40 4.40 2.17
CA SER B 244 -6.73 3.87 2.45
C SER B 244 -7.62 3.91 1.22
N TYR B 245 -7.58 5.03 0.47
CA TYR B 245 -8.40 5.12 -0.72
C TYR B 245 -7.95 4.12 -1.79
N ARG B 246 -6.66 3.85 -1.88
CA ARG B 246 -6.17 2.88 -2.85
C ARG B 246 -6.57 1.47 -2.47
N VAL B 247 -6.42 1.11 -1.20
CA VAL B 247 -6.80 -0.23 -0.76
C VAL B 247 -8.31 -0.42 -0.89
N ALA B 248 -9.07 0.64 -0.64
CA ALA B 248 -10.53 0.56 -0.73
C ALA B 248 -11.00 0.15 -2.11
N ALA B 249 -10.33 0.63 -3.16
CA ALA B 249 -10.72 0.30 -4.52
C ALA B 249 -10.49 -1.16 -4.87
N CYS B 250 -9.72 -1.90 -4.07
CA CYS B 250 -9.41 -3.29 -4.36
C CYS B 250 -10.30 -4.29 -3.65
N LEU B 251 -11.01 -3.87 -2.62
CA LEU B 251 -11.85 -4.80 -1.86
C LEU B 251 -13.05 -5.21 -2.70
N PRO B 252 -13.31 -6.51 -2.87
CA PRO B 252 -14.44 -6.96 -3.68
C PRO B 252 -15.79 -6.87 -2.99
N ILE B 253 -15.90 -6.13 -1.88
CA ILE B 253 -17.18 -6.03 -1.19
C ILE B 253 -18.24 -5.35 -2.08
N ASP B 254 -19.49 -5.54 -1.70
CA ASP B 254 -20.63 -5.10 -2.49
C ASP B 254 -20.87 -3.60 -2.33
N ASP B 255 -22.02 -3.12 -2.83
CA ASP B 255 -22.24 -1.68 -2.91
C ASP B 255 -22.60 -1.06 -1.57
N VAL B 256 -23.41 -1.74 -0.76
CA VAL B 256 -23.84 -1.14 0.51
C VAL B 256 -22.66 -1.04 1.47
N LEU B 257 -21.79 -2.05 1.47
CA LEU B 257 -20.56 -1.94 2.24
C LEU B 257 -19.62 -0.87 1.70
N ARG B 258 -19.57 -0.72 0.38
CA ARG B 258 -18.72 0.33 -0.21
C ARG B 258 -19.20 1.71 0.18
N ILE B 259 -20.52 1.92 0.25
CA ILE B 259 -21.04 3.21 0.67
C ILE B 259 -20.62 3.52 2.10
N GLN B 260 -20.79 2.55 3.01
CA GLN B 260 -20.40 2.77 4.41
C GLN B 260 -18.91 3.02 4.52
N LEU B 261 -18.10 2.31 3.74
CA LEU B 261 -16.67 2.57 3.73
C LEU B 261 -16.36 3.98 3.22
N LEU B 262 -17.08 4.44 2.20
CA LEU B 262 -16.88 5.78 1.67
C LEU B 262 -17.36 6.87 2.62
N LYS B 263 -18.24 6.54 3.57
CA LYS B 263 -18.62 7.52 4.58
C LYS B 263 -17.65 7.63 5.73
N ILE B 264 -16.72 6.69 5.87
CA ILE B 264 -15.74 6.78 6.94
C ILE B 264 -14.87 8.00 6.70
N GLY B 265 -14.93 8.97 7.61
CA GLY B 265 -14.19 10.20 7.46
C GLY B 265 -12.70 10.06 7.72
N SER B 266 -12.36 9.51 8.88
CA SER B 266 -10.95 9.37 9.24
C SER B 266 -10.29 8.26 8.46
N ALA B 267 -8.99 8.43 8.20
CA ALA B 267 -8.22 7.36 7.57
C ALA B 267 -8.03 6.18 8.50
N ILE B 268 -7.96 6.43 9.81
CA ILE B 268 -7.74 5.36 10.77
C ILE B 268 -8.91 4.37 10.74
N GLN B 269 -10.13 4.90 10.81
CA GLN B 269 -11.30 4.03 10.77
C GLN B 269 -11.43 3.33 9.42
N ARG B 270 -11.05 4.00 8.34
CA ARG B 270 -11.11 3.36 7.03
C ARG B 270 -10.14 2.19 6.95
N LEU B 271 -8.93 2.36 7.46
CA LEU B 271 -7.98 1.25 7.49
C LEU B 271 -8.45 0.13 8.40
N ARG B 272 -9.03 0.47 9.55
CA ARG B 272 -9.55 -0.55 10.44
C ARG B 272 -10.69 -1.34 9.80
N CYS B 273 -11.59 -0.67 9.08
CA CYS B 273 -12.67 -1.34 8.36
C CYS B 273 -12.17 -2.17 7.19
N GLU B 274 -11.20 -1.68 6.43
CA GLU B 274 -10.60 -2.48 5.36
C GLU B 274 -9.90 -3.70 5.94
N LEU B 275 -9.06 -3.49 6.95
CA LEU B 275 -8.44 -4.62 7.63
C LEU B 275 -9.47 -5.52 8.30
N ASP B 276 -10.65 -4.98 8.62
CA ASP B 276 -11.71 -5.82 9.16
C ASP B 276 -12.24 -6.76 8.08
N ILE B 277 -12.70 -6.21 6.96
CA ILE B 277 -13.10 -7.05 5.81
C ILE B 277 -11.85 -7.23 4.96
N MET B 278 -10.92 -8.02 5.49
CA MET B 278 -9.85 -8.65 4.74
C MET B 278 -9.59 -10.07 5.20
N ASN B 279 -9.97 -10.43 6.43
CA ASN B 279 -9.90 -11.80 6.92
C ASN B 279 -11.26 -12.32 7.35
N LYS B 280 -12.20 -11.44 7.69
CA LYS B 280 -13.55 -11.89 7.98
C LYS B 280 -14.21 -12.49 6.74
N CYS B 281 -13.98 -11.87 5.58
CA CYS B 281 -14.50 -12.43 4.34
C CYS B 281 -13.78 -13.73 4.01
N THR B 282 -14.55 -14.71 3.53
CA THR B 282 -14.02 -16.03 3.23
C THR B 282 -14.27 -16.47 1.79
N SER B 283 -15.42 -16.13 1.23
CA SER B 283 -15.78 -16.68 -0.07
C SER B 283 -16.56 -15.65 -0.88
N LEU B 284 -16.26 -15.58 -2.17
CA LEU B 284 -17.03 -14.75 -3.10
C LEU B 284 -18.02 -15.65 -3.82
N CYS B 285 -19.31 -15.35 -3.69
CA CYS B 285 -20.37 -16.23 -4.16
C CYS B 285 -21.26 -15.50 -5.16
N CYS B 286 -22.00 -16.30 -5.92
CA CYS B 286 -22.94 -15.76 -6.89
C CYS B 286 -23.94 -14.86 -6.18
N LYS B 287 -24.25 -13.72 -6.81
CA LYS B 287 -25.07 -12.70 -6.14
C LYS B 287 -26.55 -13.01 -6.24
N GLN B 288 -27.09 -13.07 -7.46
CA GLN B 288 -28.52 -13.36 -7.61
C GLN B 288 -28.82 -14.84 -7.47
N CYS B 289 -27.81 -15.70 -7.62
CA CYS B 289 -27.97 -17.14 -7.44
C CYS B 289 -27.81 -17.58 -6.00
N GLN B 290 -26.82 -17.02 -5.29
CA GLN B 290 -26.60 -17.11 -3.84
C GLN B 290 -26.14 -18.49 -3.36
N GLU B 291 -25.97 -19.47 -4.24
CA GLU B 291 -25.59 -20.81 -3.81
C GLU B 291 -24.19 -21.21 -4.24
N THR B 292 -23.78 -20.89 -5.46
CA THR B 292 -22.49 -21.35 -5.96
C THR B 292 -21.34 -20.69 -5.20
N GLU B 293 -20.28 -21.46 -4.97
CA GLU B 293 -19.02 -20.95 -4.45
C GLU B 293 -18.12 -20.69 -5.64
N ILE B 294 -17.99 -19.42 -6.02
CA ILE B 294 -17.23 -19.08 -7.23
C ILE B 294 -15.73 -19.16 -6.95
N THR B 295 -15.24 -18.29 -6.07
CA THR B 295 -13.84 -18.34 -5.66
C THR B 295 -13.75 -17.98 -4.17
N THR B 296 -12.52 -18.02 -3.67
CA THR B 296 -12.20 -17.55 -2.33
C THR B 296 -11.13 -16.47 -2.44
N LYS B 297 -10.64 -16.05 -1.28
CA LYS B 297 -9.53 -15.08 -1.26
C LYS B 297 -8.25 -15.65 -1.84
N ASN B 298 -7.95 -16.92 -1.55
CA ASN B 298 -6.61 -17.46 -1.80
C ASN B 298 -6.22 -17.36 -3.27
N GLU B 299 -7.20 -17.38 -4.18
CA GLU B 299 -6.92 -17.29 -5.60
C GLU B 299 -6.97 -15.86 -6.13
N ILE B 300 -7.21 -14.87 -5.27
CA ILE B 300 -7.19 -13.48 -5.71
C ILE B 300 -5.75 -13.04 -5.93
N PHE B 301 -5.50 -12.43 -7.09
CA PHE B 301 -4.20 -11.86 -7.40
C PHE B 301 -4.43 -10.66 -8.30
N SER B 302 -3.50 -9.72 -8.24
CA SER B 302 -3.62 -8.46 -8.97
C SER B 302 -2.81 -8.56 -10.25
N LEU B 303 -3.41 -8.16 -11.37
CA LEU B 303 -2.69 -8.14 -12.63
C LEU B 303 -2.34 -6.73 -13.06
N SER B 304 -2.57 -5.73 -12.20
CA SER B 304 -2.27 -4.35 -12.51
C SER B 304 -1.77 -3.65 -11.24
N LEU B 305 -1.14 -2.49 -11.43
CA LEU B 305 -0.68 -1.72 -10.27
C LEU B 305 -1.83 -1.25 -9.41
N CYS B 306 -3.01 -1.06 -10.01
CA CYS B 306 -4.16 -0.60 -9.24
C CYS B 306 -4.61 -1.62 -8.20
N GLY B 307 -4.27 -2.89 -8.39
CA GLY B 307 -4.69 -3.92 -7.47
C GLY B 307 -5.52 -4.99 -8.16
N PRO B 308 -6.07 -5.91 -7.38
CA PRO B 308 -6.88 -6.99 -7.97
C PRO B 308 -8.06 -6.48 -8.78
N MET B 309 -8.68 -5.38 -8.36
CA MET B 309 -9.85 -4.85 -9.03
C MET B 309 -9.53 -3.52 -9.70
N ALA B 310 -10.11 -3.32 -10.87
CA ALA B 310 -10.00 -2.08 -11.61
C ALA B 310 -11.27 -1.91 -12.44
N ALA B 311 -11.46 -0.71 -12.97
CA ALA B 311 -12.65 -0.38 -13.75
C ALA B 311 -12.29 -0.36 -15.22
N TYR B 312 -13.04 -1.11 -16.02
CA TYR B 312 -12.85 -1.15 -17.46
C TYR B 312 -14.18 -0.91 -18.13
N VAL B 313 -14.16 -0.69 -19.44
CA VAL B 313 -15.35 -0.33 -20.20
C VAL B 313 -15.43 -1.19 -21.46
N ASN B 314 -16.59 -1.79 -21.69
CA ASN B 314 -16.88 -2.55 -22.89
C ASN B 314 -17.22 -1.60 -24.04
N PRO B 315 -17.22 -2.09 -25.29
CA PRO B 315 -17.47 -1.20 -26.44
C PRO B 315 -18.80 -0.46 -26.38
N HIS B 316 -19.73 -0.95 -25.56
CA HIS B 316 -21.04 -0.34 -25.43
C HIS B 316 -21.13 0.68 -24.29
N GLY B 317 -20.02 0.97 -23.63
CA GLY B 317 -19.96 2.02 -22.64
C GLY B 317 -20.12 1.57 -21.20
N TYR B 318 -20.65 0.37 -20.97
CA TYR B 318 -20.86 -0.10 -19.60
C TYR B 318 -19.53 -0.28 -18.89
N VAL B 319 -19.52 0.04 -17.59
CA VAL B 319 -18.31 0.00 -16.78
C VAL B 319 -18.38 -1.22 -15.87
N HIS B 320 -17.32 -2.02 -15.89
CA HIS B 320 -17.24 -3.26 -15.14
C HIS B 320 -16.06 -3.20 -14.18
N GLU B 321 -16.29 -3.58 -12.93
CA GLU B 321 -15.23 -3.75 -11.94
C GLU B 321 -14.85 -5.23 -11.95
N THR B 322 -13.72 -5.54 -12.57
CA THR B 322 -13.32 -6.92 -12.81
C THR B 322 -12.22 -7.31 -11.84
N LEU B 323 -12.53 -8.26 -10.96
CA LEU B 323 -11.56 -8.83 -10.04
C LEU B 323 -10.86 -10.00 -10.72
N THR B 324 -9.53 -10.00 -10.69
CA THR B 324 -8.74 -11.04 -11.33
C THR B 324 -8.42 -12.14 -10.33
N VAL B 325 -8.78 -13.38 -10.67
CA VAL B 325 -8.53 -14.53 -9.82
C VAL B 325 -7.84 -15.61 -10.64
N TYR B 326 -7.10 -16.47 -9.93
CA TYR B 326 -6.40 -17.57 -10.59
C TYR B 326 -7.36 -18.69 -10.99
N LYS B 327 -8.30 -19.04 -10.10
CA LYS B 327 -9.15 -20.20 -10.31
C LYS B 327 -10.56 -19.88 -9.87
N ALA B 328 -11.53 -20.31 -10.66
CA ALA B 328 -12.94 -20.16 -10.34
C ALA B 328 -13.68 -21.44 -10.69
N CYS B 329 -14.77 -21.69 -9.99
CA CYS B 329 -15.57 -22.89 -10.19
C CYS B 329 -17.04 -22.53 -10.33
N ASN B 330 -17.86 -23.55 -10.61
CA ASN B 330 -19.28 -23.42 -10.91
C ASN B 330 -19.56 -22.47 -12.06
N LEU B 331 -18.64 -22.33 -13.00
CA LEU B 331 -18.81 -21.44 -14.15
C LEU B 331 -18.62 -22.22 -15.44
N ASN B 332 -19.48 -21.97 -16.41
CA ASN B 332 -19.33 -22.51 -17.75
C ASN B 332 -19.10 -21.38 -18.73
N LEU B 333 -18.36 -21.70 -19.80
CA LEU B 333 -18.02 -20.76 -20.84
C LEU B 333 -19.01 -20.86 -21.99
N ILE B 334 -19.45 -19.71 -22.46
CA ILE B 334 -20.35 -19.61 -23.61
C ILE B 334 -19.58 -18.96 -24.76
N GLY B 335 -19.61 -19.61 -25.91
CA GLY B 335 -18.88 -19.11 -27.06
C GLY B 335 -17.44 -19.58 -27.06
N ARG B 336 -16.62 -18.85 -27.81
CA ARG B 336 -15.23 -19.19 -28.04
C ARG B 336 -14.35 -17.95 -27.86
N PRO B 337 -13.07 -18.14 -27.54
CA PRO B 337 -12.23 -17.00 -27.16
C PRO B 337 -12.12 -15.97 -28.27
N SER B 338 -12.17 -14.70 -27.89
CA SER B 338 -12.02 -13.60 -28.81
C SER B 338 -11.09 -12.56 -28.18
N THR B 339 -10.23 -11.97 -29.03
CA THR B 339 -9.25 -11.00 -28.59
C THR B 339 -9.68 -9.57 -28.91
N GLU B 340 -10.95 -9.38 -29.24
CA GLU B 340 -11.46 -8.07 -29.63
C GLU B 340 -11.72 -7.22 -28.39
N HIS B 341 -11.17 -6.01 -28.39
CA HIS B 341 -11.40 -5.02 -27.32
C HIS B 341 -10.99 -5.56 -25.96
N SER B 342 -9.99 -6.43 -25.93
CA SER B 342 -9.60 -7.09 -24.69
C SER B 342 -8.99 -6.09 -23.72
N TRP B 343 -9.45 -6.15 -22.46
CA TRP B 343 -8.95 -5.23 -21.44
C TRP B 343 -7.50 -5.51 -21.10
N PHE B 344 -7.11 -6.78 -21.07
CA PHE B 344 -5.72 -7.15 -20.80
C PHE B 344 -5.06 -7.53 -22.12
N PRO B 345 -4.17 -6.70 -22.66
CA PRO B 345 -3.60 -7.00 -23.97
C PRO B 345 -2.85 -8.33 -23.98
N GLY B 346 -2.99 -9.06 -25.07
CA GLY B 346 -2.39 -10.37 -25.18
C GLY B 346 -3.22 -11.50 -24.62
N TYR B 347 -4.46 -11.24 -24.22
CA TYR B 347 -5.35 -12.29 -23.71
C TYR B 347 -6.68 -12.24 -24.46
N ALA B 348 -7.32 -13.40 -24.56
CA ALA B 348 -8.63 -13.52 -25.16
C ALA B 348 -9.65 -13.92 -24.11
N TRP B 349 -10.86 -13.38 -24.23
CA TRP B 349 -11.90 -13.56 -23.23
C TRP B 349 -12.96 -14.53 -23.73
N THR B 350 -13.58 -15.24 -22.78
CA THR B 350 -14.72 -16.11 -23.05
C THR B 350 -15.75 -15.87 -21.96
N VAL B 351 -17.01 -15.63 -22.37
CA VAL B 351 -18.04 -15.24 -21.42
C VAL B 351 -18.30 -16.38 -20.44
N ALA B 352 -18.37 -16.05 -19.15
CA ALA B 352 -18.54 -17.03 -18.09
C ALA B 352 -19.87 -16.78 -17.38
N GLN B 353 -20.63 -17.85 -17.17
CA GLN B 353 -21.89 -17.78 -16.44
C GLN B 353 -21.92 -18.86 -15.37
N CYS B 354 -22.73 -18.65 -14.34
CA CYS B 354 -22.75 -19.61 -13.25
C CYS B 354 -23.59 -20.83 -13.63
N LYS B 355 -23.24 -21.97 -13.04
CA LYS B 355 -23.83 -23.26 -13.40
C LYS B 355 -25.31 -23.37 -13.08
N ILE B 356 -25.82 -22.56 -12.15
CA ILE B 356 -27.18 -22.77 -11.65
C ILE B 356 -28.16 -21.79 -12.29
N CYS B 357 -27.83 -20.50 -12.26
CA CYS B 357 -28.80 -19.50 -12.70
C CYS B 357 -28.45 -18.85 -14.03
N ALA B 358 -27.36 -19.26 -14.68
CA ALA B 358 -26.97 -18.75 -15.99
C ALA B 358 -26.89 -17.22 -16.00
N SER B 359 -26.29 -16.67 -14.95
CA SER B 359 -26.09 -15.23 -14.83
C SER B 359 -24.66 -14.92 -15.23
N HIS B 360 -24.49 -13.91 -16.08
CA HIS B 360 -23.17 -13.51 -16.55
C HIS B 360 -22.32 -13.04 -15.38
N ILE B 361 -21.31 -13.82 -15.00
CA ILE B 361 -20.50 -13.51 -13.85
C ILE B 361 -19.16 -12.88 -14.23
N GLY B 362 -18.58 -13.27 -15.36
CA GLY B 362 -17.33 -12.67 -15.78
C GLY B 362 -16.83 -13.29 -17.07
N TRP B 363 -15.51 -13.37 -17.18
CA TRP B 363 -14.86 -13.90 -18.37
C TRP B 363 -13.66 -14.74 -17.96
N LYS B 364 -13.24 -15.64 -18.85
CA LYS B 364 -12.05 -16.45 -18.65
C LYS B 364 -11.02 -16.03 -19.67
N PHE B 365 -9.94 -15.41 -19.20
CA PHE B 365 -8.89 -14.92 -20.08
C PHE B 365 -7.80 -15.98 -20.26
N THR B 366 -7.40 -16.18 -21.51
CA THR B 366 -6.41 -17.17 -21.88
C THR B 366 -5.31 -16.50 -22.70
N ALA B 367 -4.11 -17.06 -22.60
CA ALA B 367 -2.96 -16.51 -23.32
C ALA B 367 -3.09 -16.74 -24.81
N THR B 368 -2.69 -15.74 -25.59
CA THR B 368 -2.73 -15.82 -27.04
C THR B 368 -1.40 -15.58 -27.74
N LYS B 369 -0.45 -14.91 -27.10
CA LYS B 369 0.86 -14.63 -27.67
C LYS B 369 1.88 -15.63 -27.15
N LYS B 370 3.15 -15.39 -27.48
CA LYS B 370 4.22 -16.31 -27.14
C LYS B 370 4.90 -15.91 -25.83
N ASP B 371 5.20 -16.91 -25.00
CA ASP B 371 5.94 -16.74 -23.76
C ASP B 371 5.25 -15.75 -22.82
N MET B 372 4.05 -16.15 -22.39
CA MET B 372 3.26 -15.37 -21.45
C MET B 372 2.98 -16.22 -20.21
N SER B 373 3.31 -15.68 -19.04
CA SER B 373 3.41 -16.52 -17.84
C SER B 373 2.05 -17.03 -17.34
N PRO B 374 1.06 -16.17 -17.00
CA PRO B 374 -0.22 -16.72 -16.56
C PRO B 374 -1.03 -17.19 -17.77
N GLN B 375 -1.07 -18.50 -17.97
CA GLN B 375 -1.74 -19.06 -19.14
C GLN B 375 -3.25 -18.89 -19.09
N LYS B 376 -3.83 -18.69 -17.91
CA LYS B 376 -5.27 -18.56 -17.80
C LYS B 376 -5.59 -17.90 -16.47
N PHE B 377 -6.61 -17.04 -16.48
CA PHE B 377 -7.16 -16.50 -15.24
C PHE B 377 -8.61 -16.11 -15.49
N TRP B 378 -9.27 -15.60 -14.47
CA TRP B 378 -10.68 -15.24 -14.57
C TRP B 378 -10.87 -13.81 -14.13
N GLY B 379 -11.66 -13.06 -14.89
CA GLY B 379 -12.05 -11.73 -14.48
C GLY B 379 -13.52 -11.70 -14.15
N LEU B 380 -13.84 -11.59 -12.87
CA LEU B 380 -15.21 -11.66 -12.40
C LEU B 380 -15.73 -10.25 -12.11
N THR B 381 -16.86 -9.89 -12.70
CA THR B 381 -17.41 -8.57 -12.47
C THR B 381 -17.92 -8.47 -11.03
N ARG B 382 -17.76 -7.30 -10.44
CA ARG B 382 -18.13 -7.12 -9.03
C ARG B 382 -19.64 -7.05 -8.84
N SER B 383 -20.37 -6.62 -9.86
CA SER B 383 -21.82 -6.49 -9.75
C SER B 383 -22.53 -7.82 -9.56
N ALA B 384 -21.85 -8.95 -9.80
CA ALA B 384 -22.46 -10.27 -9.63
C ALA B 384 -21.77 -11.09 -8.55
N LEU B 385 -21.10 -10.44 -7.59
CA LEU B 385 -20.39 -11.12 -6.52
C LEU B 385 -20.89 -10.62 -5.18
N LEU B 386 -21.09 -11.54 -4.24
CA LEU B 386 -21.55 -11.20 -2.89
C LEU B 386 -20.60 -11.84 -1.89
N PRO B 387 -19.75 -11.00 -1.25
CA PRO B 387 -18.77 -11.58 -0.36
C PRO B 387 -19.46 -12.21 0.79
N THR B 388 -18.80 -13.12 1.48
CA THR B 388 -19.50 -13.82 2.55
C THR B 388 -18.67 -14.16 3.79
N ILE B 389 -19.34 -14.57 4.86
CA ILE B 389 -18.68 -14.94 6.11
C ILE B 389 -17.17 -14.96 6.00
N MET C 1 -2.98 7.32 -47.36
CA MET C 1 -3.83 7.16 -46.18
C MET C 1 -4.84 8.30 -46.10
N GLU C 2 -4.61 9.37 -46.86
CA GLU C 2 -5.62 10.40 -47.02
C GLU C 2 -6.62 10.05 -48.12
N ASN C 3 -6.42 8.94 -48.81
CA ASN C 3 -7.32 8.54 -49.88
C ASN C 3 -8.40 7.60 -49.37
N PHE C 4 -8.10 6.80 -48.34
CA PHE C 4 -9.06 5.87 -47.76
C PHE C 4 -9.92 6.57 -46.71
N GLN C 5 -11.19 6.18 -46.65
CA GLN C 5 -12.14 6.72 -45.70
C GLN C 5 -12.81 5.57 -44.97
N LYS C 6 -12.60 5.50 -43.66
CA LYS C 6 -13.13 4.40 -42.86
C LYS C 6 -14.65 4.47 -42.80
N VAL C 7 -15.28 3.29 -42.76
CA VAL C 7 -16.73 3.21 -42.81
C VAL C 7 -17.28 2.43 -41.61
N GLU C 8 -16.51 1.47 -41.10
CA GLU C 8 -17.00 0.60 -40.04
C GLU C 8 -15.85 -0.26 -39.54
N LYS C 9 -15.92 -0.63 -38.27
CA LYS C 9 -14.99 -1.58 -37.68
C LYS C 9 -15.43 -3.01 -38.00
N ILE C 10 -14.49 -3.82 -38.46
CA ILE C 10 -14.77 -5.21 -38.80
C ILE C 10 -14.42 -6.14 -37.63
N GLY C 11 -13.21 -6.05 -37.12
CA GLY C 11 -12.79 -6.90 -36.04
C GLY C 11 -11.28 -6.85 -35.86
N GLU C 12 -10.79 -7.72 -34.98
CA GLU C 12 -9.38 -7.81 -34.66
C GLU C 12 -8.89 -9.23 -34.94
N GLY C 13 -7.81 -9.33 -35.71
CA GLY C 13 -7.20 -10.61 -36.01
C GLY C 13 -6.22 -11.03 -34.93
N THR C 14 -5.14 -11.70 -35.35
CA THR C 14 -4.09 -12.05 -34.41
C THR C 14 -3.37 -10.80 -33.92
N TYR C 15 -3.44 -9.71 -34.66
CA TYR C 15 -2.83 -8.45 -34.27
C TYR C 15 -3.46 -7.33 -35.09
N GLY C 16 -3.40 -6.12 -34.54
CA GLY C 16 -3.93 -4.97 -35.24
C GLY C 16 -5.46 -4.94 -35.22
N VAL C 17 -6.00 -3.93 -35.89
CA VAL C 17 -7.44 -3.74 -35.98
C VAL C 17 -7.83 -3.56 -37.44
N VAL C 18 -8.88 -4.25 -37.87
CA VAL C 18 -9.30 -4.25 -39.26
C VAL C 18 -10.55 -3.39 -39.42
N TYR C 19 -10.49 -2.43 -40.35
CA TYR C 19 -11.61 -1.55 -40.68
C TYR C 19 -12.01 -1.77 -42.13
N LYS C 20 -13.21 -1.30 -42.48
CA LYS C 20 -13.64 -1.24 -43.87
C LYS C 20 -13.51 0.20 -44.36
N ALA C 21 -12.88 0.38 -45.51
CA ALA C 21 -12.72 1.71 -46.09
C ALA C 21 -12.89 1.65 -47.59
N ARG C 22 -13.41 2.72 -48.17
CA ARG C 22 -13.56 2.83 -49.62
C ARG C 22 -12.50 3.78 -50.15
N ASN C 23 -11.79 3.33 -51.18
CA ASN C 23 -10.79 4.17 -51.84
C ASN C 23 -11.50 5.29 -52.59
N LYS C 24 -11.10 6.53 -52.32
CA LYS C 24 -11.75 7.67 -52.97
C LYS C 24 -11.36 7.80 -54.44
N LEU C 25 -10.31 7.11 -54.88
CA LEU C 25 -9.85 7.23 -56.26
C LEU C 25 -10.69 6.37 -57.20
N THR C 26 -10.65 5.05 -57.01
CA THR C 26 -11.37 4.13 -57.89
C THR C 26 -12.72 3.71 -57.34
N GLY C 27 -13.07 4.11 -56.12
CA GLY C 27 -14.38 3.79 -55.58
C GLY C 27 -14.61 2.31 -55.34
N GLU C 28 -13.63 1.61 -54.79
CA GLU C 28 -13.76 0.20 -54.46
C GLU C 28 -13.64 0.01 -52.95
N VAL C 29 -14.34 -0.99 -52.42
CA VAL C 29 -14.29 -1.27 -50.99
C VAL C 29 -13.10 -2.17 -50.69
N VAL C 30 -12.36 -1.84 -49.64
CA VAL C 30 -11.22 -2.63 -49.20
C VAL C 30 -11.24 -2.68 -47.68
N ALA C 31 -10.40 -3.53 -47.11
CA ALA C 31 -10.18 -3.57 -45.68
C ALA C 31 -8.80 -3.05 -45.35
N LEU C 32 -8.68 -2.45 -44.17
CA LEU C 32 -7.42 -1.85 -43.72
C LEU C 32 -7.08 -2.41 -42.36
N LYS C 33 -5.94 -3.08 -42.27
CA LYS C 33 -5.42 -3.56 -41.00
C LYS C 33 -4.42 -2.53 -40.46
N LYS C 34 -4.61 -2.12 -39.22
CA LYS C 34 -3.83 -1.06 -38.59
C LYS C 34 -3.03 -1.64 -37.44
N ILE C 35 -1.75 -1.26 -37.38
CA ILE C 35 -0.83 -1.66 -36.32
C ILE C 35 -0.24 -0.39 -35.71
N ARG C 36 -0.20 -0.34 -34.39
CA ARG C 36 0.38 0.79 -33.66
C ARG C 36 1.77 0.40 -33.20
N LEU C 37 2.80 0.80 -33.96
CA LEU C 37 4.16 0.40 -33.64
C LEU C 37 4.67 1.09 -32.38
N ASP C 38 4.10 2.24 -32.03
CA ASP C 38 4.59 2.97 -30.87
C ASP C 38 4.38 2.19 -29.58
N THR C 39 3.29 1.43 -29.49
CA THR C 39 3.08 0.56 -28.34
C THR C 39 3.94 -0.69 -28.39
N GLU C 40 4.29 -1.16 -29.59
CA GLU C 40 5.03 -2.41 -29.75
C GLU C 40 6.50 -2.14 -29.44
N THR C 41 6.97 -2.69 -28.33
CA THR C 41 8.36 -2.49 -27.93
C THR C 41 9.32 -3.09 -28.94
N GLU C 42 8.98 -4.26 -29.48
CA GLU C 42 9.81 -4.94 -30.47
C GLU C 42 9.43 -4.53 -31.89
N GLY C 43 9.41 -3.21 -32.10
CA GLY C 43 9.13 -2.64 -33.42
C GLY C 43 7.95 -3.25 -34.13
N VAL C 44 8.09 -3.50 -35.42
CA VAL C 44 7.07 -4.23 -36.16
C VAL C 44 6.99 -5.66 -35.62
N PRO C 45 5.82 -6.13 -35.20
CA PRO C 45 5.74 -7.46 -34.57
C PRO C 45 6.14 -8.56 -35.54
N SER C 46 6.62 -9.68 -34.98
CA SER C 46 7.06 -10.80 -35.80
C SER C 46 5.93 -11.31 -36.69
N THR C 47 4.72 -11.37 -36.17
CA THR C 47 3.59 -11.82 -36.97
C THR C 47 3.36 -10.91 -38.17
N ALA C 48 3.51 -9.60 -37.98
CA ALA C 48 3.32 -8.67 -39.08
C ALA C 48 4.33 -8.93 -40.20
N ILE C 49 5.61 -9.03 -39.83
CA ILE C 49 6.64 -9.25 -40.84
C ILE C 49 6.41 -10.57 -41.56
N ARG C 50 6.09 -11.61 -40.80
CA ARG C 50 5.85 -12.92 -41.41
C ARG C 50 4.69 -12.86 -42.40
N GLU C 51 3.55 -12.32 -41.98
CA GLU C 51 2.38 -12.35 -42.84
C GLU C 51 2.58 -11.48 -44.08
N ILE C 52 3.19 -10.30 -43.92
CA ILE C 52 3.44 -9.45 -45.07
C ILE C 52 4.39 -10.13 -46.04
N SER C 53 5.45 -10.75 -45.52
CA SER C 53 6.43 -11.39 -46.39
C SER C 53 5.81 -12.57 -47.15
N LEU C 54 4.99 -13.38 -46.48
CA LEU C 54 4.42 -14.54 -47.16
C LEU C 54 3.29 -14.14 -48.11
N LEU C 55 2.55 -13.09 -47.78
CA LEU C 55 1.35 -12.75 -48.53
C LEU C 55 1.65 -12.14 -49.90
N LYS C 56 2.83 -11.58 -50.10
CA LYS C 56 3.22 -11.08 -51.41
C LYS C 56 3.75 -12.16 -52.33
N GLU C 57 3.95 -13.38 -51.83
CA GLU C 57 4.38 -14.50 -52.64
C GLU C 57 3.25 -15.47 -52.97
N LEU C 58 2.12 -15.38 -52.27
CA LEU C 58 0.98 -16.27 -52.50
C LEU C 58 -0.11 -15.47 -53.22
N ASN C 59 -0.35 -15.82 -54.48
CA ASN C 59 -1.39 -15.18 -55.29
C ASN C 59 -2.27 -16.28 -55.84
N HIS C 60 -3.41 -16.51 -55.20
CA HIS C 60 -4.35 -17.56 -55.55
C HIS C 60 -5.75 -17.00 -55.52
N PRO C 61 -6.68 -17.58 -56.29
CA PRO C 61 -8.09 -17.16 -56.20
C PRO C 61 -8.71 -17.37 -54.83
N ASN C 62 -8.11 -18.19 -53.97
CA ASN C 62 -8.71 -18.54 -52.69
C ASN C 62 -7.84 -18.12 -51.51
N ILE C 63 -6.97 -17.13 -51.68
CA ILE C 63 -6.20 -16.54 -50.59
C ILE C 63 -6.41 -15.03 -50.64
N VAL C 64 -6.66 -14.42 -49.49
CA VAL C 64 -7.00 -13.00 -49.45
C VAL C 64 -5.82 -12.19 -49.96
N LYS C 65 -6.09 -11.31 -50.91
CA LYS C 65 -5.04 -10.59 -51.61
C LYS C 65 -4.57 -9.38 -50.80
N LEU C 66 -3.26 -9.21 -50.73
CA LEU C 66 -2.63 -8.07 -50.07
C LEU C 66 -2.37 -7.03 -51.15
N LEU C 67 -3.20 -5.99 -51.19
CA LEU C 67 -3.15 -5.03 -52.28
C LEU C 67 -1.95 -4.09 -52.15
N ASP C 68 -1.69 -3.57 -50.95
CA ASP C 68 -0.71 -2.51 -50.79
C ASP C 68 -0.41 -2.38 -49.31
N VAL C 69 0.84 -1.99 -49.01
CA VAL C 69 1.29 -1.70 -47.65
C VAL C 69 1.85 -0.29 -47.61
N ILE C 70 1.57 0.43 -46.53
CA ILE C 70 2.04 1.80 -46.33
C ILE C 70 2.52 1.96 -44.89
N HIS C 71 3.23 3.05 -44.64
CA HIS C 71 3.63 3.43 -43.29
C HIS C 71 3.39 4.93 -43.13
N THR C 72 2.45 5.28 -42.26
CA THR C 72 2.24 6.66 -41.82
C THR C 72 2.63 6.72 -40.35
N GLU C 73 3.39 7.76 -39.98
CA GLU C 73 4.17 7.78 -38.75
C GLU C 73 3.44 7.13 -37.58
N ASN C 74 4.13 6.18 -36.93
CA ASN C 74 3.63 5.41 -35.79
C ASN C 74 2.40 4.58 -36.13
N LYS C 75 2.15 4.29 -37.41
CA LYS C 75 1.03 3.43 -37.80
C LYS C 75 1.41 2.67 -39.05
N LEU C 76 1.09 1.38 -39.08
CA LEU C 76 1.31 0.52 -40.23
C LEU C 76 -0.04 0.07 -40.77
N TYR C 77 -0.29 0.31 -42.05
CA TYR C 77 -1.54 -0.05 -42.69
C TYR C 77 -1.30 -1.10 -43.77
N LEU C 78 -2.08 -2.18 -43.72
CA LEU C 78 -2.12 -3.16 -44.79
C LEU C 78 -3.48 -3.09 -45.45
N VAL C 79 -3.50 -2.94 -46.76
CA VAL C 79 -4.73 -2.90 -47.53
C VAL C 79 -4.99 -4.32 -48.03
N PHE C 80 -6.17 -4.85 -47.72
CA PHE C 80 -6.58 -6.15 -48.22
C PHE C 80 -7.75 -5.97 -49.18
N GLU C 81 -8.22 -7.06 -49.76
CA GLU C 81 -9.43 -7.06 -50.57
C GLU C 81 -10.62 -7.39 -49.68
N PHE C 82 -11.78 -6.81 -50.02
CA PHE C 82 -12.94 -6.87 -49.16
C PHE C 82 -13.74 -8.14 -49.40
N LEU C 83 -13.99 -8.89 -48.33
CA LEU C 83 -14.86 -10.05 -48.35
C LEU C 83 -16.05 -9.76 -47.45
N HIS C 84 -17.23 -10.19 -47.87
CA HIS C 84 -18.47 -9.75 -47.25
C HIS C 84 -18.77 -10.42 -45.92
N GLN C 85 -18.16 -11.55 -45.62
CA GLN C 85 -18.49 -12.29 -44.40
C GLN C 85 -17.35 -13.24 -44.07
N ASP C 86 -17.57 -14.04 -43.04
CA ASP C 86 -16.74 -15.17 -42.69
C ASP C 86 -17.59 -16.44 -42.65
N LEU C 87 -16.92 -17.59 -42.58
CA LEU C 87 -17.65 -18.85 -42.55
C LEU C 87 -18.50 -18.99 -41.29
N LYS C 88 -18.00 -18.48 -40.17
CA LYS C 88 -18.66 -18.69 -38.88
C LYS C 88 -20.04 -18.03 -38.85
N LYS C 89 -20.11 -16.76 -39.26
CA LYS C 89 -21.38 -16.05 -39.21
C LYS C 89 -22.38 -16.64 -40.20
N PHE C 90 -21.89 -17.11 -41.34
CA PHE C 90 -22.74 -17.80 -42.30
C PHE C 90 -23.30 -19.09 -41.72
N MET C 91 -22.46 -19.86 -41.03
CA MET C 91 -22.94 -21.09 -40.39
C MET C 91 -23.96 -20.79 -39.30
N ASP C 92 -23.70 -19.76 -38.49
CA ASP C 92 -24.64 -19.40 -37.44
C ASP C 92 -25.96 -18.93 -38.00
N ALA C 93 -25.93 -18.13 -39.08
CA ALA C 93 -27.16 -17.67 -39.72
C ALA C 93 -27.92 -18.81 -40.37
N SER C 94 -27.29 -19.95 -40.60
CA SER C 94 -27.93 -21.12 -41.20
C SER C 94 -27.87 -22.30 -40.23
N ALA C 95 -28.22 -22.07 -38.97
CA ALA C 95 -28.21 -23.12 -37.96
C ALA C 95 -29.54 -23.86 -37.89
N LEU C 96 -30.56 -23.42 -38.63
CA LEU C 96 -31.87 -24.08 -38.61
C LEU C 96 -32.09 -24.98 -39.81
N THR C 97 -32.02 -24.44 -41.02
CA THR C 97 -32.11 -25.28 -42.22
C THR C 97 -30.74 -25.71 -42.73
N GLY C 98 -29.82 -24.79 -42.87
CA GLY C 98 -28.43 -25.20 -42.99
C GLY C 98 -27.85 -25.02 -44.38
N ILE C 99 -26.53 -25.19 -44.45
CA ILE C 99 -25.80 -25.08 -45.71
C ILE C 99 -26.08 -26.30 -46.56
N PRO C 100 -26.43 -26.15 -47.84
CA PRO C 100 -26.64 -27.32 -48.70
C PRO C 100 -25.36 -28.13 -48.83
N LEU C 101 -25.53 -29.44 -49.01
CA LEU C 101 -24.39 -30.31 -49.27
C LEU C 101 -23.57 -29.87 -50.47
N PRO C 102 -24.14 -29.45 -51.60
CA PRO C 102 -23.31 -28.90 -52.68
C PRO C 102 -22.51 -27.68 -52.25
N LEU C 103 -23.08 -26.82 -51.39
CA LEU C 103 -22.34 -25.65 -50.93
C LEU C 103 -21.17 -26.05 -50.04
N ILE C 104 -21.37 -27.04 -49.16
CA ILE C 104 -20.27 -27.54 -48.34
C ILE C 104 -19.20 -28.17 -49.23
N LYS C 105 -19.63 -28.90 -50.26
CA LYS C 105 -18.69 -29.46 -51.23
C LYS C 105 -17.84 -28.36 -51.85
N SER C 106 -18.48 -27.29 -52.32
CA SER C 106 -17.75 -26.22 -52.99
C SER C 106 -16.82 -25.50 -52.03
N TYR C 107 -17.28 -25.24 -50.80
CA TYR C 107 -16.44 -24.57 -49.82
C TYR C 107 -15.20 -25.39 -49.50
N LEU C 108 -15.38 -26.70 -49.26
CA LEU C 108 -14.22 -27.52 -48.90
C LEU C 108 -13.29 -27.70 -50.09
N PHE C 109 -13.84 -27.83 -51.29
CA PHE C 109 -13.05 -27.93 -52.50
C PHE C 109 -12.23 -26.67 -52.74
N GLN C 110 -12.81 -25.50 -52.50
CA GLN C 110 -12.07 -24.25 -52.66
C GLN C 110 -11.05 -24.01 -51.56
N LEU C 111 -11.31 -24.41 -50.31
CA LEU C 111 -10.30 -24.33 -49.28
C LEU C 111 -9.12 -25.25 -49.56
N LEU C 112 -9.38 -26.45 -50.09
CA LEU C 112 -8.29 -27.38 -50.36
C LEU C 112 -7.34 -26.85 -51.42
N GLN C 113 -7.86 -26.13 -52.42
CA GLN C 113 -6.97 -25.58 -53.45
C GLN C 113 -6.04 -24.52 -52.85
N GLY C 114 -6.58 -23.62 -52.02
CA GLY C 114 -5.73 -22.65 -51.36
C GLY C 114 -4.72 -23.28 -50.43
N LEU C 115 -5.14 -24.32 -49.70
CA LEU C 115 -4.21 -24.99 -48.80
C LEU C 115 -3.12 -25.72 -49.56
N ALA C 116 -3.46 -26.34 -50.70
CA ALA C 116 -2.45 -26.99 -51.52
C ALA C 116 -1.51 -25.97 -52.13
N PHE C 117 -2.02 -24.79 -52.48
CA PHE C 117 -1.16 -23.72 -52.98
C PHE C 117 -0.18 -23.26 -51.90
N CYS C 118 -0.65 -23.11 -50.66
CA CYS C 118 0.25 -22.73 -49.57
C CYS C 118 1.28 -23.82 -49.30
N HIS C 119 0.85 -25.08 -49.30
CA HIS C 119 1.76 -26.19 -48.98
C HIS C 119 2.78 -26.40 -50.10
N SER C 120 2.40 -26.13 -51.34
CA SER C 120 3.37 -26.15 -52.43
C SER C 120 4.42 -25.07 -52.27
N HIS C 121 4.05 -23.96 -51.65
CA HIS C 121 4.98 -22.87 -51.37
C HIS C 121 5.65 -23.02 -50.02
N ARG C 122 5.56 -24.19 -49.38
CA ARG C 122 6.17 -24.45 -48.08
C ARG C 122 5.70 -23.43 -47.04
N VAL C 123 4.39 -23.22 -46.97
CA VAL C 123 3.80 -22.28 -46.03
C VAL C 123 2.78 -23.02 -45.17
N LEU C 124 2.91 -22.88 -43.85
CA LEU C 124 2.00 -23.49 -42.88
C LEU C 124 1.08 -22.40 -42.38
N HIS C 125 -0.22 -22.51 -42.67
CA HIS C 125 -1.16 -21.51 -42.20
C HIS C 125 -1.30 -21.54 -40.69
N ARG C 126 -1.55 -22.73 -40.13
CA ARG C 126 -1.62 -22.98 -38.70
C ARG C 126 -2.65 -22.14 -37.98
N ASP C 127 -3.58 -21.51 -38.69
CA ASP C 127 -4.66 -20.76 -38.05
C ASP C 127 -5.96 -20.96 -38.80
N LEU C 128 -6.26 -22.20 -39.21
CA LEU C 128 -7.46 -22.50 -39.97
C LEU C 128 -8.64 -22.63 -39.02
N LYS C 129 -9.36 -21.54 -38.81
CA LYS C 129 -10.57 -21.52 -38.00
C LYS C 129 -11.65 -20.78 -38.76
N PRO C 130 -12.92 -21.00 -38.42
CA PRO C 130 -14.01 -20.41 -39.22
C PRO C 130 -13.98 -18.88 -39.26
N GLN C 131 -13.36 -18.23 -38.27
CA GLN C 131 -13.22 -16.78 -38.33
C GLN C 131 -12.30 -16.34 -39.47
N ASN C 132 -11.34 -17.16 -39.88
CA ASN C 132 -10.34 -16.78 -40.86
C ASN C 132 -10.68 -17.23 -42.27
N LEU C 133 -11.77 -17.96 -42.46
CA LEU C 133 -12.24 -18.33 -43.79
C LEU C 133 -13.35 -17.36 -44.18
N LEU C 134 -13.05 -16.47 -45.12
CA LEU C 134 -13.96 -15.41 -45.50
C LEU C 134 -14.68 -15.75 -46.79
N ILE C 135 -16.00 -15.57 -46.80
CA ILE C 135 -16.84 -15.85 -47.96
C ILE C 135 -17.45 -14.56 -48.46
N ASN C 136 -17.84 -14.55 -49.73
CA ASN C 136 -18.54 -13.42 -50.33
C ASN C 136 -19.84 -13.89 -50.98
N THR C 137 -20.54 -12.93 -51.60
CA THR C 137 -21.81 -13.23 -52.26
C THR C 137 -21.64 -13.97 -53.58
N GLU C 138 -20.44 -13.99 -54.15
CA GLU C 138 -20.19 -14.69 -55.40
C GLU C 138 -19.91 -16.18 -55.19
N GLY C 139 -19.88 -16.64 -53.96
CA GLY C 139 -19.68 -18.04 -53.67
C GLY C 139 -18.24 -18.50 -53.54
N ALA C 140 -17.32 -17.60 -53.21
CA ALA C 140 -15.91 -17.94 -53.06
C ALA C 140 -15.50 -17.83 -51.60
N ILE C 141 -14.75 -18.82 -51.13
CA ILE C 141 -14.21 -18.84 -49.77
C ILE C 141 -12.70 -18.72 -49.87
N LYS C 142 -12.12 -17.91 -48.99
CA LYS C 142 -10.71 -17.56 -49.07
C LYS C 142 -10.07 -17.64 -47.69
N LEU C 143 -8.77 -17.88 -47.68
CA LEU C 143 -7.99 -17.95 -46.45
C LEU C 143 -7.48 -16.56 -46.08
N ALA C 144 -7.49 -16.27 -44.79
CA ALA C 144 -7.08 -14.96 -44.30
C ALA C 144 -6.32 -15.10 -43.00
N ASP C 145 -5.79 -13.98 -42.52
CA ASP C 145 -5.10 -13.88 -41.24
C ASP C 145 -3.90 -14.83 -41.18
N PHE C 146 -2.90 -14.53 -42.02
CA PHE C 146 -1.65 -15.28 -42.06
C PHE C 146 -0.68 -14.87 -40.96
N GLY C 147 -1.16 -14.20 -39.91
CA GLY C 147 -0.26 -13.75 -38.86
C GLY C 147 0.44 -14.88 -38.14
N LEU C 148 -0.23 -16.02 -37.97
CA LEU C 148 0.35 -17.17 -37.32
C LEU C 148 1.02 -18.12 -38.30
N ALA C 149 1.11 -17.76 -39.57
CA ALA C 149 1.74 -18.62 -40.54
C ALA C 149 3.25 -18.66 -40.35
N ARG C 150 3.86 -19.70 -40.92
CA ARG C 150 5.31 -19.86 -40.94
C ARG C 150 5.68 -20.68 -42.15
N ALA C 151 6.77 -20.29 -42.81
CA ALA C 151 7.31 -21.06 -43.92
C ALA C 151 8.20 -22.16 -43.38
N PHE C 152 7.71 -23.40 -43.43
CA PHE C 152 8.45 -24.53 -42.89
C PHE C 152 9.59 -24.88 -43.83
N GLY C 153 10.72 -25.28 -43.25
CA GLY C 153 11.88 -25.62 -44.04
C GLY C 153 11.85 -27.04 -44.55
N VAL C 154 12.82 -27.35 -45.40
CA VAL C 154 13.01 -28.71 -45.90
C VAL C 154 14.45 -29.10 -45.61
N PRO C 155 14.71 -30.02 -44.66
CA PRO C 155 13.82 -30.63 -43.67
C PRO C 155 13.14 -29.63 -42.75
N VAL C 156 12.10 -30.04 -42.03
CA VAL C 156 11.50 -29.19 -41.02
C VAL C 156 12.34 -29.29 -39.75
N ARG C 157 12.24 -28.28 -38.88
CA ARG C 157 12.83 -28.35 -37.55
C ARG C 157 11.73 -28.02 -36.55
N THR C 158 12.07 -28.03 -35.28
CA THR C 158 11.07 -27.72 -34.26
C THR C 158 10.66 -26.25 -34.37
N TYR C 159 9.36 -26.01 -34.32
CA TYR C 159 8.83 -24.65 -34.38
C TYR C 159 8.12 -24.34 -33.08
N TPO C 160 7.15 -23.44 -33.14
CA TPO C 160 6.39 -23.07 -31.96
CB TPO C 160 5.60 -21.79 -32.21
CG2 TPO C 160 4.70 -21.48 -31.01
OG1 TPO C 160 6.55 -20.73 -32.36
P TPO C 160 6.51 -20.27 -33.90
O1P TPO C 160 5.32 -19.44 -34.15
O2P TPO C 160 7.84 -19.44 -34.26
O3P TPO C 160 6.45 -21.59 -34.84
C TPO C 160 5.46 -24.21 -31.56
O TPO C 160 4.74 -24.75 -32.40
N HIS C 161 5.50 -24.58 -30.29
CA HIS C 161 4.74 -25.72 -29.78
C HIS C 161 3.24 -25.52 -29.87
N GLU C 162 2.67 -24.85 -28.86
CA GLU C 162 1.22 -24.65 -28.81
C GLU C 162 0.77 -23.65 -29.87
N VAL C 163 0.28 -24.17 -31.00
CA VAL C 163 -0.22 -23.36 -32.10
C VAL C 163 -1.61 -23.85 -32.47
N VAL C 164 -2.31 -23.05 -33.28
CA VAL C 164 -3.69 -23.28 -33.70
C VAL C 164 -4.62 -23.16 -32.51
N THR C 165 -5.87 -22.79 -32.76
CA THR C 165 -6.85 -22.67 -31.68
C THR C 165 -7.11 -24.06 -31.08
N LEU C 166 -7.54 -24.06 -29.82
CA LEU C 166 -7.70 -25.31 -29.08
C LEU C 166 -8.70 -26.24 -29.75
N TRP C 167 -9.80 -25.71 -30.25
CA TRP C 167 -10.82 -26.55 -30.86
C TRP C 167 -10.37 -27.16 -32.18
N TYR C 168 -9.29 -26.64 -32.77
CA TYR C 168 -8.82 -27.11 -34.06
C TYR C 168 -7.36 -27.56 -33.98
N ARG C 169 -6.94 -27.99 -32.80
CA ARG C 169 -5.56 -28.39 -32.56
C ARG C 169 -5.40 -29.88 -32.84
N ALA C 170 -4.38 -30.22 -33.62
CA ALA C 170 -4.17 -31.61 -34.00
C ALA C 170 -3.65 -32.43 -32.82
N PRO C 171 -3.95 -33.73 -32.78
CA PRO C 171 -3.52 -34.55 -31.63
C PRO C 171 -2.01 -34.60 -31.44
N GLU C 172 -1.22 -34.61 -32.52
CA GLU C 172 0.23 -34.65 -32.36
C GLU C 172 0.74 -33.38 -31.70
N ILE C 173 0.11 -32.24 -32.01
CA ILE C 173 0.50 -30.99 -31.37
C ILE C 173 0.14 -31.01 -29.89
N LEU C 174 -1.03 -31.56 -29.57
CA LEU C 174 -1.43 -31.70 -28.17
C LEU C 174 -0.48 -32.63 -27.41
N LEU C 175 -0.06 -33.72 -28.05
CA LEU C 175 0.85 -34.69 -27.45
C LEU C 175 2.30 -34.21 -27.41
N GLY C 176 2.56 -32.97 -27.78
CA GLY C 176 3.91 -32.45 -27.73
C GLY C 176 4.88 -33.10 -28.69
N CYS C 177 4.44 -33.33 -29.93
CA CYS C 177 5.32 -33.93 -30.93
C CYS C 177 6.50 -33.00 -31.21
N LYS C 178 7.65 -33.61 -31.50
CA LYS C 178 8.86 -32.83 -31.76
C LYS C 178 8.76 -32.07 -33.08
N TYR C 179 8.36 -32.75 -34.15
CA TYR C 179 8.27 -32.16 -35.47
C TYR C 179 6.84 -32.26 -35.97
N TYR C 180 6.28 -31.12 -36.39
CA TYR C 180 4.99 -31.09 -37.03
C TYR C 180 5.13 -30.47 -38.42
N SER C 181 4.13 -30.73 -39.27
CA SER C 181 4.24 -30.43 -40.69
C SER C 181 2.86 -30.08 -41.23
N THR C 182 2.72 -30.18 -42.55
CA THR C 182 1.52 -29.71 -43.23
C THR C 182 0.24 -30.33 -42.70
N ALA C 183 0.31 -31.57 -42.21
CA ALA C 183 -0.89 -32.33 -41.90
C ALA C 183 -1.80 -31.59 -40.95
N VAL C 184 -1.23 -30.75 -40.07
CA VAL C 184 -2.03 -30.04 -39.08
C VAL C 184 -3.14 -29.25 -39.75
N ASP C 185 -2.80 -28.52 -40.82
CA ASP C 185 -3.83 -27.74 -41.52
C ASP C 185 -4.92 -28.65 -42.04
N ILE C 186 -4.54 -29.79 -42.61
CA ILE C 186 -5.54 -30.74 -43.09
C ILE C 186 -6.48 -31.12 -41.96
N TRP C 187 -5.92 -31.42 -40.79
CA TRP C 187 -6.75 -31.75 -39.63
C TRP C 187 -7.76 -30.66 -39.39
N SER C 188 -7.31 -29.40 -39.39
CA SER C 188 -8.21 -28.29 -39.14
C SER C 188 -9.34 -28.29 -40.15
N LEU C 189 -9.01 -28.51 -41.43
CA LEU C 189 -10.03 -28.55 -42.46
C LEU C 189 -11.04 -29.66 -42.16
N GLY C 190 -10.55 -30.83 -41.75
CA GLY C 190 -11.47 -31.87 -41.32
C GLY C 190 -12.33 -31.41 -40.17
N CYS C 191 -11.70 -30.80 -39.16
CA CYS C 191 -12.45 -30.29 -38.02
C CYS C 191 -13.44 -29.22 -38.46
N ILE C 192 -13.17 -28.58 -39.60
CA ILE C 192 -14.11 -27.60 -40.14
C ILE C 192 -15.12 -28.29 -41.04
N PHE C 193 -14.69 -29.30 -41.80
CA PHE C 193 -15.61 -30.03 -42.67
C PHE C 193 -16.73 -30.64 -41.85
N ALA C 194 -16.38 -31.42 -40.82
CA ALA C 194 -17.39 -31.94 -39.92
C ALA C 194 -18.17 -30.84 -39.22
N GLU C 195 -17.57 -29.66 -39.06
CA GLU C 195 -18.29 -28.55 -38.45
C GLU C 195 -19.32 -27.98 -39.42
N MET C 196 -19.05 -28.06 -40.73
CA MET C 196 -20.00 -27.54 -41.70
C MET C 196 -21.22 -28.44 -41.81
N VAL C 197 -21.11 -29.69 -41.36
CA VAL C 197 -22.20 -30.63 -41.55
C VAL C 197 -22.98 -30.85 -40.25
N THR C 198 -22.28 -31.10 -39.15
CA THR C 198 -22.96 -31.27 -37.87
C THR C 198 -23.34 -29.94 -37.21
N ARG C 199 -22.78 -28.84 -37.67
CA ARG C 199 -23.15 -27.45 -37.35
C ARG C 199 -22.69 -27.02 -35.96
N ARG C 200 -22.07 -27.90 -35.17
CA ARG C 200 -21.37 -27.48 -33.97
C ARG C 200 -19.94 -28.01 -34.03
N ALA C 201 -19.10 -27.46 -33.15
CA ALA C 201 -17.70 -27.84 -33.13
C ALA C 201 -17.55 -29.33 -32.85
N LEU C 202 -16.68 -29.99 -33.61
CA LEU C 202 -16.48 -31.43 -33.43
C LEU C 202 -15.85 -31.73 -32.08
N PHE C 203 -14.83 -30.96 -31.68
CA PHE C 203 -14.11 -31.17 -30.43
C PHE C 203 -14.11 -29.86 -29.63
N PRO C 204 -15.21 -29.57 -28.93
CA PRO C 204 -15.29 -28.34 -28.11
C PRO C 204 -14.75 -28.49 -26.69
N GLY C 205 -13.42 -28.44 -26.55
CA GLY C 205 -12.78 -28.55 -25.26
C GLY C 205 -12.22 -27.22 -24.78
N ASP C 206 -12.32 -26.98 -23.47
CA ASP C 206 -11.78 -25.78 -22.86
C ASP C 206 -10.43 -25.99 -22.20
N SER C 207 -9.82 -27.15 -22.39
CA SER C 207 -8.48 -27.41 -21.87
C SER C 207 -7.80 -28.46 -22.74
N GLU C 208 -6.48 -28.54 -22.61
CA GLU C 208 -5.70 -29.48 -23.41
C GLU C 208 -6.13 -30.92 -23.16
N ILE C 209 -6.19 -31.33 -21.90
CA ILE C 209 -6.54 -32.72 -21.63
C ILE C 209 -7.97 -32.98 -22.08
N ASP C 210 -8.84 -32.01 -21.89
CA ASP C 210 -10.22 -32.16 -22.32
C ASP C 210 -10.23 -32.44 -23.79
N GLN C 211 -9.72 -31.48 -24.57
CA GLN C 211 -9.66 -31.66 -26.01
C GLN C 211 -9.15 -33.04 -26.36
N LEU C 212 -8.06 -33.47 -25.73
CA LEU C 212 -7.48 -34.75 -26.10
C LEU C 212 -8.43 -35.89 -25.80
N PHE C 213 -9.09 -35.83 -24.64
CA PHE C 213 -10.04 -36.88 -24.26
C PHE C 213 -11.25 -36.89 -25.19
N ARG C 214 -11.72 -35.72 -25.62
CA ARG C 214 -12.84 -35.68 -26.56
C ARG C 214 -12.45 -36.26 -27.91
N ILE C 215 -11.24 -35.95 -28.38
CA ILE C 215 -10.75 -36.55 -29.62
C ILE C 215 -10.70 -38.06 -29.48
N PHE C 216 -10.21 -38.56 -28.35
CA PHE C 216 -10.17 -40.00 -28.14
C PHE C 216 -11.57 -40.59 -28.12
N ARG C 217 -12.50 -39.92 -27.44
CA ARG C 217 -13.86 -40.44 -27.32
C ARG C 217 -14.53 -40.54 -28.68
N THR C 218 -14.29 -39.55 -29.54
CA THR C 218 -14.89 -39.61 -30.88
C THR C 218 -14.19 -40.63 -31.77
N LEU C 219 -12.87 -40.74 -31.68
CA LEU C 219 -12.10 -41.52 -32.63
C LEU C 219 -11.38 -42.73 -32.03
N GLY C 220 -11.54 -42.99 -30.74
CA GLY C 220 -10.88 -44.12 -30.11
C GLY C 220 -9.50 -43.76 -29.58
N THR C 221 -9.03 -44.58 -28.64
CA THR C 221 -7.73 -44.38 -28.04
C THR C 221 -6.66 -44.96 -28.96
N PRO C 222 -5.68 -44.17 -29.39
CA PRO C 222 -4.69 -44.68 -30.34
C PRO C 222 -3.72 -45.66 -29.69
N ASP C 223 -3.19 -46.57 -30.49
CA ASP C 223 -2.17 -47.51 -30.06
C ASP C 223 -1.02 -47.51 -31.08
N GLU C 224 -0.03 -48.36 -30.83
CA GLU C 224 1.09 -48.49 -31.75
C GLU C 224 0.70 -49.12 -33.09
N VAL C 225 -0.46 -49.76 -33.16
CA VAL C 225 -0.90 -50.38 -34.41
C VAL C 225 -1.38 -49.35 -35.42
N VAL C 226 -2.07 -48.31 -34.97
CA VAL C 226 -2.66 -47.33 -35.89
C VAL C 226 -1.76 -46.11 -36.00
N TRP C 227 -0.98 -45.85 -34.97
CA TRP C 227 -0.12 -44.65 -34.90
C TRP C 227 1.20 -45.04 -34.24
N PRO C 228 2.18 -45.46 -35.03
CA PRO C 228 3.49 -45.81 -34.46
C PRO C 228 4.11 -44.65 -33.68
N GLY C 229 4.45 -44.90 -32.41
CA GLY C 229 5.16 -43.93 -31.60
C GLY C 229 4.32 -43.15 -30.60
N VAL C 230 3.04 -43.49 -30.40
CA VAL C 230 2.25 -42.81 -29.39
C VAL C 230 2.80 -43.10 -27.99
N THR C 231 3.17 -44.36 -27.74
CA THR C 231 3.69 -44.73 -26.43
C THR C 231 4.99 -44.01 -26.10
N SER C 232 5.68 -43.48 -27.11
CA SER C 232 6.92 -42.74 -26.91
C SER C 232 6.73 -41.24 -27.02
N MET C 233 5.50 -40.75 -27.20
CA MET C 233 5.27 -39.32 -27.28
C MET C 233 5.40 -38.69 -25.90
N PRO C 234 5.97 -37.47 -25.83
CA PRO C 234 6.30 -36.88 -24.52
C PRO C 234 5.11 -36.74 -23.58
N ASP C 235 3.92 -36.43 -24.11
CA ASP C 235 2.77 -36.14 -23.27
C ASP C 235 1.79 -37.31 -23.19
N TYR C 236 2.17 -38.49 -23.66
CA TYR C 236 1.32 -39.66 -23.57
C TYR C 236 1.58 -40.41 -22.27
N LYS C 237 0.50 -40.72 -21.55
CA LYS C 237 0.58 -41.49 -20.32
C LYS C 237 -0.18 -42.80 -20.51
N PRO C 238 0.24 -43.88 -19.84
CA PRO C 238 -0.49 -45.15 -19.98
C PRO C 238 -1.87 -45.16 -19.33
N SER C 239 -2.25 -44.10 -18.63
CA SER C 239 -3.52 -44.06 -17.91
C SER C 239 -4.69 -43.60 -18.77
N PHE C 240 -4.49 -43.40 -20.07
CA PHE C 240 -5.56 -42.88 -20.91
C PHE C 240 -6.70 -43.90 -21.01
N PRO C 241 -7.95 -43.47 -20.82
CA PRO C 241 -9.08 -44.40 -20.92
C PRO C 241 -9.21 -44.98 -22.32
N LYS C 242 -9.71 -46.20 -22.38
CA LYS C 242 -9.83 -46.96 -23.62
C LYS C 242 -11.23 -46.80 -24.19
N TRP C 243 -11.33 -46.02 -25.26
CA TRP C 243 -12.55 -45.85 -26.02
C TRP C 243 -12.36 -46.48 -27.40
N ALA C 244 -13.46 -46.83 -28.06
CA ALA C 244 -13.39 -47.67 -29.25
C ALA C 244 -14.13 -47.00 -30.42
N ARG C 245 -13.42 -46.13 -31.12
CA ARG C 245 -13.69 -45.77 -32.52
C ARG C 245 -15.18 -45.64 -32.81
N GLN C 246 -15.79 -44.64 -32.17
CA GLN C 246 -17.20 -44.35 -32.39
C GLN C 246 -17.49 -44.22 -33.88
N ASP C 247 -18.53 -44.93 -34.34
CA ASP C 247 -18.80 -45.02 -35.76
C ASP C 247 -19.13 -43.65 -36.34
N PHE C 248 -18.53 -43.35 -37.49
CA PHE C 248 -18.75 -42.06 -38.14
C PHE C 248 -20.18 -41.90 -38.63
N SER C 249 -20.93 -42.99 -38.77
CA SER C 249 -22.32 -42.90 -39.17
C SER C 249 -23.16 -42.12 -38.16
N LYS C 250 -22.75 -42.07 -36.90
CA LYS C 250 -23.43 -41.30 -35.87
C LYS C 250 -22.77 -39.95 -35.60
N VAL C 251 -21.45 -39.86 -35.70
CA VAL C 251 -20.76 -38.60 -35.49
C VAL C 251 -21.15 -37.57 -36.55
N VAL C 252 -21.18 -37.98 -37.81
CA VAL C 252 -21.46 -37.06 -38.91
C VAL C 252 -22.55 -37.65 -39.80
N PRO C 253 -23.81 -37.61 -39.37
CA PRO C 253 -24.88 -38.32 -40.10
C PRO C 253 -25.07 -37.83 -41.53
N PRO C 254 -25.39 -36.56 -41.76
CA PRO C 254 -26.06 -36.18 -43.01
C PRO C 254 -25.24 -36.38 -44.28
N LEU C 255 -24.01 -36.88 -44.19
CA LEU C 255 -23.20 -37.09 -45.39
C LEU C 255 -23.04 -38.57 -45.70
N ASP C 256 -22.76 -38.86 -46.97
CA ASP C 256 -22.79 -40.21 -47.51
C ASP C 256 -21.41 -40.88 -47.45
N GLU C 257 -21.26 -41.99 -48.17
CA GLU C 257 -20.13 -42.89 -47.97
C GLU C 257 -18.80 -42.23 -48.32
N ASP C 258 -18.69 -41.64 -49.51
CA ASP C 258 -17.41 -41.07 -49.92
C ASP C 258 -17.02 -39.91 -49.02
N GLY C 259 -18.00 -39.12 -48.58
CA GLY C 259 -17.71 -38.08 -47.60
C GLY C 259 -17.23 -38.64 -46.29
N ARG C 260 -17.83 -39.75 -45.84
CA ARG C 260 -17.36 -40.38 -44.62
C ARG C 260 -15.92 -40.86 -44.75
N SER C 261 -15.58 -41.46 -45.89
CA SER C 261 -14.20 -41.90 -46.11
C SER C 261 -13.25 -40.72 -46.12
N LEU C 262 -13.62 -39.64 -46.82
CA LEU C 262 -12.75 -38.47 -46.90
C LEU C 262 -12.55 -37.84 -45.53
N LEU C 263 -13.62 -37.73 -44.74
CA LEU C 263 -13.49 -37.16 -43.41
C LEU C 263 -12.65 -38.04 -42.50
N SER C 264 -12.81 -39.36 -42.60
CA SER C 264 -11.98 -40.25 -41.79
C SER C 264 -10.51 -40.13 -42.17
N GLN C 265 -10.23 -39.95 -43.47
CA GLN C 265 -8.85 -39.70 -43.87
C GLN C 265 -8.36 -38.35 -43.35
N MET C 266 -9.24 -37.36 -43.30
CA MET C 266 -8.85 -36.04 -42.80
C MET C 266 -8.63 -36.05 -41.30
N LEU C 267 -9.19 -37.03 -40.59
CA LEU C 267 -9.04 -37.13 -39.15
C LEU C 267 -8.25 -38.37 -38.74
N HIS C 268 -7.32 -38.81 -39.60
CA HIS C 268 -6.43 -39.91 -39.24
C HIS C 268 -5.49 -39.47 -38.13
N TYR C 269 -5.17 -40.40 -37.23
CA TYR C 269 -4.36 -40.06 -36.07
C TYR C 269 -2.91 -39.74 -36.46
N ASP C 270 -2.30 -40.60 -37.25
CA ASP C 270 -0.90 -40.41 -37.59
C ASP C 270 -0.71 -39.33 -38.66
N PRO C 271 0.21 -38.39 -38.47
CA PRO C 271 0.47 -37.39 -39.53
C PRO C 271 1.01 -38.00 -40.80
N ASN C 272 1.79 -39.08 -40.71
CA ASN C 272 2.44 -39.63 -41.89
C ASN C 272 1.42 -40.15 -42.89
N LYS C 273 0.39 -40.86 -42.43
CA LYS C 273 -0.63 -41.38 -43.33
C LYS C 273 -1.85 -40.48 -43.45
N ARG C 274 -1.84 -39.31 -42.80
CA ARG C 274 -2.95 -38.38 -42.96
C ARG C 274 -2.98 -37.83 -44.38
N ILE C 275 -4.18 -37.61 -44.89
CA ILE C 275 -4.36 -37.30 -46.31
C ILE C 275 -3.79 -35.92 -46.61
N SER C 276 -3.02 -35.84 -47.69
CA SER C 276 -2.50 -34.56 -48.15
C SER C 276 -3.56 -33.81 -48.94
N ALA C 277 -3.38 -32.48 -49.03
CA ALA C 277 -4.37 -31.64 -49.70
C ALA C 277 -4.53 -32.03 -51.17
N LYS C 278 -3.40 -32.26 -51.85
CA LYS C 278 -3.48 -32.65 -53.26
C LYS C 278 -4.16 -34.00 -53.43
N ALA C 279 -3.77 -34.99 -52.64
CA ALA C 279 -4.40 -36.30 -52.76
C ALA C 279 -5.82 -36.32 -52.21
N ALA C 280 -6.19 -35.30 -51.43
CA ALA C 280 -7.59 -35.09 -51.07
C ALA C 280 -8.38 -34.49 -52.22
N LEU C 281 -7.75 -33.61 -53.02
CA LEU C 281 -8.43 -33.05 -54.19
C LEU C 281 -8.73 -34.10 -55.25
N ALA C 282 -8.11 -35.27 -55.17
CA ALA C 282 -8.38 -36.36 -56.11
C ALA C 282 -9.48 -37.30 -55.61
N HIS C 283 -10.10 -37.01 -54.47
CA HIS C 283 -11.11 -37.88 -53.91
C HIS C 283 -12.35 -37.91 -54.79
N PRO C 284 -13.04 -39.05 -54.85
CA PRO C 284 -14.29 -39.11 -55.63
C PRO C 284 -15.36 -38.15 -55.16
N PHE C 285 -15.33 -37.74 -53.89
CA PHE C 285 -16.26 -36.72 -53.40
C PHE C 285 -16.19 -35.45 -54.25
N PHE C 286 -15.01 -35.13 -54.75
CA PHE C 286 -14.87 -34.01 -55.67
C PHE C 286 -14.95 -34.46 -57.13
N GLN C 287 -16.00 -35.22 -57.43
CA GLN C 287 -16.28 -35.66 -58.79
C GLN C 287 -17.37 -34.84 -59.46
N ASP C 288 -18.33 -34.33 -58.70
CA ASP C 288 -19.42 -33.51 -59.23
C ASP C 288 -19.44 -32.14 -58.56
N VAL C 289 -18.27 -31.52 -58.44
CA VAL C 289 -18.18 -30.24 -57.73
C VAL C 289 -18.80 -29.13 -58.57
N THR C 290 -19.42 -28.17 -57.88
CA THR C 290 -20.02 -27.01 -58.53
C THR C 290 -19.57 -25.78 -57.75
N LYS C 291 -20.10 -24.62 -58.15
CA LYS C 291 -19.87 -23.36 -57.45
C LYS C 291 -21.20 -22.67 -57.21
N PRO C 292 -21.99 -23.17 -56.26
CA PRO C 292 -23.26 -22.50 -55.94
C PRO C 292 -23.01 -21.16 -55.27
N VAL C 293 -24.03 -20.31 -55.29
CA VAL C 293 -23.96 -18.98 -54.72
C VAL C 293 -24.72 -18.99 -53.40
N PRO C 294 -24.05 -18.87 -52.26
CA PRO C 294 -24.75 -18.73 -50.98
C PRO C 294 -25.62 -17.48 -50.97
N HIS C 295 -26.72 -17.60 -50.24
CA HIS C 295 -27.55 -16.44 -50.06
C HIS C 295 -27.30 -16.20 -48.64
N LEU C 296 -26.72 -15.07 -48.32
CA LEU C 296 -26.38 -14.85 -46.95
C LEU C 296 -26.95 -13.56 -46.44
N ARG C 297 -28.20 -13.59 -46.03
CA ARG C 297 -28.76 -12.43 -45.41
C ARG C 297 -27.83 -12.13 -44.29
N LEU C 298 -27.63 -10.85 -43.99
CA LEU C 298 -26.69 -10.48 -42.95
C LEU C 298 -25.37 -11.22 -43.11
N SER D 8 20.92 -29.52 -67.07
CA SER D 8 19.82 -28.80 -66.43
C SER D 8 19.40 -29.47 -65.14
N ARG D 9 18.70 -28.72 -64.29
CA ARG D 9 18.18 -29.26 -63.03
C ARG D 9 16.97 -30.13 -63.36
N GLY D 10 17.21 -31.42 -63.52
CA GLY D 10 16.12 -32.30 -63.90
C GLY D 10 15.07 -32.47 -62.82
N SER D 11 15.41 -33.23 -61.77
CA SER D 11 14.52 -33.40 -60.63
C SER D 11 15.27 -34.01 -59.46
N PRO D 12 16.05 -33.24 -58.71
CA PRO D 12 16.80 -33.83 -57.58
C PRO D 12 15.92 -34.41 -56.49
N LEU D 13 14.77 -33.80 -56.25
CA LEU D 13 13.96 -34.18 -55.09
C LEU D 13 13.10 -35.38 -55.44
N PRO D 14 12.89 -36.32 -54.51
CA PRO D 14 12.06 -37.50 -54.83
C PRO D 14 10.58 -37.20 -54.92
N VAL D 15 9.76 -38.25 -55.04
CA VAL D 15 8.31 -38.08 -55.13
C VAL D 15 7.80 -37.67 -53.74
N LEU D 16 6.89 -36.70 -53.72
CA LEU D 16 6.43 -36.09 -52.47
C LEU D 16 4.98 -36.44 -52.20
N SER D 17 4.62 -36.46 -50.91
CA SER D 17 3.26 -36.80 -50.52
C SER D 17 2.44 -35.56 -50.18
N TRP D 18 2.96 -34.70 -49.28
CA TRP D 18 2.22 -33.51 -48.88
C TRP D 18 2.04 -32.51 -50.02
N ALA D 19 2.82 -32.63 -51.09
CA ALA D 19 2.63 -31.88 -52.31
C ALA D 19 3.20 -32.74 -53.43
N ASN D 20 3.27 -32.17 -54.63
CA ASN D 20 3.89 -32.87 -55.75
C ASN D 20 5.23 -32.20 -56.07
N ARG D 21 6.20 -33.03 -56.48
CA ARG D 21 7.59 -32.61 -56.50
C ARG D 21 7.86 -31.51 -57.53
N GLU D 22 7.21 -31.56 -58.69
CA GLU D 22 7.54 -30.60 -59.74
C GLU D 22 7.26 -29.18 -59.30
N GLU D 23 6.09 -28.96 -58.69
CA GLU D 23 5.68 -27.63 -58.28
C GLU D 23 6.60 -27.07 -57.21
N VAL D 24 6.91 -27.87 -56.18
CA VAL D 24 7.83 -27.41 -55.14
C VAL D 24 9.16 -27.03 -55.78
N TRP D 25 9.62 -27.84 -56.74
CA TRP D 25 10.92 -27.56 -57.34
C TRP D 25 10.91 -26.27 -58.17
N LYS D 26 9.92 -26.10 -59.05
CA LYS D 26 9.94 -24.88 -59.86
C LYS D 26 9.67 -23.65 -58.99
N ILE D 27 8.94 -23.80 -57.88
CA ILE D 27 8.78 -22.68 -56.96
C ILE D 27 10.12 -22.32 -56.34
N MET D 28 10.90 -23.32 -55.93
CA MET D 28 12.22 -23.03 -55.38
C MET D 28 13.11 -22.34 -56.41
N LEU D 29 13.08 -22.83 -57.65
CA LEU D 29 13.93 -22.23 -58.68
C LEU D 29 13.49 -20.81 -59.02
N ASN D 30 12.18 -20.57 -59.06
CA ASN D 30 11.69 -19.21 -59.32
C ASN D 30 12.00 -18.28 -58.17
N LYS D 31 12.02 -18.80 -56.94
CA LYS D 31 12.47 -18.00 -55.80
C LYS D 31 13.94 -17.65 -55.93
N GLU D 32 14.76 -18.62 -56.38
CA GLU D 32 16.15 -18.33 -56.68
C GLU D 32 16.30 -17.26 -57.75
N LYS D 33 15.44 -17.28 -58.77
CA LYS D 33 15.49 -16.30 -59.86
C LYS D 33 15.03 -14.92 -59.40
N THR D 34 13.98 -14.83 -58.60
CA THR D 34 13.36 -13.56 -58.24
C THR D 34 14.26 -12.66 -57.41
N TYR D 35 15.01 -13.21 -56.47
CA TYR D 35 15.85 -12.41 -55.58
C TYR D 35 17.19 -12.13 -56.27
N LEU D 36 17.31 -10.98 -56.91
CA LEU D 36 18.54 -10.61 -57.59
C LEU D 36 19.57 -10.11 -56.60
N ARG D 37 20.82 -10.50 -56.83
CA ARG D 37 21.96 -10.11 -56.02
C ARG D 37 23.12 -9.72 -56.93
N ASP D 38 23.84 -8.66 -56.56
CA ASP D 38 24.89 -8.10 -57.39
C ASP D 38 26.19 -8.09 -56.60
N GLN D 39 27.26 -8.60 -57.22
CA GLN D 39 28.57 -8.59 -56.57
C GLN D 39 29.26 -7.24 -56.67
N HIS D 40 28.75 -6.32 -57.49
CA HIS D 40 29.30 -4.98 -57.62
C HIS D 40 28.49 -3.95 -56.86
N PHE D 41 27.77 -4.38 -55.81
CA PHE D 41 26.98 -3.47 -54.99
C PHE D 41 27.84 -2.55 -54.13
N LEU D 42 29.14 -2.83 -54.01
CA LEU D 42 30.05 -1.96 -53.27
C LEU D 42 30.56 -0.80 -54.09
N GLU D 43 30.57 -0.90 -55.42
CA GLU D 43 31.04 0.19 -56.26
C GLU D 43 30.14 1.42 -56.16
N GLN D 44 28.86 1.24 -55.82
CA GLN D 44 27.99 2.38 -55.60
C GLN D 44 28.43 3.19 -54.39
N HIS D 45 29.19 2.58 -53.49
CA HIS D 45 29.69 3.26 -52.30
C HIS D 45 31.22 3.30 -52.37
N PRO D 46 31.80 4.38 -52.89
CA PRO D 46 33.27 4.42 -53.05
C PRO D 46 34.04 4.30 -51.75
N LEU D 47 33.45 4.71 -50.62
CA LEU D 47 34.16 4.67 -49.35
C LEU D 47 34.37 3.25 -48.84
N LEU D 48 33.50 2.31 -49.24
CA LEU D 48 33.53 0.97 -48.67
C LEU D 48 34.44 0.05 -49.46
N GLN D 49 34.88 -1.02 -48.80
CA GLN D 49 35.73 -2.05 -49.36
C GLN D 49 35.22 -3.41 -48.88
N PRO D 50 35.53 -4.48 -49.60
CA PRO D 50 35.05 -5.81 -49.17
C PRO D 50 35.49 -6.21 -47.78
N LYS D 51 36.64 -5.69 -47.32
CA LYS D 51 37.19 -6.14 -46.04
C LYS D 51 36.26 -5.81 -44.87
N MET D 52 35.69 -4.61 -44.82
CA MET D 52 34.81 -4.30 -43.70
C MET D 52 33.45 -4.98 -43.84
N ARG D 53 33.04 -5.32 -45.07
CA ARG D 53 31.88 -6.19 -45.22
C ARG D 53 32.14 -7.54 -44.57
N ALA D 54 33.33 -8.11 -44.82
CA ALA D 54 33.71 -9.36 -44.18
C ALA D 54 33.75 -9.21 -42.66
N ILE D 55 34.28 -8.09 -42.19
CA ILE D 55 34.38 -7.84 -40.75
C ILE D 55 32.99 -7.78 -40.12
N LEU D 56 32.07 -7.08 -40.78
CA LEU D 56 30.70 -6.98 -40.27
C LEU D 56 30.01 -8.33 -40.27
N LEU D 57 30.21 -9.12 -41.33
CA LEU D 57 29.59 -10.44 -41.38
C LEU D 57 30.15 -11.34 -40.28
N ASP D 58 31.45 -11.23 -40.02
CA ASP D 58 32.06 -12.01 -38.94
C ASP D 58 31.54 -11.57 -37.58
N TRP D 59 31.37 -10.27 -37.40
CA TRP D 59 30.80 -9.76 -36.14
C TRP D 59 29.39 -10.26 -35.95
N LEU D 60 28.60 -10.30 -37.02
CA LEU D 60 27.25 -10.86 -36.95
C LEU D 60 27.30 -12.35 -36.63
N MET D 61 28.28 -13.07 -37.19
CA MET D 61 28.48 -14.47 -36.85
C MET D 61 28.72 -14.63 -35.35
N GLU D 62 29.56 -13.77 -34.80
CA GLU D 62 29.84 -13.82 -33.36
C GLU D 62 28.58 -13.51 -32.56
N VAL D 63 27.80 -12.54 -33.01
CA VAL D 63 26.56 -12.18 -32.32
C VAL D 63 25.60 -13.37 -32.31
N CYS D 64 25.46 -14.05 -33.45
CA CYS D 64 24.63 -15.24 -33.51
C CYS D 64 25.16 -16.32 -32.57
N GLU D 65 26.47 -16.51 -32.53
CA GLU D 65 27.04 -17.54 -31.65
C GLU D 65 26.77 -17.23 -30.19
N VAL D 66 26.79 -15.94 -29.82
CA VAL D 66 26.54 -15.56 -28.42
C VAL D 66 25.13 -15.90 -28.01
N TYR D 67 24.14 -15.61 -28.87
CA TYR D 67 22.74 -15.78 -28.53
C TYR D 67 22.17 -17.09 -29.08
N LYS D 68 23.00 -17.96 -29.62
CA LYS D 68 22.59 -19.27 -30.14
C LYS D 68 21.50 -19.12 -31.20
N LEU D 69 21.65 -18.12 -32.05
CA LEU D 69 20.76 -17.93 -33.18
C LEU D 69 21.09 -18.93 -34.28
N HIS D 70 20.07 -19.32 -35.05
CA HIS D 70 20.25 -20.36 -36.04
C HIS D 70 21.04 -19.84 -37.24
N ARG D 71 21.65 -20.79 -37.97
CA ARG D 71 22.37 -20.44 -39.19
C ARG D 71 21.45 -19.76 -40.19
N GLU D 72 20.19 -20.20 -40.26
CA GLU D 72 19.22 -19.60 -41.15
C GLU D 72 19.05 -18.11 -40.84
N THR D 73 19.07 -17.75 -39.56
CA THR D 73 18.96 -16.34 -39.19
C THR D 73 20.15 -15.55 -39.74
N PHE D 74 21.36 -16.08 -39.58
CA PHE D 74 22.55 -15.38 -40.06
C PHE D 74 22.52 -15.21 -41.57
N TYR D 75 22.12 -16.25 -42.30
CA TYR D 75 22.13 -16.15 -43.76
C TYR D 75 20.97 -15.30 -44.27
N LEU D 76 19.85 -15.27 -43.54
CA LEU D 76 18.79 -14.32 -43.85
C LEU D 76 19.28 -12.89 -43.68
N ALA D 77 20.00 -12.63 -42.60
CA ALA D 77 20.59 -11.31 -42.41
C ALA D 77 21.59 -10.98 -43.51
N GLN D 78 22.38 -11.97 -43.92
CA GLN D 78 23.35 -11.74 -44.99
C GLN D 78 22.66 -11.37 -46.29
N ASP D 79 21.60 -12.09 -46.65
CA ASP D 79 20.85 -11.75 -47.86
C ASP D 79 20.22 -10.38 -47.75
N PHE D 80 19.65 -10.07 -46.58
CA PHE D 80 19.03 -8.76 -46.38
C PHE D 80 20.04 -7.64 -46.56
N PHE D 81 21.23 -7.80 -45.99
CA PHE D 81 22.28 -6.79 -46.12
C PHE D 81 22.73 -6.66 -47.58
N ASP D 82 23.04 -7.78 -48.23
CA ASP D 82 23.54 -7.74 -49.59
C ASP D 82 22.51 -7.24 -50.59
N ARG D 83 21.22 -7.31 -50.25
CA ARG D 83 20.20 -6.74 -51.12
C ARG D 83 19.82 -5.31 -50.73
N TYR D 84 20.09 -4.90 -49.49
CA TYR D 84 19.75 -3.56 -49.08
C TYR D 84 20.84 -2.57 -49.49
N MET D 85 22.11 -2.97 -49.41
CA MET D 85 23.18 -2.09 -49.92
C MET D 85 23.07 -1.86 -51.41
N ALA D 86 22.63 -2.84 -52.19
CA ALA D 86 22.55 -2.71 -53.63
C ALA D 86 21.52 -1.69 -54.09
N THR D 87 20.64 -1.25 -53.19
CA THR D 87 19.63 -0.24 -53.52
C THR D 87 19.92 1.11 -52.87
N GLN D 88 21.13 1.30 -52.33
CA GLN D 88 21.52 2.55 -51.69
C GLN D 88 22.72 3.15 -52.42
N GLU D 89 23.20 4.27 -51.92
CA GLU D 89 24.31 4.98 -52.54
C GLU D 89 25.06 5.80 -51.50
N ASN D 90 26.38 5.66 -51.50
CA ASN D 90 27.29 6.51 -50.72
C ASN D 90 26.95 6.49 -49.24
N VAL D 91 27.12 5.31 -48.63
CA VAL D 91 26.96 5.13 -47.19
C VAL D 91 28.35 5.04 -46.58
N VAL D 92 28.49 5.56 -45.37
CA VAL D 92 29.76 5.53 -44.65
C VAL D 92 29.83 4.23 -43.84
N LYS D 93 31.06 3.85 -43.48
CA LYS D 93 31.27 2.63 -42.71
C LYS D 93 30.67 2.73 -41.31
N THR D 94 30.55 3.94 -40.76
CA THR D 94 30.03 4.09 -39.41
C THR D 94 28.61 3.56 -39.28
N LEU D 95 27.77 3.80 -40.28
CA LEU D 95 26.42 3.25 -40.31
C LEU D 95 26.39 1.75 -40.50
N LEU D 96 27.43 1.18 -41.12
CA LEU D 96 27.39 -0.22 -41.54
C LEU D 96 26.98 -1.14 -40.41
N GLN D 97 27.64 -1.02 -39.25
CA GLN D 97 27.32 -1.88 -38.12
C GLN D 97 25.83 -1.87 -37.82
N LEU D 98 25.25 -0.67 -37.69
CA LEU D 98 23.82 -0.57 -37.43
C LEU D 98 23.04 -1.39 -38.44
N ILE D 99 23.29 -1.14 -39.73
CA ILE D 99 22.55 -1.86 -40.77
C ILE D 99 22.68 -3.35 -40.54
N GLY D 100 23.91 -3.80 -40.31
CA GLY D 100 24.13 -5.22 -40.07
C GLY D 100 23.24 -5.74 -38.96
N ILE D 101 23.31 -5.11 -37.78
CA ILE D 101 22.53 -5.61 -36.66
C ILE D 101 21.05 -5.58 -37.01
N SER D 102 20.61 -4.50 -37.68
CA SER D 102 19.21 -4.39 -38.05
C SER D 102 18.79 -5.58 -38.88
N SER D 103 19.59 -5.93 -39.89
CA SER D 103 19.26 -7.10 -40.69
C SER D 103 19.09 -8.32 -39.79
N LEU D 104 20.09 -8.61 -38.96
CA LEU D 104 19.99 -9.74 -38.06
C LEU D 104 18.74 -9.63 -37.21
N PHE D 105 18.48 -8.43 -36.70
CA PHE D 105 17.31 -8.23 -35.86
C PHE D 105 16.05 -8.64 -36.61
N ILE D 106 15.89 -8.14 -37.84
CA ILE D 106 14.75 -8.56 -38.66
C ILE D 106 14.77 -10.06 -38.83
N ALA D 107 15.92 -10.60 -39.23
CA ALA D 107 16.02 -12.03 -39.45
C ALA D 107 15.59 -12.79 -38.20
N ALA D 108 15.93 -12.26 -37.02
CA ALA D 108 15.55 -12.93 -35.79
C ALA D 108 14.05 -13.15 -35.75
N LYS D 109 13.28 -12.08 -35.94
CA LYS D 109 11.83 -12.19 -35.82
C LYS D 109 11.27 -13.15 -36.85
N LEU D 110 12.02 -13.41 -37.91
CA LEU D 110 11.49 -14.20 -38.99
C LEU D 110 11.71 -15.69 -38.73
N GLU D 111 12.72 -16.05 -37.94
CA GLU D 111 13.09 -17.46 -37.95
C GLU D 111 12.89 -18.17 -36.62
N GLU D 112 13.55 -17.72 -35.56
CA GLU D 112 13.59 -18.51 -34.34
C GLU D 112 12.47 -18.14 -33.36
N ILE D 113 12.16 -19.09 -32.48
CA ILE D 113 10.89 -19.08 -31.74
C ILE D 113 10.83 -17.91 -30.77
N TYR D 114 11.89 -17.70 -29.99
CA TYR D 114 11.93 -16.65 -28.97
C TYR D 114 13.03 -15.67 -29.31
N PRO D 115 12.71 -14.59 -30.01
CA PRO D 115 13.72 -13.61 -30.35
C PRO D 115 14.37 -13.06 -29.09
N PRO D 116 15.68 -12.77 -29.15
CA PRO D 116 16.26 -11.90 -28.12
C PRO D 116 15.65 -10.51 -28.21
N LYS D 117 15.52 -9.87 -27.06
CA LYS D 117 14.83 -8.58 -27.02
C LYS D 117 15.69 -7.49 -27.65
N LEU D 118 15.04 -6.35 -27.94
CA LEU D 118 15.70 -5.26 -28.62
C LEU D 118 16.84 -4.68 -27.78
N HIS D 119 16.64 -4.60 -26.47
CA HIS D 119 17.69 -4.06 -25.60
C HIS D 119 18.94 -4.92 -25.63
N GLN D 120 18.79 -6.25 -25.76
CA GLN D 120 19.94 -7.12 -25.91
C GLN D 120 20.71 -6.79 -27.18
N PHE D 121 20.00 -6.61 -28.30
CA PHE D 121 20.66 -6.27 -29.56
C PHE D 121 21.37 -4.93 -29.45
N ALA D 122 20.76 -3.96 -28.77
CA ALA D 122 21.42 -2.68 -28.56
C ALA D 122 22.67 -2.83 -27.70
N TYR D 123 22.60 -3.68 -26.67
CA TYR D 123 23.75 -3.88 -25.79
C TYR D 123 24.91 -4.55 -26.53
N VAL D 124 24.59 -5.44 -27.48
CA VAL D 124 25.65 -6.07 -28.26
C VAL D 124 26.46 -5.05 -29.05
N THR D 125 25.80 -3.99 -29.55
CA THR D 125 26.50 -2.96 -30.32
C THR D 125 27.42 -2.11 -29.46
N ASP D 126 27.41 -2.28 -28.14
CA ASP D 126 28.28 -1.55 -27.21
C ASP D 126 28.00 -0.05 -27.24
N GLY D 127 26.73 0.31 -27.33
CA GLY D 127 26.32 1.70 -27.28
C GLY D 127 26.40 2.44 -28.60
N ALA D 128 27.02 1.87 -29.63
CA ALA D 128 27.08 2.53 -30.93
C ALA D 128 25.71 2.62 -31.59
N CYS D 129 24.79 1.73 -31.25
CA CYS D 129 23.46 1.71 -31.83
C CYS D 129 22.42 1.57 -30.71
N SER D 130 21.33 2.32 -30.84
CA SER D 130 20.26 2.33 -29.86
C SER D 130 19.04 1.59 -30.40
N GLY D 131 18.11 1.29 -29.49
CA GLY D 131 16.92 0.55 -29.87
C GLY D 131 16.07 1.31 -30.88
N ASP D 132 15.91 2.61 -30.67
CA ASP D 132 15.16 3.43 -31.63
C ASP D 132 15.84 3.44 -32.99
N GLU D 133 17.18 3.54 -33.00
CA GLU D 133 17.93 3.50 -34.25
C GLU D 133 17.75 2.15 -34.93
N ILE D 134 17.76 1.06 -34.14
CA ILE D 134 17.58 -0.28 -34.71
C ILE D 134 16.20 -0.40 -35.35
N LEU D 135 15.17 0.09 -34.67
CA LEU D 135 13.82 0.03 -35.24
C LEU D 135 13.72 0.86 -36.51
N THR D 136 14.28 2.06 -36.49
CA THR D 136 14.29 2.90 -37.69
C THR D 136 14.96 2.20 -38.86
N MET D 137 16.15 1.64 -38.63
CA MET D 137 16.89 1.05 -39.72
C MET D 137 16.21 -0.22 -40.21
N GLU D 138 15.59 -0.99 -39.30
CA GLU D 138 14.83 -2.17 -39.72
C GLU D 138 13.64 -1.77 -40.58
N LEU D 139 12.98 -0.65 -40.24
CA LEU D 139 11.81 -0.23 -41.02
C LEU D 139 12.22 0.20 -42.43
N MET D 140 13.24 1.04 -42.54
CA MET D 140 13.71 1.42 -43.88
C MET D 140 14.33 0.25 -44.65
N ILE D 141 14.88 -0.74 -43.94
CA ILE D 141 15.32 -1.95 -44.63
C ILE D 141 14.11 -2.68 -45.23
N MET D 142 13.06 -2.87 -44.43
CA MET D 142 11.86 -3.53 -44.93
C MET D 142 11.21 -2.76 -46.09
N LYS D 143 11.31 -1.43 -46.10
CA LYS D 143 10.88 -0.72 -47.31
C LYS D 143 11.80 -1.01 -48.49
N ALA D 144 13.12 -0.90 -48.30
CA ALA D 144 14.04 -0.94 -49.43
C ALA D 144 14.03 -2.30 -50.13
N LEU D 145 13.69 -3.37 -49.40
CA LEU D 145 13.56 -4.69 -50.00
C LEU D 145 12.15 -4.98 -50.49
N LYS D 146 11.27 -3.97 -50.49
CA LYS D 146 9.86 -4.11 -50.89
C LYS D 146 9.18 -5.27 -50.16
N TRP D 147 9.55 -5.47 -48.89
CA TRP D 147 8.99 -6.53 -48.04
C TRP D 147 9.20 -7.91 -48.62
N ARG D 148 10.12 -8.06 -49.58
CA ARG D 148 10.46 -9.35 -50.14
C ARG D 148 11.54 -9.96 -49.24
N LEU D 149 11.09 -10.54 -48.13
CA LEU D 149 11.96 -10.99 -47.07
C LEU D 149 11.86 -12.50 -46.87
N SER D 150 11.81 -13.26 -47.96
CA SER D 150 11.80 -14.72 -47.90
C SER D 150 12.66 -15.31 -49.02
N PRO D 151 13.97 -15.18 -48.92
CA PRO D 151 14.86 -15.79 -49.91
C PRO D 151 15.32 -17.18 -49.48
N LEU D 152 15.76 -17.96 -50.47
CA LEU D 152 16.38 -19.26 -50.23
C LEU D 152 17.85 -19.00 -49.95
N THR D 153 18.24 -19.18 -48.69
CA THR D 153 19.59 -18.86 -48.28
C THR D 153 20.56 -19.95 -48.69
N ILE D 154 21.85 -19.69 -48.43
CA ILE D 154 22.89 -20.64 -48.75
C ILE D 154 22.80 -21.90 -47.89
N VAL D 155 22.31 -21.76 -46.67
CA VAL D 155 22.29 -22.87 -45.72
C VAL D 155 21.02 -23.70 -45.87
N SER D 156 19.92 -23.06 -46.27
CA SER D 156 18.71 -23.81 -46.58
C SER D 156 18.93 -24.77 -47.74
N TRP D 157 19.62 -24.30 -48.78
CA TRP D 157 20.00 -25.19 -49.86
C TRP D 157 20.86 -26.34 -49.36
N LEU D 158 21.76 -26.06 -48.41
CA LEU D 158 22.62 -27.10 -47.86
C LEU D 158 21.79 -28.14 -47.12
N ASN D 159 20.78 -27.71 -46.37
CA ASN D 159 19.87 -28.64 -45.71
C ASN D 159 19.16 -29.53 -46.73
N VAL D 160 18.65 -28.91 -47.80
CA VAL D 160 17.98 -29.67 -48.85
C VAL D 160 18.93 -30.71 -49.43
N TYR D 161 20.15 -30.28 -49.79
CA TYR D 161 21.10 -31.19 -50.41
C TYR D 161 21.46 -32.32 -49.46
N MET D 162 21.64 -32.01 -48.17
CA MET D 162 21.99 -33.04 -47.21
C MET D 162 20.87 -34.07 -47.06
N GLN D 163 19.62 -33.63 -47.05
CA GLN D 163 18.53 -34.61 -46.97
C GLN D 163 18.45 -35.46 -48.22
N VAL D 164 18.60 -34.86 -49.40
CA VAL D 164 18.58 -35.68 -50.61
C VAL D 164 19.81 -36.57 -50.68
N ALA D 165 20.84 -36.26 -49.90
CA ALA D 165 22.02 -37.12 -49.88
C ALA D 165 21.76 -38.43 -49.12
N TYR D 166 21.04 -38.37 -48.01
CA TYR D 166 20.87 -39.51 -47.13
C TYR D 166 19.37 -39.79 -47.01
N LEU D 167 18.85 -40.66 -47.88
CA LEU D 167 17.46 -41.05 -47.87
C LEU D 167 17.37 -42.58 -47.94
N ASN D 168 16.55 -43.17 -47.07
CA ASN D 168 16.47 -44.61 -46.96
C ASN D 168 15.11 -45.17 -47.38
N ASP D 169 14.04 -44.80 -46.68
CA ASP D 169 12.70 -45.30 -47.00
C ASP D 169 11.94 -44.32 -47.88
N LEU D 170 12.56 -43.99 -49.01
CA LEU D 170 12.02 -43.03 -49.98
C LEU D 170 11.64 -41.74 -49.24
N HIS D 171 10.65 -41.01 -49.78
CA HIS D 171 10.04 -39.80 -49.22
C HIS D 171 10.86 -39.14 -48.11
N GLU D 172 10.26 -39.01 -46.92
CA GLU D 172 10.93 -38.62 -45.69
C GLU D 172 11.90 -37.46 -45.89
N VAL D 173 11.45 -36.45 -46.64
CA VAL D 173 12.28 -35.28 -46.90
C VAL D 173 12.13 -34.21 -45.84
N LEU D 174 11.12 -34.31 -44.97
CA LEU D 174 10.87 -33.29 -43.97
C LEU D 174 11.48 -33.63 -42.61
N LEU D 175 11.60 -34.90 -42.26
CA LEU D 175 12.24 -35.29 -41.02
C LEU D 175 13.74 -35.31 -41.21
N PRO D 176 14.51 -34.57 -40.42
CA PRO D 176 15.97 -34.51 -40.64
C PRO D 176 16.62 -35.86 -40.42
N GLN D 177 17.43 -36.29 -41.41
CA GLN D 177 18.17 -37.55 -41.31
C GLN D 177 19.45 -37.40 -42.11
N TYR D 178 20.53 -37.01 -41.43
CA TYR D 178 21.87 -36.94 -42.02
C TYR D 178 22.91 -36.78 -40.93
N PRO D 179 24.17 -37.16 -41.18
CA PRO D 179 25.22 -36.97 -40.18
C PRO D 179 25.43 -35.51 -39.84
N GLN D 180 25.83 -35.24 -38.60
CA GLN D 180 25.93 -33.88 -38.10
C GLN D 180 27.31 -33.26 -38.27
N GLN D 181 28.31 -34.01 -38.72
CA GLN D 181 29.65 -33.44 -38.86
C GLN D 181 29.96 -32.99 -40.29
N ILE D 182 29.45 -33.70 -41.30
CA ILE D 182 29.62 -33.23 -42.66
C ILE D 182 28.89 -31.91 -42.85
N PHE D 183 27.70 -31.77 -42.26
CA PHE D 183 26.95 -30.53 -42.41
C PHE D 183 27.70 -29.33 -41.83
N ILE D 184 28.25 -29.49 -40.62
CA ILE D 184 29.01 -28.39 -40.03
C ILE D 184 30.29 -28.11 -40.81
N GLN D 185 30.95 -29.14 -41.35
CA GLN D 185 32.12 -28.86 -42.18
C GLN D 185 31.74 -28.03 -43.42
N ILE D 186 30.65 -28.41 -44.09
CA ILE D 186 30.28 -27.73 -45.33
C ILE D 186 29.84 -26.30 -45.02
N ALA D 187 29.07 -26.11 -43.94
CA ALA D 187 28.72 -24.76 -43.52
C ALA D 187 29.94 -23.94 -43.13
N GLU D 188 30.92 -24.55 -42.48
CA GLU D 188 32.13 -23.82 -42.14
C GLU D 188 32.84 -23.34 -43.40
N LEU D 189 32.92 -24.19 -44.42
CA LEU D 189 33.43 -23.72 -45.71
C LEU D 189 32.59 -22.59 -46.30
N LEU D 190 31.26 -22.70 -46.23
CA LEU D 190 30.35 -21.73 -46.82
C LEU D 190 30.44 -20.34 -46.20
N ASP D 191 30.45 -20.23 -44.87
CA ASP D 191 30.69 -18.92 -44.24
C ASP D 191 32.08 -18.37 -44.50
N LEU D 192 33.11 -19.22 -44.58
CA LEU D 192 34.41 -18.69 -45.02
C LEU D 192 34.32 -18.12 -46.42
N CYS D 193 33.53 -18.75 -47.30
CA CYS D 193 33.33 -18.22 -48.63
C CYS D 193 32.33 -17.06 -48.65
N VAL D 194 31.63 -16.83 -47.54
CA VAL D 194 30.60 -15.79 -47.53
C VAL D 194 31.18 -14.41 -47.23
N LEU D 195 32.36 -14.33 -46.62
CA LEU D 195 32.93 -13.04 -46.26
C LEU D 195 33.37 -12.22 -47.46
N ASP D 196 33.88 -12.85 -48.50
CA ASP D 196 34.34 -12.13 -49.68
C ASP D 196 33.16 -11.83 -50.60
N VAL D 197 33.23 -10.69 -51.29
CA VAL D 197 32.09 -10.18 -52.03
C VAL D 197 31.76 -11.03 -53.26
N ASP D 198 32.77 -11.47 -54.01
CA ASP D 198 32.52 -12.06 -55.32
C ASP D 198 31.77 -13.40 -55.23
N CYS D 199 31.63 -13.96 -54.02
CA CYS D 199 30.76 -15.12 -53.86
C CYS D 199 29.35 -14.83 -54.34
N LEU D 200 28.92 -13.58 -54.26
CA LEU D 200 27.60 -13.18 -54.72
C LEU D 200 27.41 -13.40 -56.21
N GLU D 201 28.49 -13.58 -56.97
CA GLU D 201 28.39 -13.81 -58.41
C GLU D 201 27.60 -15.07 -58.72
N PHE D 202 27.81 -16.14 -57.95
CA PHE D 202 27.20 -17.43 -58.21
C PHE D 202 25.92 -17.59 -57.41
N PRO D 203 24.94 -18.34 -57.95
CA PRO D 203 23.69 -18.55 -57.21
C PRO D 203 23.92 -19.28 -55.91
N TYR D 204 23.02 -19.04 -54.95
CA TYR D 204 23.16 -19.65 -53.63
C TYR D 204 23.10 -21.17 -53.70
N GLY D 205 22.18 -21.70 -54.50
CA GLY D 205 22.12 -23.15 -54.68
C GLY D 205 23.40 -23.71 -55.26
N ILE D 206 23.98 -23.02 -56.26
CA ILE D 206 25.23 -23.45 -56.84
C ILE D 206 26.36 -23.34 -55.81
N LEU D 207 26.30 -22.32 -54.95
CA LEU D 207 27.29 -22.18 -53.88
C LEU D 207 27.26 -23.37 -52.94
N ALA D 208 26.07 -23.71 -52.45
CA ALA D 208 25.95 -24.84 -51.54
C ALA D 208 26.36 -26.14 -52.22
N ALA D 209 25.99 -26.30 -53.50
CA ALA D 209 26.35 -27.52 -54.22
C ALA D 209 27.86 -27.68 -54.35
N SER D 210 28.55 -26.62 -54.75
CA SER D 210 29.99 -26.71 -54.92
C SER D 210 30.70 -26.92 -53.58
N ALA D 211 30.26 -26.21 -52.54
CA ALA D 211 30.83 -26.44 -51.21
C ALA D 211 30.57 -27.86 -50.74
N LEU D 212 29.43 -28.42 -51.10
CA LEU D 212 29.15 -29.82 -50.80
C LEU D 212 30.13 -30.72 -51.54
N TYR D 213 30.42 -30.41 -52.80
CA TYR D 213 31.33 -31.25 -53.57
C TYR D 213 32.73 -31.22 -52.99
N HIS D 214 33.17 -30.05 -52.50
CA HIS D 214 34.53 -29.94 -52.00
C HIS D 214 34.77 -30.81 -50.78
N PHE D 215 33.71 -31.34 -50.17
CA PHE D 215 33.83 -32.36 -49.14
C PHE D 215 33.10 -33.64 -49.53
N SER D 216 32.96 -33.89 -50.84
CA SER D 216 32.26 -35.07 -51.33
C SER D 216 32.80 -35.43 -52.71
N SER D 217 32.11 -36.31 -53.40
CA SER D 217 32.50 -36.80 -54.72
C SER D 217 31.73 -36.07 -55.82
N SER D 218 32.16 -36.29 -57.06
CA SER D 218 31.55 -35.65 -58.22
C SER D 218 30.21 -36.27 -58.61
N GLU D 219 29.87 -37.45 -58.09
CA GLU D 219 28.61 -38.10 -58.43
C GLU D 219 27.57 -37.83 -57.37
N LEU D 220 27.97 -37.75 -56.10
CA LEU D 220 27.04 -37.42 -55.03
C LEU D 220 26.43 -36.05 -55.28
N MET D 221 27.26 -35.08 -55.68
CA MET D 221 26.77 -33.75 -56.03
C MET D 221 25.71 -33.80 -57.12
N GLN D 222 25.96 -34.55 -58.20
CA GLN D 222 25.04 -34.54 -59.32
C GLN D 222 23.75 -35.28 -59.00
N LYS D 223 23.84 -36.37 -58.23
CA LYS D 223 22.64 -37.08 -57.82
C LYS D 223 21.80 -36.22 -56.88
N VAL D 224 22.45 -35.41 -56.05
CA VAL D 224 21.75 -34.66 -55.01
C VAL D 224 21.24 -33.30 -55.48
N SER D 225 21.98 -32.60 -56.33
CA SER D 225 21.70 -31.22 -56.67
C SER D 225 20.98 -31.03 -58.00
N GLY D 226 20.99 -32.02 -58.89
CA GLY D 226 20.42 -31.86 -60.21
C GLY D 226 21.28 -31.07 -61.17
N TYR D 227 22.47 -30.65 -60.75
CA TYR D 227 23.30 -29.81 -61.60
C TYR D 227 24.25 -30.63 -62.45
N GLN D 228 24.95 -29.95 -63.35
CA GLN D 228 25.90 -30.58 -64.24
C GLN D 228 27.26 -29.88 -64.09
N TRP D 229 28.30 -30.54 -64.61
CA TRP D 229 29.68 -30.14 -64.30
C TRP D 229 30.01 -28.73 -64.80
N CYS D 230 29.53 -28.37 -66.00
CA CYS D 230 29.91 -27.10 -66.60
C CYS D 230 29.42 -25.90 -65.80
N ASP D 231 28.19 -25.93 -65.30
CA ASP D 231 27.64 -24.76 -64.62
C ASP D 231 28.33 -24.50 -63.29
N ILE D 232 29.08 -25.47 -62.77
CA ILE D 232 29.74 -25.33 -61.48
C ILE D 232 31.25 -25.40 -61.59
N GLU D 233 31.78 -25.57 -62.80
CA GLU D 233 33.23 -25.56 -62.96
C GLU D 233 33.84 -24.26 -62.45
N ASN D 234 33.22 -23.13 -62.79
CA ASN D 234 33.72 -21.84 -62.33
C ASN D 234 33.63 -21.74 -60.81
N CYS D 235 32.51 -22.18 -60.24
CA CYS D 235 32.33 -22.11 -58.79
C CYS D 235 33.40 -22.92 -58.06
N VAL D 236 33.66 -24.14 -58.54
CA VAL D 236 34.65 -24.99 -57.90
C VAL D 236 36.04 -24.39 -58.05
N LYS D 237 36.38 -23.92 -59.27
CA LYS D 237 37.69 -23.35 -59.51
C LYS D 237 37.91 -22.12 -58.63
N TRP D 238 36.86 -21.34 -58.40
CA TRP D 238 36.98 -20.17 -57.54
C TRP D 238 37.08 -20.57 -56.06
N MET D 239 36.35 -21.60 -55.66
CA MET D 239 36.36 -22.01 -54.26
C MET D 239 37.64 -22.70 -53.84
N VAL D 240 38.42 -23.20 -54.78
CA VAL D 240 39.63 -23.95 -54.43
C VAL D 240 40.31 -23.44 -53.15
N PRO D 241 40.78 -22.18 -53.15
CA PRO D 241 41.52 -21.70 -51.98
C PRO D 241 40.77 -21.99 -50.68
N PHE D 242 39.52 -21.57 -50.60
CA PHE D 242 38.74 -21.78 -49.39
C PHE D 242 38.82 -23.23 -48.91
N ALA D 243 38.34 -24.15 -49.74
CA ALA D 243 38.38 -25.56 -49.36
C ALA D 243 39.77 -25.93 -48.88
N MET D 244 40.79 -25.49 -49.60
CA MET D 244 42.16 -25.83 -49.23
C MET D 244 42.53 -25.31 -47.84
N VAL D 245 42.56 -23.99 -47.68
CA VAL D 245 42.90 -23.42 -46.38
C VAL D 245 42.17 -24.14 -45.25
N ILE D 246 40.91 -24.53 -45.51
CA ILE D 246 40.14 -25.26 -44.50
C ILE D 246 40.71 -26.65 -44.31
N ARG D 247 41.05 -27.34 -45.41
CA ARG D 247 41.62 -28.68 -45.29
C ARG D 247 42.95 -28.65 -44.55
N GLU D 248 43.79 -27.65 -44.83
CA GLU D 248 45.06 -27.53 -44.13
C GLU D 248 44.86 -27.22 -42.66
N THR D 249 43.93 -26.31 -42.34
CA THR D 249 43.70 -25.95 -40.95
C THR D 249 43.15 -27.13 -40.15
N GLY D 250 42.22 -27.87 -40.72
CA GLY D 250 41.59 -28.97 -40.00
C GLY D 250 40.19 -28.61 -39.51
N SER D 251 39.22 -29.45 -39.85
CA SER D 251 37.83 -29.16 -39.51
C SER D 251 37.60 -29.28 -38.01
N SER D 252 36.64 -28.51 -37.51
CA SER D 252 36.30 -28.51 -36.09
C SER D 252 35.38 -29.69 -35.77
N LYS D 253 34.80 -29.69 -34.58
CA LYS D 253 33.90 -30.72 -34.13
C LYS D 253 32.55 -30.12 -33.76
N LEU D 254 31.53 -30.96 -33.73
CA LEU D 254 30.17 -30.55 -33.40
C LEU D 254 30.13 -30.19 -31.91
N LYS D 255 30.20 -28.90 -31.60
CA LYS D 255 30.16 -28.47 -30.21
C LYS D 255 28.73 -28.49 -29.69
N HIS D 256 28.61 -28.50 -28.36
CA HIS D 256 27.31 -28.55 -27.70
C HIS D 256 26.96 -27.17 -27.12
N PHE D 257 25.66 -26.90 -27.06
CA PHE D 257 25.14 -25.63 -26.58
C PHE D 257 24.14 -25.85 -25.46
N ARG D 258 24.10 -24.90 -24.54
CA ARG D 258 23.19 -24.98 -23.40
C ARG D 258 21.76 -24.70 -23.83
N GLY D 259 20.83 -25.54 -23.39
CA GLY D 259 19.43 -25.35 -23.70
C GLY D 259 19.01 -25.78 -25.08
N VAL D 260 19.90 -26.42 -25.85
CA VAL D 260 19.60 -26.87 -27.20
C VAL D 260 19.76 -28.38 -27.24
N ALA D 261 18.81 -29.06 -27.87
CA ALA D 261 18.87 -30.50 -28.00
C ALA D 261 20.08 -30.91 -28.83
N ASP D 262 20.62 -32.09 -28.51
CA ASP D 262 21.81 -32.59 -29.19
C ASP D 262 21.58 -32.86 -30.68
N GLU D 263 20.33 -32.94 -31.12
CA GLU D 263 20.00 -33.18 -32.52
C GLU D 263 19.77 -31.88 -33.28
N ASP D 264 19.99 -30.73 -32.66
CA ASP D 264 19.76 -29.44 -33.29
C ASP D 264 20.99 -28.54 -33.27
N ALA D 265 22.05 -28.93 -32.57
CA ALA D 265 23.23 -28.08 -32.43
C ALA D 265 23.88 -27.75 -33.76
N HIS D 266 23.73 -28.60 -34.77
CA HIS D 266 24.31 -28.32 -36.08
C HIS D 266 23.60 -27.22 -36.83
N ASN D 267 22.41 -26.80 -36.38
CA ASN D 267 21.64 -25.73 -37.01
C ASN D 267 21.89 -24.38 -36.36
N ILE D 268 22.95 -24.25 -35.57
CA ILE D 268 23.26 -23.01 -34.86
C ILE D 268 24.59 -22.50 -35.39
N GLN D 269 24.69 -21.18 -35.55
CA GLN D 269 25.91 -20.59 -36.09
C GLN D 269 27.06 -20.73 -35.10
N THR D 270 28.22 -21.12 -35.62
CA THR D 270 29.44 -21.32 -34.82
C THR D 270 30.56 -20.53 -35.47
N HIS D 271 30.94 -19.41 -34.87
CA HIS D 271 32.04 -18.60 -35.35
C HIS D 271 33.31 -18.91 -34.54
N ARG D 272 34.36 -19.33 -35.24
CA ARG D 272 35.64 -19.59 -34.59
C ARG D 272 36.72 -18.63 -35.07
N ASP D 273 36.99 -18.57 -36.38
CA ASP D 273 37.92 -17.62 -36.96
C ASP D 273 37.77 -17.65 -38.48
N SER D 274 37.50 -16.50 -39.09
CA SER D 274 37.41 -16.42 -40.54
C SER D 274 38.39 -15.44 -41.16
N LEU D 275 38.48 -14.21 -40.65
CA LEU D 275 39.35 -13.21 -41.24
C LEU D 275 40.80 -13.69 -41.34
N ASP D 276 41.25 -14.48 -40.37
CA ASP D 276 42.60 -15.03 -40.42
C ASP D 276 42.79 -15.94 -41.63
N LEU D 277 41.73 -16.58 -42.10
CA LEU D 277 41.85 -17.47 -43.25
C LEU D 277 41.57 -16.75 -44.57
N LEU D 278 40.77 -15.68 -44.54
CA LEU D 278 40.44 -14.98 -45.78
C LEU D 278 41.68 -14.40 -46.45
N ASP D 279 42.56 -13.77 -45.68
CA ASP D 279 43.75 -13.17 -46.27
C ASP D 279 44.65 -14.22 -46.93
N LYS D 280 44.78 -15.40 -46.33
CA LYS D 280 45.45 -16.48 -47.02
C LYS D 280 44.69 -16.89 -48.28
N ALA D 281 43.36 -16.91 -48.21
CA ALA D 281 42.57 -17.27 -49.38
C ALA D 281 42.76 -16.27 -50.51
N ARG D 282 42.76 -14.97 -50.19
CA ARG D 282 42.90 -13.94 -51.21
C ARG D 282 44.32 -13.82 -51.75
N ALA D 283 45.31 -14.39 -51.07
CA ALA D 283 46.68 -14.34 -51.53
C ALA D 283 46.88 -15.19 -52.78
ZN ZN E . -25.85 -18.37 -9.75
C1 A1A1I F . -17.04 -7.59 -43.81
C10 A1A1I F . -18.73 -7.98 -34.85
C11 A1A1I F . -17.02 -9.43 -34.00
C12 A1A1I F . -16.52 -9.26 -35.42
C13 A1A1I F . -18.90 -8.86 -32.61
C14 A1A1I F . -19.02 -7.94 -31.43
C15 A1A1I F . -19.31 -8.74 -30.18
C16 A1A1I F . -19.19 -7.86 -28.94
C17 A1A1I F . -16.99 -7.40 -30.00
C18 A1A1I F . -17.84 -7.02 -31.20
C19 A1A1I F . -17.35 -7.32 -27.48
C2 A1A1I F . -16.59 -8.72 -42.92
C20 A1A1I F . -15.99 -7.28 -27.17
C21 A1A1I F . -15.56 -7.16 -25.86
C22 A1A1I F . -16.51 -7.10 -24.85
C23 A1A1I F . -17.88 -7.16 -25.16
C24 A1A1I F . -17.69 -6.97 -22.93
C25 A1A1I F . -15.21 -6.89 -22.66
C26 A1A1I F . -14.07 -6.21 -23.40
C27 A1A1I F . -12.73 -6.33 -22.67
C28 A1A1I F . -12.44 -7.70 -22.16
C29 A1A1I F . -14.83 -8.27 -22.19
C3 A1A1I F . -17.39 -9.17 -41.89
C30 A1A1I F . -20.01 -7.10 -23.82
C31 A1A1I F . -18.29 -7.27 -26.48
C32 A1A1I F . -15.74 -10.81 -41.28
C33 A1A1I F . -14.95 -10.37 -42.31
C34 A1A1I F . -15.35 -9.33 -43.14
C35 A1A1I F . -13.22 -8.90 -44.38
C36 A1A1I F . -11.15 -9.33 -43.56
C37 A1A1I F . -10.57 -8.95 -44.79
C38 A1A1I F . -11.46 -8.54 -45.78
C39 A1A1I F . -9.16 -9.00 -44.93
C4 A1A1I F . -16.98 -10.20 -41.07
C40 A1A1I F . -8.39 -9.41 -43.91
C41 A1A1I F . -8.97 -9.80 -42.67
C42 A1A1I F . -10.99 -10.16 -41.25
C43 A1A1I F . -10.50 -9.44 -40.00
C44 A1A1I F . -10.94 -10.33 -38.86
C45 A1A1I F . -11.13 -11.70 -39.41
C46 A1A1I F . -10.79 -11.63 -40.88
C5 A1A1I F . -17.09 -10.34 -38.31
C6 A1A1I F . -17.48 -8.95 -37.80
C7 A1A1I F . -17.67 -9.55 -36.39
C8 A1A1I F . -17.62 -10.96 -37.01
C9 A1A1I F . -19.00 -9.16 -35.74
F1 A1A1I F . -19.60 -7.33 -26.80
N1 A1A1I F . -18.00 -8.40 -33.65
N2 A1A1I F . -17.80 -7.48 -28.78
N3 A1A1I F . -18.58 -7.07 -23.97
N4 A1A1I F . -16.42 -6.98 -23.47
N5 A1A1I F . -13.52 -8.52 -21.90
N6 A1A1I F . -14.55 -8.86 -44.20
N7 A1A1I F . -12.46 -9.31 -43.36
N8 A1A1I F . -12.76 -8.52 -45.58
N9 A1A1I F . -10.35 -9.75 -42.52
O1 A1A1I F . -19.22 -10.00 -39.77
O2 A1A1I F . -15.66 -9.14 -22.07
O3 A1A1I F . -11.31 -8.11 -21.98
O4 A1A1I F . -17.97 -6.88 -21.75
O5 A1A1I F . -18.10 -12.20 -39.83
O6 A1A1I F . -8.27 -10.17 -41.72
S1 A1A1I F . -18.01 -10.77 -39.76
#